data_7Z9J
# 
_entry.id   7Z9J 
# 
_audit_conform.dict_name       mmcif_pdbx.dic 
_audit_conform.dict_version    5.406 
_audit_conform.dict_location   http://mmcif.pdb.org/dictionaries/ascii/mmcif_pdbx.dic 
# 
loop_
_database_2.database_id 
_database_2.database_code 
_database_2.pdbx_database_accession 
_database_2.pdbx_DOI 
PDB   7Z9J         pdb_00007z9j 10.2210/pdb7z9j/pdb 
WWPDB D_1292121839 ?            ?                   
# 
loop_
_pdbx_audit_revision_history.ordinal 
_pdbx_audit_revision_history.data_content_type 
_pdbx_audit_revision_history.major_revision 
_pdbx_audit_revision_history.minor_revision 
_pdbx_audit_revision_history.revision_date 
_pdbx_audit_revision_history.part_number 
1 'Structure model' 1 0 2022-11-23 ? 
2 'Structure model' 1 1 2022-12-07 ? 
3 'Structure model' 1 2 2024-01-31 ? 
4 'Structure model' 1 3 2025-10-01 ? 
# 
_pdbx_audit_revision_details.ordinal             1 
_pdbx_audit_revision_details.revision_ordinal    1 
_pdbx_audit_revision_details.data_content_type   'Structure model' 
_pdbx_audit_revision_details.provider            repository 
_pdbx_audit_revision_details.type                'Initial release' 
_pdbx_audit_revision_details.description         ? 
_pdbx_audit_revision_details.details             ? 
# 
loop_
_pdbx_audit_revision_group.ordinal 
_pdbx_audit_revision_group.revision_ordinal 
_pdbx_audit_revision_group.data_content_type 
_pdbx_audit_revision_group.group 
1 2 'Structure model' 'Database references'    
2 3 'Structure model' 'Data collection'        
3 3 'Structure model' 'Refinement description' 
4 4 'Structure model' Advisory                 
5 4 'Structure model' 'Derived calculations'   
6 4 'Structure model' 'Structure summary'      
# 
loop_
_pdbx_audit_revision_category.ordinal 
_pdbx_audit_revision_category.revision_ordinal 
_pdbx_audit_revision_category.data_content_type 
_pdbx_audit_revision_category.category 
1 2 'Structure model' citation                      
2 2 'Structure model' citation_author               
3 3 'Structure model' chem_comp_atom                
4 3 'Structure model' chem_comp_bond                
5 3 'Structure model' pdbx_initial_refinement_model 
6 4 'Structure model' pdbx_entry_details            
7 4 'Structure model' pdbx_validate_close_contact   
8 4 'Structure model' struct_conn                   
# 
loop_
_pdbx_audit_revision_item.ordinal 
_pdbx_audit_revision_item.revision_ordinal 
_pdbx_audit_revision_item.data_content_type 
_pdbx_audit_revision_item.item 
1 2 'Structure model' '_citation.journal_volume'                     
2 2 'Structure model' '_citation.page_first'                         
3 2 'Structure model' '_citation.page_last'                          
4 2 'Structure model' '_citation_author.identifier_ORCID'            
5 4 'Structure model' '_pdbx_entry_details.has_protein_modification' 
# 
_pdbx_database_status.status_code                     REL 
_pdbx_database_status.status_code_sf                  REL 
_pdbx_database_status.status_code_mr                  ? 
_pdbx_database_status.entry_id                        7Z9J 
_pdbx_database_status.recvd_initial_deposition_date   2022-03-21 
_pdbx_database_status.SG_entry                        N 
_pdbx_database_status.deposit_site                    PDBE 
_pdbx_database_status.process_site                    PDBE 
_pdbx_database_status.status_code_cs                  ? 
_pdbx_database_status.status_code_nmr_data            ? 
_pdbx_database_status.methods_development_category    ? 
_pdbx_database_status.pdb_format_compatible           N 
# 
_pdbx_contact_author.id                 2 
_pdbx_contact_author.email              martin.noble@ncl.ac.uk 
_pdbx_contact_author.name_first         Martin 
_pdbx_contact_author.name_last          Noble 
_pdbx_contact_author.name_mi            E.M 
_pdbx_contact_author.role               'principal investigator/group leader' 
_pdbx_contact_author.identifier_ORCID   0000-0002-3595-9807 
# 
loop_
_audit_author.name 
_audit_author.pdbx_ordinal 
_audit_author.identifier_ORCID 
'Turberville, S.' 1 0000-0003-2173-9675 
'Martin, M.P.'    2 0000-0003-4810-3351 
'Hope, I.'        3 ?                   
'Noble, M.E.M.'   4 0000-0002-3595-9807 
# 
_citation.abstract                  ? 
_citation.abstract_id_CAS           ? 
_citation.book_id_ISBN              ? 
_citation.book_publisher            ? 
_citation.book_publisher_city       ? 
_citation.book_title                ? 
_citation.coordinate_linkage        ? 
_citation.country                   US 
_citation.database_id_Medline       ? 
_citation.details                   ? 
_citation.id                        primary 
_citation.journal_abbrev            J.Med.Chem. 
_citation.journal_id_ASTM           JMCMAR 
_citation.journal_id_CSD            0151 
_citation.journal_id_ISSN           0022-2623 
_citation.journal_full              ? 
_citation.journal_issue             ? 
_citation.journal_volume            65 
_citation.language                  ? 
_citation.page_first                15416 
_citation.page_last                 15432 
_citation.title                     
;Mapping Ligand Interactions of Bromodomains BRD4 and ATAD2 with FragLites and PepLites&#9472;Halogenated Probes of Druglike and Peptide-like Molecular Interactions.
;
_citation.year                      2022 
_citation.database_id_CSD           ? 
_citation.pdbx_database_id_DOI      10.1021/acs.jmedchem.2c01357 
_citation.pdbx_database_id_PubMed   36367089 
_citation.pdbx_database_id_patent   ? 
_citation.unpublished_flag          ? 
# 
loop_
_citation_author.citation_id 
_citation_author.name 
_citation_author.ordinal 
_citation_author.identifier_ORCID 
primary 'Davison, G.'       1  ? 
primary 'Martin, M.P.'      2  ? 
primary 'Turberville, S.'   3  ? 
primary 'Dormen, S.'        4  ? 
primary 'Heath, R.'         5  ? 
primary 'Heptinstall, A.B.' 6  ? 
primary 'Lawson, M.'        7  ? 
primary 'Miller, D.C.'      8  ? 
primary 'Ng, Y.M.'          9  ? 
primary 'Sanderson, J.N.'   10 ? 
primary 'Hope, I.'          11 ? 
primary 'Wood, D.J.'        12 ? 
primary 'Cano, C.'          13 ? 
primary 'Endicott, J.A.'    14 ? 
primary 'Hardcastle, I.R.'  15 ? 
primary 'Noble, M.E.M.'     16 ? 
primary 'Waring, M.J.'      17 ? 
# 
loop_
_entity.id 
_entity.type 
_entity.src_method 
_entity.pdbx_description 
_entity.formula_weight 
_entity.pdbx_number_of_molecules 
_entity.pdbx_ec 
_entity.pdbx_mutation 
_entity.pdbx_fragment 
_entity.details 
1 polymer     man 'ATPase family AAA domain-containing protein 2'           15453.514 1   3.6.1.3 ? bromodomain ? 
2 non-polymer syn 'SULFATE ION'                                             96.063    2   ?       ? ?           ? 
3 non-polymer syn 'CHLORIDE ION'                                            35.453    1   ?       ? ?           ? 
4 non-polymer syn '(~{N}~{E})-2-acetamido-~{N}-prop-2-enylidene-ethanamide' 154.166   1   ?       ? ?           ? 
5 non-polymer syn 1,2-ETHANEDIOL                                            62.068    5   ?       ? ?           ? 
6 water       nat water                                                     18.015    180 ?       ? ?           ? 
# 
_entity_name_com.entity_id   1 
_entity_name_com.name        'AAA nuclear coregulator cancer-associated protein,ANCCA' 
# 
_entity_poly.entity_id                      1 
_entity_poly.type                           'polypeptide(L)' 
_entity_poly.nstd_linkage                   no 
_entity_poly.nstd_monomer                   no 
_entity_poly.pdbx_seq_one_letter_code       
;SMQEEDTFRELRIFLRNVTHRLAIDKRFRVFTKPVDPDEVPDYVTVIKQPMDLSSVISKIDLHKYLTVKDYLRDIDLICS
NALEYNPDRDPGDRLIRHRACALRDTAYAIIKEELDEDFEQLCEEIQESR
;
_entity_poly.pdbx_seq_one_letter_code_can   
;SMQEEDTFRELRIFLRNVTHRLAIDKRFRVFTKPVDPDEVPDYVTVIKQPMDLSSVISKIDLHKYLTVKDYLRDIDLICS
NALEYNPDRDPGDRLIRHRACALRDTAYAIIKEELDEDFEQLCEEIQESR
;
_entity_poly.pdbx_strand_id                 AAA 
_entity_poly.pdbx_target_identifier         ? 
# 
loop_
_pdbx_entity_nonpoly.entity_id 
_pdbx_entity_nonpoly.name 
_pdbx_entity_nonpoly.comp_id 
2 'SULFATE ION'                                             SO4 
3 'CHLORIDE ION'                                            CL  
4 '(~{N}~{E})-2-acetamido-~{N}-prop-2-enylidene-ethanamide' IIY 
5 1,2-ETHANEDIOL                                            EDO 
6 water                                                     HOH 
# 
loop_
_entity_poly_seq.entity_id 
_entity_poly_seq.num 
_entity_poly_seq.mon_id 
_entity_poly_seq.hetero 
1 1   SER n 
1 2   MET n 
1 3   GLN n 
1 4   GLU n 
1 5   GLU n 
1 6   ASP n 
1 7   THR n 
1 8   PHE n 
1 9   ARG n 
1 10  GLU n 
1 11  LEU n 
1 12  ARG n 
1 13  ILE n 
1 14  PHE n 
1 15  LEU n 
1 16  ARG n 
1 17  ASN n 
1 18  VAL n 
1 19  THR n 
1 20  HIS n 
1 21  ARG n 
1 22  LEU n 
1 23  ALA n 
1 24  ILE n 
1 25  ASP n 
1 26  LYS n 
1 27  ARG n 
1 28  PHE n 
1 29  ARG n 
1 30  VAL n 
1 31  PHE n 
1 32  THR n 
1 33  LYS n 
1 34  PRO n 
1 35  VAL n 
1 36  ASP n 
1 37  PRO n 
1 38  ASP n 
1 39  GLU n 
1 40  VAL n 
1 41  PRO n 
1 42  ASP n 
1 43  TYR n 
1 44  VAL n 
1 45  THR n 
1 46  VAL n 
1 47  ILE n 
1 48  LYS n 
1 49  GLN n 
1 50  PRO n 
1 51  MET n 
1 52  ASP n 
1 53  LEU n 
1 54  SER n 
1 55  SER n 
1 56  VAL n 
1 57  ILE n 
1 58  SER n 
1 59  LYS n 
1 60  ILE n 
1 61  ASP n 
1 62  LEU n 
1 63  HIS n 
1 64  LYS n 
1 65  TYR n 
1 66  LEU n 
1 67  THR n 
1 68  VAL n 
1 69  LYS n 
1 70  ASP n 
1 71  TYR n 
1 72  LEU n 
1 73  ARG n 
1 74  ASP n 
1 75  ILE n 
1 76  ASP n 
1 77  LEU n 
1 78  ILE n 
1 79  CYS n 
1 80  SER n 
1 81  ASN n 
1 82  ALA n 
1 83  LEU n 
1 84  GLU n 
1 85  TYR n 
1 86  ASN n 
1 87  PRO n 
1 88  ASP n 
1 89  ARG n 
1 90  ASP n 
1 91  PRO n 
1 92  GLY n 
1 93  ASP n 
1 94  ARG n 
1 95  LEU n 
1 96  ILE n 
1 97  ARG n 
1 98  HIS n 
1 99  ARG n 
1 100 ALA n 
1 101 CYS n 
1 102 ALA n 
1 103 LEU n 
1 104 ARG n 
1 105 ASP n 
1 106 THR n 
1 107 ALA n 
1 108 TYR n 
1 109 ALA n 
1 110 ILE n 
1 111 ILE n 
1 112 LYS n 
1 113 GLU n 
1 114 GLU n 
1 115 LEU n 
1 116 ASP n 
1 117 GLU n 
1 118 ASP n 
1 119 PHE n 
1 120 GLU n 
1 121 GLN n 
1 122 LEU n 
1 123 CYS n 
1 124 GLU n 
1 125 GLU n 
1 126 ILE n 
1 127 GLN n 
1 128 GLU n 
1 129 SER n 
1 130 ARG n 
# 
_entity_src_gen.entity_id                          1 
_entity_src_gen.pdbx_src_id                        1 
_entity_src_gen.pdbx_alt_source_flag               sample 
_entity_src_gen.pdbx_seq_type                      'Biological sequence' 
_entity_src_gen.pdbx_beg_seq_num                   1 
_entity_src_gen.pdbx_end_seq_num                   130 
_entity_src_gen.gene_src_common_name               human 
_entity_src_gen.gene_src_genus                     ? 
_entity_src_gen.pdbx_gene_src_gene                 'ATAD2, L16, PRO2000' 
_entity_src_gen.gene_src_species                   ? 
_entity_src_gen.gene_src_strain                    ? 
_entity_src_gen.gene_src_tissue                    ? 
_entity_src_gen.gene_src_tissue_fraction           ? 
_entity_src_gen.gene_src_details                   ? 
_entity_src_gen.pdbx_gene_src_fragment             ? 
_entity_src_gen.pdbx_gene_src_scientific_name      'Homo sapiens' 
_entity_src_gen.pdbx_gene_src_ncbi_taxonomy_id     9606 
_entity_src_gen.pdbx_gene_src_variant              ? 
_entity_src_gen.pdbx_gene_src_cell_line            ? 
_entity_src_gen.pdbx_gene_src_atcc                 ? 
_entity_src_gen.pdbx_gene_src_organ                ? 
_entity_src_gen.pdbx_gene_src_organelle            ? 
_entity_src_gen.pdbx_gene_src_cell                 ? 
_entity_src_gen.pdbx_gene_src_cellular_location    ? 
_entity_src_gen.host_org_common_name               ? 
_entity_src_gen.pdbx_host_org_scientific_name      'Escherichia coli BL21(DE3)' 
_entity_src_gen.pdbx_host_org_ncbi_taxonomy_id     469008 
_entity_src_gen.host_org_genus                     ? 
_entity_src_gen.pdbx_host_org_gene                 ? 
_entity_src_gen.pdbx_host_org_organ                ? 
_entity_src_gen.host_org_species                   ? 
_entity_src_gen.pdbx_host_org_tissue               ? 
_entity_src_gen.pdbx_host_org_tissue_fraction      ? 
_entity_src_gen.pdbx_host_org_strain               ? 
_entity_src_gen.pdbx_host_org_variant              ? 
_entity_src_gen.pdbx_host_org_cell_line            ? 
_entity_src_gen.pdbx_host_org_atcc                 ? 
_entity_src_gen.pdbx_host_org_culture_collection   ? 
_entity_src_gen.pdbx_host_org_cell                 ? 
_entity_src_gen.pdbx_host_org_organelle            ? 
_entity_src_gen.pdbx_host_org_cellular_location    ? 
_entity_src_gen.pdbx_host_org_vector_type          ? 
_entity_src_gen.pdbx_host_org_vector               ? 
_entity_src_gen.host_org_details                   ? 
_entity_src_gen.expression_system_id               ? 
_entity_src_gen.plasmid_name                       pET28b 
_entity_src_gen.plasmid_details                    ? 
_entity_src_gen.pdbx_description                   ? 
# 
loop_
_chem_comp.id 
_chem_comp.type 
_chem_comp.mon_nstd_flag 
_chem_comp.name 
_chem_comp.pdbx_synonyms 
_chem_comp.formula 
_chem_comp.formula_weight 
ALA 'L-peptide linking' y ALANINE                                                   ?                 'C3 H7 N O2'     89.093  
ARG 'L-peptide linking' y ARGININE                                                  ?                 'C6 H15 N4 O2 1' 175.209 
ASN 'L-peptide linking' y ASPARAGINE                                                ?                 'C4 H8 N2 O3'    132.118 
ASP 'L-peptide linking' y 'ASPARTIC ACID'                                           ?                 'C4 H7 N O4'     133.103 
CL  non-polymer         . 'CHLORIDE ION'                                            ?                 'Cl -1'          35.453  
CYS 'L-peptide linking' y CYSTEINE                                                  ?                 'C3 H7 N O2 S'   121.158 
EDO non-polymer         . 1,2-ETHANEDIOL                                            'ETHYLENE GLYCOL' 'C2 H6 O2'       62.068  
GLN 'L-peptide linking' y GLUTAMINE                                                 ?                 'C5 H10 N2 O3'   146.144 
GLU 'L-peptide linking' y 'GLUTAMIC ACID'                                           ?                 'C5 H9 N O4'     147.129 
GLY 'peptide linking'   y GLYCINE                                                   ?                 'C2 H5 N O2'     75.067  
HIS 'L-peptide linking' y HISTIDINE                                                 ?                 'C6 H10 N3 O2 1' 156.162 
HOH non-polymer         . WATER                                                     ?                 'H2 O'           18.015  
IIY non-polymer         . '(~{N}~{E})-2-acetamido-~{N}-prop-2-enylidene-ethanamide' ?                 'C7 H10 N2 O2'   154.166 
ILE 'L-peptide linking' y ISOLEUCINE                                                ?                 'C6 H13 N O2'    131.173 
LEU 'L-peptide linking' y LEUCINE                                                   ?                 'C6 H13 N O2'    131.173 
LYS 'L-peptide linking' y LYSINE                                                    ?                 'C6 H15 N2 O2 1' 147.195 
MET 'L-peptide linking' y METHIONINE                                                ?                 'C5 H11 N O2 S'  149.211 
PHE 'L-peptide linking' y PHENYLALANINE                                             ?                 'C9 H11 N O2'    165.189 
PRO 'L-peptide linking' y PROLINE                                                   ?                 'C5 H9 N O2'     115.130 
SER 'L-peptide linking' y SERINE                                                    ?                 'C3 H7 N O3'     105.093 
SO4 non-polymer         . 'SULFATE ION'                                             ?                 'O4 S -2'        96.063  
THR 'L-peptide linking' y THREONINE                                                 ?                 'C4 H9 N O3'     119.119 
TYR 'L-peptide linking' y TYROSINE                                                  ?                 'C9 H11 N O3'    181.189 
VAL 'L-peptide linking' y VALINE                                                    ?                 'C5 H11 N O2'    117.146 
# 
loop_
_pdbx_poly_seq_scheme.asym_id 
_pdbx_poly_seq_scheme.entity_id 
_pdbx_poly_seq_scheme.seq_id 
_pdbx_poly_seq_scheme.mon_id 
_pdbx_poly_seq_scheme.ndb_seq_num 
_pdbx_poly_seq_scheme.pdb_seq_num 
_pdbx_poly_seq_scheme.auth_seq_num 
_pdbx_poly_seq_scheme.pdb_mon_id 
_pdbx_poly_seq_scheme.auth_mon_id 
_pdbx_poly_seq_scheme.pdb_strand_id 
_pdbx_poly_seq_scheme.pdb_ins_code 
_pdbx_poly_seq_scheme.hetero 
A 1 1   SER 1   979  979  SER SER AAA . n 
A 1 2   MET 2   980  980  MET MET AAA . n 
A 1 3   GLN 3   981  981  GLN GLN AAA . n 
A 1 4   GLU 4   982  982  GLU GLU AAA . n 
A 1 5   GLU 5   983  983  GLU GLU AAA . n 
A 1 6   ASP 6   984  984  ASP ASP AAA . n 
A 1 7   THR 7   985  985  THR THR AAA . n 
A 1 8   PHE 8   986  986  PHE PHE AAA . n 
A 1 9   ARG 9   987  987  ARG ARG AAA . n 
A 1 10  GLU 10  988  988  GLU GLU AAA . n 
A 1 11  LEU 11  989  989  LEU LEU AAA . n 
A 1 12  ARG 12  990  990  ARG ARG AAA . n 
A 1 13  ILE 13  991  991  ILE ILE AAA . n 
A 1 14  PHE 14  992  992  PHE PHE AAA . n 
A 1 15  LEU 15  993  993  LEU LEU AAA . n 
A 1 16  ARG 16  994  994  ARG ARG AAA . n 
A 1 17  ASN 17  995  995  ASN ASN AAA . n 
A 1 18  VAL 18  996  996  VAL VAL AAA . n 
A 1 19  THR 19  997  997  THR THR AAA . n 
A 1 20  HIS 20  998  998  HIS HIS AAA . n 
A 1 21  ARG 21  999  999  ARG ARG AAA . n 
A 1 22  LEU 22  1000 1000 LEU LEU AAA . n 
A 1 23  ALA 23  1001 1001 ALA ALA AAA . n 
A 1 24  ILE 24  1002 1002 ILE ILE AAA . n 
A 1 25  ASP 25  1003 1003 ASP ASP AAA . n 
A 1 26  LYS 26  1004 1004 LYS LYS AAA . n 
A 1 27  ARG 27  1005 1005 ARG ARG AAA . n 
A 1 28  PHE 28  1006 1006 PHE PHE AAA . n 
A 1 29  ARG 29  1007 1007 ARG ARG AAA . n 
A 1 30  VAL 30  1008 1008 VAL VAL AAA . n 
A 1 31  PHE 31  1009 1009 PHE PHE AAA . n 
A 1 32  THR 32  1010 1010 THR THR AAA . n 
A 1 33  LYS 33  1011 1011 LYS LYS AAA . n 
A 1 34  PRO 34  1012 1012 PRO PRO AAA . n 
A 1 35  VAL 35  1013 1013 VAL VAL AAA . n 
A 1 36  ASP 36  1014 1014 ASP ASP AAA . n 
A 1 37  PRO 37  1015 1015 PRO PRO AAA . n 
A 1 38  ASP 38  1016 1016 ASP ASP AAA . n 
A 1 39  GLU 39  1017 1017 GLU GLU AAA . n 
A 1 40  VAL 40  1018 1018 VAL VAL AAA . n 
A 1 41  PRO 41  1019 1019 PRO PRO AAA . n 
A 1 42  ASP 42  1020 1020 ASP ASP AAA . n 
A 1 43  TYR 43  1021 1021 TYR TYR AAA . n 
A 1 44  VAL 44  1022 1022 VAL VAL AAA . n 
A 1 45  THR 45  1023 1023 THR THR AAA . n 
A 1 46  VAL 46  1024 1024 VAL VAL AAA . n 
A 1 47  ILE 47  1025 1025 ILE ILE AAA . n 
A 1 48  LYS 48  1026 1026 LYS LYS AAA . n 
A 1 49  GLN 49  1027 1027 GLN GLN AAA . n 
A 1 50  PRO 50  1028 1028 PRO PRO AAA . n 
A 1 51  MET 51  1029 1029 MET MET AAA . n 
A 1 52  ASP 52  1030 1030 ASP ASP AAA . n 
A 1 53  LEU 53  1031 1031 LEU LEU AAA . n 
A 1 54  SER 54  1032 1032 SER SER AAA . n 
A 1 55  SER 55  1033 1033 SER SER AAA . n 
A 1 56  VAL 56  1034 1034 VAL VAL AAA . n 
A 1 57  ILE 57  1035 1035 ILE ILE AAA . n 
A 1 58  SER 58  1036 1036 SER SER AAA . n 
A 1 59  LYS 59  1037 1037 LYS LYS AAA . n 
A 1 60  ILE 60  1038 1038 ILE ILE AAA . n 
A 1 61  ASP 61  1039 1039 ASP ASP AAA . n 
A 1 62  LEU 62  1040 1040 LEU LEU AAA . n 
A 1 63  HIS 63  1041 1041 HIS HIS AAA . n 
A 1 64  LYS 64  1042 1042 LYS LYS AAA . n 
A 1 65  TYR 65  1043 1043 TYR TYR AAA . n 
A 1 66  LEU 66  1044 1044 LEU LEU AAA . n 
A 1 67  THR 67  1045 1045 THR THR AAA . n 
A 1 68  VAL 68  1046 1046 VAL VAL AAA . n 
A 1 69  LYS 69  1047 1047 LYS LYS AAA . n 
A 1 70  ASP 70  1048 1048 ASP ASP AAA . n 
A 1 71  TYR 71  1049 1049 TYR TYR AAA . n 
A 1 72  LEU 72  1050 1050 LEU LEU AAA . n 
A 1 73  ARG 73  1051 1051 ARG ARG AAA . n 
A 1 74  ASP 74  1052 1052 ASP ASP AAA . n 
A 1 75  ILE 75  1053 1053 ILE ILE AAA . n 
A 1 76  ASP 76  1054 1054 ASP ASP AAA . n 
A 1 77  LEU 77  1055 1055 LEU LEU AAA . n 
A 1 78  ILE 78  1056 1056 ILE ILE AAA . n 
A 1 79  CYS 79  1057 1057 CYS CYS AAA . n 
A 1 80  SER 80  1058 1058 SER SER AAA . n 
A 1 81  ASN 81  1059 1059 ASN ASN AAA . n 
A 1 82  ALA 82  1060 1060 ALA ALA AAA . n 
A 1 83  LEU 83  1061 1061 LEU LEU AAA . n 
A 1 84  GLU 84  1062 1062 GLU GLU AAA . n 
A 1 85  TYR 85  1063 1063 TYR TYR AAA . n 
A 1 86  ASN 86  1064 1064 ASN ASN AAA . n 
A 1 87  PRO 87  1065 1065 PRO PRO AAA . n 
A 1 88  ASP 88  1066 1066 ASP ASP AAA . n 
A 1 89  ARG 89  1067 1067 ARG ARG AAA . n 
A 1 90  ASP 90  1068 1068 ASP ASP AAA . n 
A 1 91  PRO 91  1069 1069 PRO PRO AAA . n 
A 1 92  GLY 92  1070 1070 GLY GLY AAA . n 
A 1 93  ASP 93  1071 1071 ASP ASP AAA . n 
A 1 94  ARG 94  1072 1072 ARG ARG AAA . n 
A 1 95  LEU 95  1073 1073 LEU LEU AAA . n 
A 1 96  ILE 96  1074 1074 ILE ILE AAA . n 
A 1 97  ARG 97  1075 1075 ARG ARG AAA . n 
A 1 98  HIS 98  1076 1076 HIS HIS AAA . n 
A 1 99  ARG 99  1077 1077 ARG ARG AAA . n 
A 1 100 ALA 100 1078 1078 ALA ALA AAA . n 
A 1 101 CYS 101 1079 1079 CYS CYS AAA . n 
A 1 102 ALA 102 1080 1080 ALA ALA AAA . n 
A 1 103 LEU 103 1081 1081 LEU LEU AAA . n 
A 1 104 ARG 104 1082 1082 ARG ARG AAA . n 
A 1 105 ASP 105 1083 1083 ASP ASP AAA . n 
A 1 106 THR 106 1084 1084 THR THR AAA . n 
A 1 107 ALA 107 1085 1085 ALA ALA AAA . n 
A 1 108 TYR 108 1086 1086 TYR TYR AAA . n 
A 1 109 ALA 109 1087 1087 ALA ALA AAA . n 
A 1 110 ILE 110 1088 1088 ILE ILE AAA . n 
A 1 111 ILE 111 1089 1089 ILE ILE AAA . n 
A 1 112 LYS 112 1090 1090 LYS LYS AAA . n 
A 1 113 GLU 113 1091 1091 GLU GLU AAA . n 
A 1 114 GLU 114 1092 1092 GLU GLU AAA . n 
A 1 115 LEU 115 1093 1093 LEU LEU AAA . n 
A 1 116 ASP 116 1094 1094 ASP ASP AAA . n 
A 1 117 GLU 117 1095 1095 GLU GLU AAA . n 
A 1 118 ASP 118 1096 1096 ASP ASP AAA . n 
A 1 119 PHE 119 1097 1097 PHE PHE AAA . n 
A 1 120 GLU 120 1098 1098 GLU GLU AAA . n 
A 1 121 GLN 121 1099 1099 GLN GLN AAA . n 
A 1 122 LEU 122 1100 1100 LEU LEU AAA . n 
A 1 123 CYS 123 1101 1101 CYS CYS AAA . n 
A 1 124 GLU 124 1102 1102 GLU GLU AAA . n 
A 1 125 GLU 125 1103 1103 GLU GLU AAA . n 
A 1 126 ILE 126 1104 1104 ILE ILE AAA . n 
A 1 127 GLN 127 1105 1105 GLN GLN AAA . n 
A 1 128 GLU 128 1106 1106 GLU GLU AAA . n 
A 1 129 SER 129 1107 1107 SER SER AAA . n 
A 1 130 ARG 130 1108 1108 ARG ARG AAA . n 
# 
_pdbx_entity_instance_feature.ordinal        1 
_pdbx_entity_instance_feature.comp_id        IIY 
_pdbx_entity_instance_feature.asym_id        ? 
_pdbx_entity_instance_feature.seq_num        ? 
_pdbx_entity_instance_feature.auth_comp_id   IIY 
_pdbx_entity_instance_feature.auth_asym_id   ? 
_pdbx_entity_instance_feature.auth_seq_num   ? 
_pdbx_entity_instance_feature.feature_type   'SUBJECT OF INVESTIGATION' 
_pdbx_entity_instance_feature.details        ? 
# 
loop_
_pdbx_nonpoly_scheme.asym_id 
_pdbx_nonpoly_scheme.entity_id 
_pdbx_nonpoly_scheme.mon_id 
_pdbx_nonpoly_scheme.ndb_seq_num 
_pdbx_nonpoly_scheme.pdb_seq_num 
_pdbx_nonpoly_scheme.auth_seq_num 
_pdbx_nonpoly_scheme.pdb_mon_id 
_pdbx_nonpoly_scheme.auth_mon_id 
_pdbx_nonpoly_scheme.pdb_strand_id 
_pdbx_nonpoly_scheme.pdb_ins_code 
B 2 SO4 1   1201 1    SO4 SO4 AAA . 
C 3 CL  1   1202 1109 CL  CL  AAA . 
D 4 IIY 1   1203 1110 IIY DRG AAA . 
E 5 EDO 1   1204 1    EDO EDO AAA . 
F 5 EDO 1   1205 2    EDO EDO AAA . 
G 5 EDO 1   1206 3    EDO EDO AAA . 
H 5 EDO 1   1207 4    EDO EDO AAA . 
I 5 EDO 1   1208 5    EDO EDO AAA . 
J 2 SO4 1   1209 1    SO4 SO4 AAA . 
K 6 HOH 1   1301 178  HOH HOH AAA . 
K 6 HOH 2   1302 240  HOH HOH AAA . 
K 6 HOH 3   1303 67   HOH HOH AAA . 
K 6 HOH 4   1304 162  HOH HOH AAA . 
K 6 HOH 5   1305 199  HOH HOH AAA . 
K 6 HOH 6   1306 47   HOH HOH AAA . 
K 6 HOH 7   1307 147  HOH HOH AAA . 
K 6 HOH 8   1308 120  HOH HOH AAA . 
K 6 HOH 9   1309 158  HOH HOH AAA . 
K 6 HOH 10  1310 54   HOH HOH AAA . 
K 6 HOH 11  1311 193  HOH HOH AAA . 
K 6 HOH 12  1312 176  HOH HOH AAA . 
K 6 HOH 13  1313 226  HOH HOH AAA . 
K 6 HOH 14  1314 83   HOH HOH AAA . 
K 6 HOH 15  1315 65   HOH HOH AAA . 
K 6 HOH 16  1316 51   HOH HOH AAA . 
K 6 HOH 17  1317 124  HOH HOH AAA . 
K 6 HOH 18  1318 159  HOH HOH AAA . 
K 6 HOH 19  1319 42   HOH HOH AAA . 
K 6 HOH 20  1320 49   HOH HOH AAA . 
K 6 HOH 21  1321 100  HOH HOH AAA . 
K 6 HOH 22  1322 61   HOH HOH AAA . 
K 6 HOH 23  1323 150  HOH HOH AAA . 
K 6 HOH 24  1324 15   HOH HOH AAA . 
K 6 HOH 25  1325 135  HOH HOH AAA . 
K 6 HOH 26  1326 104  HOH HOH AAA . 
K 6 HOH 27  1327 95   HOH HOH AAA . 
K 6 HOH 28  1328 215  HOH HOH AAA . 
K 6 HOH 29  1329 56   HOH HOH AAA . 
K 6 HOH 30  1330 36   HOH HOH AAA . 
K 6 HOH 31  1331 118  HOH HOH AAA . 
K 6 HOH 32  1332 22   HOH HOH AAA . 
K 6 HOH 33  1333 175  HOH HOH AAA . 
K 6 HOH 34  1334 71   HOH HOH AAA . 
K 6 HOH 35  1335 14   HOH HOH AAA . 
K 6 HOH 36  1336 23   HOH HOH AAA . 
K 6 HOH 37  1337 114  HOH HOH AAA . 
K 6 HOH 38  1338 13   HOH HOH AAA . 
K 6 HOH 39  1339 102  HOH HOH AAA . 
K 6 HOH 40  1340 8    HOH HOH AAA . 
K 6 HOH 41  1341 37   HOH HOH AAA . 
K 6 HOH 42  1342 227  HOH HOH AAA . 
K 6 HOH 43  1343 77   HOH HOH AAA . 
K 6 HOH 44  1344 69   HOH HOH AAA . 
K 6 HOH 45  1345 40   HOH HOH AAA . 
K 6 HOH 46  1346 117  HOH HOH AAA . 
K 6 HOH 47  1347 17   HOH HOH AAA . 
K 6 HOH 48  1348 170  HOH HOH AAA . 
K 6 HOH 49  1349 161  HOH HOH AAA . 
K 6 HOH 50  1350 73   HOH HOH AAA . 
K 6 HOH 51  1351 55   HOH HOH AAA . 
K 6 HOH 52  1352 113  HOH HOH AAA . 
K 6 HOH 53  1353 11   HOH HOH AAA . 
K 6 HOH 54  1354 39   HOH HOH AAA . 
K 6 HOH 55  1355 21   HOH HOH AAA . 
K 6 HOH 56  1356 128  HOH HOH AAA . 
K 6 HOH 57  1357 76   HOH HOH AAA . 
K 6 HOH 58  1358 29   HOH HOH AAA . 
K 6 HOH 59  1359 97   HOH HOH AAA . 
K 6 HOH 60  1360 91   HOH HOH AAA . 
K 6 HOH 61  1361 32   HOH HOH AAA . 
K 6 HOH 62  1362 129  HOH HOH AAA . 
K 6 HOH 63  1363 132  HOH HOH AAA . 
K 6 HOH 64  1364 12   HOH HOH AAA . 
K 6 HOH 65  1365 72   HOH HOH AAA . 
K 6 HOH 66  1366 79   HOH HOH AAA . 
K 6 HOH 67  1367 98   HOH HOH AAA . 
K 6 HOH 68  1368 48   HOH HOH AAA . 
K 6 HOH 69  1369 229  HOH HOH AAA . 
K 6 HOH 70  1370 53   HOH HOH AAA . 
K 6 HOH 71  1371 33   HOH HOH AAA . 
K 6 HOH 72  1372 75   HOH HOH AAA . 
K 6 HOH 73  1373 43   HOH HOH AAA . 
K 6 HOH 74  1374 169  HOH HOH AAA . 
K 6 HOH 75  1375 107  HOH HOH AAA . 
K 6 HOH 76  1376 38   HOH HOH AAA . 
K 6 HOH 77  1377 50   HOH HOH AAA . 
K 6 HOH 78  1378 228  HOH HOH AAA . 
K 6 HOH 79  1379 160  HOH HOH AAA . 
K 6 HOH 80  1380 18   HOH HOH AAA . 
K 6 HOH 81  1381 126  HOH HOH AAA . 
K 6 HOH 82  1382 207  HOH HOH AAA . 
K 6 HOH 83  1383 105  HOH HOH AAA . 
K 6 HOH 84  1384 2    HOH HOH AAA . 
K 6 HOH 85  1385 188  HOH HOH AAA . 
K 6 HOH 86  1386 210  HOH HOH AAA . 
K 6 HOH 87  1387 153  HOH HOH AAA . 
K 6 HOH 88  1388 232  HOH HOH AAA . 
K 6 HOH 89  1389 236  HOH HOH AAA . 
K 6 HOH 90  1390 64   HOH HOH AAA . 
K 6 HOH 91  1391 198  HOH HOH AAA . 
K 6 HOH 92  1392 233  HOH HOH AAA . 
K 6 HOH 93  1393 52   HOH HOH AAA . 
K 6 HOH 94  1394 26   HOH HOH AAA . 
K 6 HOH 95  1395 6    HOH HOH AAA . 
K 6 HOH 96  1396 35   HOH HOH AAA . 
K 6 HOH 97  1397 4    HOH HOH AAA . 
K 6 HOH 98  1398 87   HOH HOH AAA . 
K 6 HOH 99  1399 88   HOH HOH AAA . 
K 6 HOH 100 1400 20   HOH HOH AAA . 
K 6 HOH 101 1401 222  HOH HOH AAA . 
K 6 HOH 102 1402 230  HOH HOH AAA . 
K 6 HOH 103 1403 66   HOH HOH AAA . 
K 6 HOH 104 1404 231  HOH HOH AAA . 
K 6 HOH 105 1405 59   HOH HOH AAA . 
K 6 HOH 106 1406 131  HOH HOH AAA . 
K 6 HOH 107 1407 211  HOH HOH AAA . 
K 6 HOH 108 1408 86   HOH HOH AAA . 
K 6 HOH 109 1409 195  HOH HOH AAA . 
K 6 HOH 110 1410 234  HOH HOH AAA . 
K 6 HOH 111 1411 25   HOH HOH AAA . 
K 6 HOH 112 1412 89   HOH HOH AAA . 
K 6 HOH 113 1413 74   HOH HOH AAA . 
K 6 HOH 114 1414 133  HOH HOH AAA . 
K 6 HOH 115 1415 109  HOH HOH AAA . 
K 6 HOH 116 1416 9    HOH HOH AAA . 
K 6 HOH 117 1417 108  HOH HOH AAA . 
K 6 HOH 118 1418 84   HOH HOH AAA . 
K 6 HOH 119 1419 174  HOH HOH AAA . 
K 6 HOH 120 1420 220  HOH HOH AAA . 
K 6 HOH 121 1421 139  HOH HOH AAA . 
K 6 HOH 122 1422 171  HOH HOH AAA . 
K 6 HOH 123 1423 201  HOH HOH AAA . 
K 6 HOH 124 1424 192  HOH HOH AAA . 
K 6 HOH 125 1425 217  HOH HOH AAA . 
K 6 HOH 126 1426 155  HOH HOH AAA . 
K 6 HOH 127 1427 136  HOH HOH AAA . 
K 6 HOH 128 1428 143  HOH HOH AAA . 
K 6 HOH 129 1429 123  HOH HOH AAA . 
K 6 HOH 130 1430 172  HOH HOH AAA . 
K 6 HOH 131 1431 94   HOH HOH AAA . 
K 6 HOH 132 1432 208  HOH HOH AAA . 
K 6 HOH 133 1433 81   HOH HOH AAA . 
K 6 HOH 134 1434 202  HOH HOH AAA . 
K 6 HOH 135 1435 28   HOH HOH AAA . 
K 6 HOH 136 1436 151  HOH HOH AAA . 
K 6 HOH 137 1437 184  HOH HOH AAA . 
K 6 HOH 138 1438 16   HOH HOH AAA . 
K 6 HOH 139 1439 186  HOH HOH AAA . 
K 6 HOH 140 1440 68   HOH HOH AAA . 
K 6 HOH 141 1441 235  HOH HOH AAA . 
K 6 HOH 142 1442 112  HOH HOH AAA . 
K 6 HOH 143 1443 119  HOH HOH AAA . 
K 6 HOH 144 1444 7    HOH HOH AAA . 
K 6 HOH 145 1445 27   HOH HOH AAA . 
K 6 HOH 146 1446 78   HOH HOH AAA . 
K 6 HOH 147 1447 82   HOH HOH AAA . 
K 6 HOH 148 1448 204  HOH HOH AAA . 
K 6 HOH 149 1449 140  HOH HOH AAA . 
K 6 HOH 150 1450 92   HOH HOH AAA . 
K 6 HOH 151 1451 30   HOH HOH AAA . 
K 6 HOH 152 1452 219  HOH HOH AAA . 
K 6 HOH 153 1453 239  HOH HOH AAA . 
K 6 HOH 154 1454 63   HOH HOH AAA . 
K 6 HOH 155 1455 99   HOH HOH AAA . 
K 6 HOH 156 1456 165  HOH HOH AAA . 
K 6 HOH 157 1457 5    HOH HOH AAA . 
K 6 HOH 158 1458 191  HOH HOH AAA . 
K 6 HOH 159 1459 62   HOH HOH AAA . 
K 6 HOH 160 1460 45   HOH HOH AAA . 
K 6 HOH 161 1461 46   HOH HOH AAA . 
K 6 HOH 162 1462 141  HOH HOH AAA . 
K 6 HOH 163 1463 180  HOH HOH AAA . 
K 6 HOH 164 1464 115  HOH HOH AAA . 
K 6 HOH 165 1465 241  HOH HOH AAA . 
K 6 HOH 166 1466 177  HOH HOH AAA . 
K 6 HOH 167 1467 103  HOH HOH AAA . 
K 6 HOH 168 1468 80   HOH HOH AAA . 
K 6 HOH 169 1469 189  HOH HOH AAA . 
K 6 HOH 170 1470 237  HOH HOH AAA . 
K 6 HOH 171 1471 238  HOH HOH AAA . 
K 6 HOH 172 1472 60   HOH HOH AAA . 
K 6 HOH 173 1473 205  HOH HOH AAA . 
K 6 HOH 174 1474 148  HOH HOH AAA . 
K 6 HOH 175 1475 44   HOH HOH AAA . 
K 6 HOH 176 1476 70   HOH HOH AAA . 
K 6 HOH 177 1477 138  HOH HOH AAA . 
K 6 HOH 178 1478 154  HOH HOH AAA . 
K 6 HOH 179 1479 216  HOH HOH AAA . 
K 6 HOH 180 1480 116  HOH HOH AAA . 
# 
loop_
_software.citation_id 
_software.classification 
_software.compiler_name 
_software.compiler_version 
_software.contact_author 
_software.contact_author_email 
_software.date 
_software.description 
_software.dependencies 
_software.hardware 
_software.language 
_software.location 
_software.mods 
_software.name 
_software.os 
_software.os_version 
_software.type 
_software.version 
_software.pdbx_ordinal 
? refinement       ? ? ? ? ? ? ? ? ? ? ? REFMAC  ? ? ? 5.8.0258 1 
? refinement       ? ? ? ? ? ? ? ? ? ? ? REFMAC  ? ? ? 5.8.0258 2 
? 'data scaling'   ? ? ? ? ? ? ? ? ? ? ? Aimless ? ? ? .        3 
? 'data reduction' ? ? ? ? ? ? ? ? ? ? ? xia2    ? ? ? .        4 
? phasing          ? ? ? ? ? ? ? ? ? ? ? PHASER  ? ? ? .        5 
# 
_cell.angle_alpha                  90.000 
_cell.angle_alpha_esd              ? 
_cell.angle_beta                   90.000 
_cell.angle_beta_esd               ? 
_cell.angle_gamma                  120.000 
_cell.angle_gamma_esd              ? 
_cell.entry_id                     7Z9J 
_cell.details                      ? 
_cell.formula_units_Z              ? 
_cell.length_a                     79.772 
_cell.length_a_esd                 ? 
_cell.length_b                     79.772 
_cell.length_b_esd                 ? 
_cell.length_c                     137.872 
_cell.length_c_esd                 ? 
_cell.volume                       ? 
_cell.volume_esd                   ? 
_cell.Z_PDB                        12 
_cell.reciprocal_angle_alpha       ? 
_cell.reciprocal_angle_beta        ? 
_cell.reciprocal_angle_gamma       ? 
_cell.reciprocal_angle_alpha_esd   ? 
_cell.reciprocal_angle_beta_esd    ? 
_cell.reciprocal_angle_gamma_esd   ? 
_cell.reciprocal_length_a          ? 
_cell.reciprocal_length_b          ? 
_cell.reciprocal_length_c          ? 
_cell.reciprocal_length_a_esd      ? 
_cell.reciprocal_length_b_esd      ? 
_cell.reciprocal_length_c_esd      ? 
_cell.pdbx_unique_axis             ? 
# 
_symmetry.entry_id                         7Z9J 
_symmetry.cell_setting                     ? 
_symmetry.Int_Tables_number                179 
_symmetry.space_group_name_Hall            ? 
_symmetry.space_group_name_H-M             'P 65 2 2' 
_symmetry.pdbx_full_space_group_name_H-M   ? 
# 
_exptl.absorpt_coefficient_mu     ? 
_exptl.absorpt_correction_T_max   ? 
_exptl.absorpt_correction_T_min   ? 
_exptl.absorpt_correction_type    ? 
_exptl.absorpt_process_details    ? 
_exptl.entry_id                   7Z9J 
_exptl.crystals_number            1 
_exptl.details                    ? 
_exptl.method                     'X-RAY DIFFRACTION' 
_exptl.method_details             ? 
# 
_exptl_crystal.colour                      ? 
_exptl_crystal.density_diffrn              ? 
_exptl_crystal.density_Matthews            4.10 
_exptl_crystal.density_method              ? 
_exptl_crystal.density_percent_sol         69.98 
_exptl_crystal.description                 ? 
_exptl_crystal.F_000                       ? 
_exptl_crystal.id                          1 
_exptl_crystal.preparation                 ? 
_exptl_crystal.size_max                    ? 
_exptl_crystal.size_mid                    ? 
_exptl_crystal.size_min                    ? 
_exptl_crystal.size_rad                    ? 
_exptl_crystal.colour_lustre               ? 
_exptl_crystal.colour_modifier             ? 
_exptl_crystal.colour_primary              ? 
_exptl_crystal.density_meas                ? 
_exptl_crystal.density_meas_esd            ? 
_exptl_crystal.density_meas_gt             ? 
_exptl_crystal.density_meas_lt             ? 
_exptl_crystal.density_meas_temp           ? 
_exptl_crystal.density_meas_temp_esd       ? 
_exptl_crystal.density_meas_temp_gt        ? 
_exptl_crystal.density_meas_temp_lt        ? 
_exptl_crystal.pdbx_crystal_image_url      ? 
_exptl_crystal.pdbx_crystal_image_format   ? 
_exptl_crystal.pdbx_mosaicity              ? 
_exptl_crystal.pdbx_mosaicity_esd          ? 
# 
_exptl_crystal_grow.apparatus       ? 
_exptl_crystal_grow.atmosphere      ? 
_exptl_crystal_grow.crystal_id      1 
_exptl_crystal_grow.details         ? 
_exptl_crystal_grow.method          'VAPOR DIFFUSION, HANGING DROP' 
_exptl_crystal_grow.method_ref      ? 
_exptl_crystal_grow.pH              6.5 
_exptl_crystal_grow.pressure        ? 
_exptl_crystal_grow.pressure_esd    ? 
_exptl_crystal_grow.seeding         ? 
_exptl_crystal_grow.seeding_ref     ? 
_exptl_crystal_grow.temp            293 
_exptl_crystal_grow.temp_details    ? 
_exptl_crystal_grow.temp_esd        ? 
_exptl_crystal_grow.time            ? 
_exptl_crystal_grow.pdbx_details    '0.1M BisTris pH 6-7, 1.7-2.1M Ammonium sulphate' 
_exptl_crystal_grow.pdbx_pH_range   6-7 
# 
_diffrn.ambient_environment              ? 
_diffrn.ambient_temp                     100 
_diffrn.ambient_temp_details             ? 
_diffrn.ambient_temp_esd                 ? 
_diffrn.crystal_id                       1 
_diffrn.crystal_support                  ? 
_diffrn.crystal_treatment                ? 
_diffrn.details                          ? 
_diffrn.id                               1 
_diffrn.ambient_pressure                 ? 
_diffrn.ambient_pressure_esd             ? 
_diffrn.ambient_pressure_gt              ? 
_diffrn.ambient_pressure_lt              ? 
_diffrn.ambient_temp_gt                  ? 
_diffrn.ambient_temp_lt                  ? 
_diffrn.pdbx_serial_crystal_experiment   N 
# 
_diffrn_detector.details                      ? 
_diffrn_detector.detector                     PIXEL 
_diffrn_detector.diffrn_id                    1 
_diffrn_detector.type                         'DECTRIS PILATUS 6M' 
_diffrn_detector.area_resol_mean              ? 
_diffrn_detector.dtime                        ? 
_diffrn_detector.pdbx_frames_total            ? 
_diffrn_detector.pdbx_collection_time_total   ? 
_diffrn_detector.pdbx_collection_date         2019-09-25 
_diffrn_detector.pdbx_frequency               ? 
# 
_diffrn_radiation.collimation                      ? 
_diffrn_radiation.diffrn_id                        1 
_diffrn_radiation.filter_edge                      ? 
_diffrn_radiation.inhomogeneity                    ? 
_diffrn_radiation.monochromator                    ? 
_diffrn_radiation.polarisn_norm                    ? 
_diffrn_radiation.polarisn_ratio                   ? 
_diffrn_radiation.probe                            ? 
_diffrn_radiation.type                             ? 
_diffrn_radiation.xray_symbol                      ? 
_diffrn_radiation.wavelength_id                    1 
_diffrn_radiation.pdbx_monochromatic_or_laue_m_l   M 
_diffrn_radiation.pdbx_wavelength_list             ? 
_diffrn_radiation.pdbx_wavelength                  ? 
_diffrn_radiation.pdbx_diffrn_protocol             'SINGLE WAVELENGTH' 
_diffrn_radiation.pdbx_analyzer                    ? 
_diffrn_radiation.pdbx_scattering_type             x-ray 
# 
_diffrn_radiation_wavelength.id           1 
_diffrn_radiation_wavelength.wavelength   0.9116 
_diffrn_radiation_wavelength.wt           1.0 
# 
_diffrn_source.current                     ? 
_diffrn_source.details                     ? 
_diffrn_source.diffrn_id                   1 
_diffrn_source.power                       ? 
_diffrn_source.size                        ? 
_diffrn_source.source                      SYNCHROTRON 
_diffrn_source.target                      ? 
_diffrn_source.type                        'DIAMOND BEAMLINE I04-1' 
_diffrn_source.voltage                     ? 
_diffrn_source.take-off_angle              ? 
_diffrn_source.pdbx_wavelength_list        0.9116 
_diffrn_source.pdbx_wavelength             ? 
_diffrn_source.pdbx_synchrotron_beamline   I04-1 
_diffrn_source.pdbx_synchrotron_site       Diamond 
# 
_reflns.B_iso_Wilson_estimate                          ? 
_reflns.entry_id                                       7Z9J 
_reflns.data_reduction_details                         ? 
_reflns.data_reduction_method                          ? 
_reflns.d_resolution_high                              1.90 
_reflns.d_resolution_low                               48.80 
_reflns.details                                        ? 
_reflns.limit_h_max                                    ? 
_reflns.limit_h_min                                    ? 
_reflns.limit_k_max                                    ? 
_reflns.limit_k_min                                    ? 
_reflns.limit_l_max                                    ? 
_reflns.limit_l_min                                    ? 
_reflns.number_all                                     ? 
_reflns.number_obs                                     21195 
_reflns.observed_criterion                             ? 
_reflns.observed_criterion_F_max                       ? 
_reflns.observed_criterion_F_min                       ? 
_reflns.observed_criterion_I_max                       ? 
_reflns.observed_criterion_I_min                       ? 
_reflns.observed_criterion_sigma_F                     ? 
_reflns.observed_criterion_sigma_I                     ? 
_reflns.percent_possible_obs                           100.0 
_reflns.R_free_details                                 ? 
_reflns.Rmerge_F_all                                   ? 
_reflns.Rmerge_F_obs                                   ? 
_reflns.Friedel_coverage                               ? 
_reflns.number_gt                                      ? 
_reflns.threshold_expression                           ? 
_reflns.pdbx_redundancy                                38.9 
_reflns.pdbx_Rmerge_I_obs                              0.259 
_reflns.pdbx_Rmerge_I_all                              ? 
_reflns.pdbx_Rsym_value                                ? 
_reflns.pdbx_netI_over_av_sigmaI                       ? 
_reflns.pdbx_netI_over_sigmaI                          14.3 
_reflns.pdbx_res_netI_over_av_sigmaI_2                 ? 
_reflns.pdbx_res_netI_over_sigmaI_2                    ? 
_reflns.pdbx_chi_squared                               ? 
_reflns.pdbx_scaling_rejects                           ? 
_reflns.pdbx_d_res_high_opt                            ? 
_reflns.pdbx_d_res_low_opt                             ? 
_reflns.pdbx_d_res_opt_method                          ? 
_reflns.phase_calculation_details                      ? 
_reflns.pdbx_Rrim_I_all                                0.266 
_reflns.pdbx_Rpim_I_all                                0.058 
_reflns.pdbx_d_opt                                     ? 
_reflns.pdbx_number_measured_all                       ? 
_reflns.pdbx_diffrn_id                                 1 
_reflns.pdbx_ordinal                                   1 
_reflns.pdbx_CC_half                                   0.999 
_reflns.pdbx_CC_star                                   ? 
_reflns.pdbx_R_split                                   ? 
_reflns.pdbx_aniso_diffraction_limit_axis_1_ortho[1]   ? 
_reflns.pdbx_aniso_diffraction_limit_axis_1_ortho[2]   ? 
_reflns.pdbx_aniso_diffraction_limit_axis_1_ortho[3]   ? 
_reflns.pdbx_aniso_diffraction_limit_axis_2_ortho[1]   ? 
_reflns.pdbx_aniso_diffraction_limit_axis_2_ortho[2]   ? 
_reflns.pdbx_aniso_diffraction_limit_axis_2_ortho[3]   ? 
_reflns.pdbx_aniso_diffraction_limit_axis_3_ortho[1]   ? 
_reflns.pdbx_aniso_diffraction_limit_axis_3_ortho[2]   ? 
_reflns.pdbx_aniso_diffraction_limit_axis_3_ortho[3]   ? 
_reflns.pdbx_aniso_diffraction_limit_1                 ? 
_reflns.pdbx_aniso_diffraction_limit_2                 ? 
_reflns.pdbx_aniso_diffraction_limit_3                 ? 
_reflns.pdbx_aniso_B_tensor_eigenvector_1_ortho[1]     ? 
_reflns.pdbx_aniso_B_tensor_eigenvector_1_ortho[2]     ? 
_reflns.pdbx_aniso_B_tensor_eigenvector_1_ortho[3]     ? 
_reflns.pdbx_aniso_B_tensor_eigenvector_2_ortho[1]     ? 
_reflns.pdbx_aniso_B_tensor_eigenvector_2_ortho[2]     ? 
_reflns.pdbx_aniso_B_tensor_eigenvector_2_ortho[3]     ? 
_reflns.pdbx_aniso_B_tensor_eigenvector_3_ortho[1]     ? 
_reflns.pdbx_aniso_B_tensor_eigenvector_3_ortho[2]     ? 
_reflns.pdbx_aniso_B_tensor_eigenvector_3_ortho[3]     ? 
_reflns.pdbx_aniso_B_tensor_eigenvalue_1               ? 
_reflns.pdbx_aniso_B_tensor_eigenvalue_2               ? 
_reflns.pdbx_aniso_B_tensor_eigenvalue_3               ? 
_reflns.pdbx_orthogonalization_convention              ? 
_reflns.pdbx_percent_possible_ellipsoidal              ? 
_reflns.pdbx_percent_possible_spherical                ? 
_reflns.pdbx_percent_possible_ellipsoidal_anomalous    ? 
_reflns.pdbx_percent_possible_spherical_anomalous      ? 
_reflns.pdbx_redundancy_anomalous                      ? 
_reflns.pdbx_CC_half_anomalous                         ? 
_reflns.pdbx_absDiff_over_sigma_anomalous              ? 
_reflns.pdbx_percent_possible_anomalous                ? 
_reflns.pdbx_observed_signal_threshold                 ? 
_reflns.pdbx_signal_type                               ? 
_reflns.pdbx_signal_details                            ? 
_reflns.pdbx_signal_software_id                        ? 
# 
loop_
_reflns_shell.d_res_high 
_reflns_shell.d_res_low 
_reflns_shell.meanI_over_sigI_all 
_reflns_shell.meanI_over_sigI_obs 
_reflns_shell.number_measured_all 
_reflns_shell.number_measured_obs 
_reflns_shell.number_possible 
_reflns_shell.number_unique_all 
_reflns_shell.number_unique_obs 
_reflns_shell.percent_possible_all 
_reflns_shell.percent_possible_obs 
_reflns_shell.Rmerge_F_all 
_reflns_shell.Rmerge_F_obs 
_reflns_shell.Rmerge_I_all 
_reflns_shell.Rmerge_I_obs 
_reflns_shell.meanI_over_sigI_gt 
_reflns_shell.meanI_over_uI_all 
_reflns_shell.meanI_over_uI_gt 
_reflns_shell.number_measured_gt 
_reflns_shell.number_unique_gt 
_reflns_shell.percent_possible_gt 
_reflns_shell.Rmerge_F_gt 
_reflns_shell.Rmerge_I_gt 
_reflns_shell.pdbx_redundancy 
_reflns_shell.pdbx_Rsym_value 
_reflns_shell.pdbx_chi_squared 
_reflns_shell.pdbx_netI_over_sigmaI_all 
_reflns_shell.pdbx_netI_over_sigmaI_obs 
_reflns_shell.pdbx_Rrim_I_all 
_reflns_shell.pdbx_Rpim_I_all 
_reflns_shell.pdbx_rejects 
_reflns_shell.pdbx_ordinal 
_reflns_shell.pdbx_diffrn_id 
_reflns_shell.pdbx_CC_half 
_reflns_shell.pdbx_CC_star 
_reflns_shell.pdbx_R_split 
_reflns_shell.pdbx_percent_possible_ellipsoidal 
_reflns_shell.pdbx_percent_possible_spherical 
_reflns_shell.pdbx_percent_possible_ellipsoidal_anomalous 
_reflns_shell.pdbx_percent_possible_spherical_anomalous 
_reflns_shell.pdbx_redundancy_anomalous 
_reflns_shell.pdbx_CC_half_anomalous 
_reflns_shell.pdbx_absDiff_over_sigma_anomalous 
_reflns_shell.pdbx_percent_possible_anomalous 
9.11 48.80 ? ? ? ? ? ? 261  ? ? ? ? ? 0.149 ? ? ? ? ? ? ? ? 27.7 ? ? ? ? 0.153 0.034 ? 1 1 0.999 ? ? ? ? ? ? ? ? ? ? 
1.90 1.94  ? ? ? ? ? ? 1325 ? ? ? ? ? 5.046 ? ? ? ? ? ? ? ? 38.5 ? ? ? ? 5.174 1.142 ? 2 1 0.726 ? ? ? ? ? ? ? ? ? ? 
# 
_refine.aniso_B[1][1]                            -0.240 
_refine.aniso_B[1][2]                            -0.120 
_refine.aniso_B[1][3]                            -0.000 
_refine.aniso_B[2][2]                            -0.240 
_refine.aniso_B[2][3]                            0.000 
_refine.aniso_B[3][3]                            0.779 
_refine.B_iso_max                                ? 
_refine.B_iso_mean                               36.854 
_refine.B_iso_min                                ? 
_refine.correlation_coeff_Fo_to_Fc               0.960 
_refine.correlation_coeff_Fo_to_Fc_free          0.944 
_refine.details                                  'Hydrogens have been added in their riding positions' 
_refine.diff_density_max                         ? 
_refine.diff_density_max_esd                     ? 
_refine.diff_density_min                         ? 
_refine.diff_density_min_esd                     ? 
_refine.diff_density_rms                         ? 
_refine.diff_density_rms_esd                     ? 
_refine.entry_id                                 7Z9J 
_refine.pdbx_refine_id                           'X-RAY DIFFRACTION' 
_refine.ls_abs_structure_details                 ? 
_refine.ls_abs_structure_Flack                   ? 
_refine.ls_abs_structure_Flack_esd               ? 
_refine.ls_abs_structure_Rogers                  ? 
_refine.ls_abs_structure_Rogers_esd              ? 
_refine.ls_d_res_high                            1.900 
_refine.ls_d_res_low                             48.80 
_refine.ls_extinction_coef                       ? 
_refine.ls_extinction_coef_esd                   ? 
_refine.ls_extinction_expression                 ? 
_refine.ls_extinction_method                     ? 
_refine.ls_goodness_of_fit_all                   ? 
_refine.ls_goodness_of_fit_all_esd               ? 
_refine.ls_goodness_of_fit_obs                   ? 
_refine.ls_goodness_of_fit_obs_esd               ? 
_refine.ls_hydrogen_treatment                    ? 
_refine.ls_matrix_type                           ? 
_refine.ls_number_constraints                    ? 
_refine.ls_number_parameters                     ? 
_refine.ls_number_reflns_all                     ? 
_refine.ls_number_reflns_obs                     21134 
_refine.ls_number_reflns_R_free                  1026 
_refine.ls_number_reflns_R_work                  20108 
_refine.ls_number_restraints                     ? 
_refine.ls_percent_reflns_obs                    99.986 
_refine.ls_percent_reflns_R_free                 4.855 
_refine.ls_R_factor_all                          0.191 
_refine.ls_R_factor_obs                          ? 
_refine.ls_R_factor_R_free                       0.2213 
_refine.ls_R_factor_R_free_error                 ? 
_refine.ls_R_factor_R_free_error_details         ? 
_refine.ls_R_factor_R_work                       0.1891 
_refine.ls_R_Fsqd_factor_obs                     ? 
_refine.ls_R_I_factor_obs                        ? 
_refine.ls_redundancy_reflns_all                 ? 
_refine.ls_redundancy_reflns_obs                 ? 
_refine.ls_restrained_S_all                      ? 
_refine.ls_restrained_S_obs                      ? 
_refine.ls_shift_over_esd_max                    ? 
_refine.ls_shift_over_esd_mean                   ? 
_refine.ls_structure_factor_coef                 ? 
_refine.ls_weighting_details                     ? 
_refine.ls_weighting_scheme                      ? 
_refine.ls_wR_factor_all                         ? 
_refine.ls_wR_factor_obs                         ? 
_refine.ls_wR_factor_R_free                      ? 
_refine.ls_wR_factor_R_work                      ? 
_refine.occupancy_max                            ? 
_refine.occupancy_min                            ? 
_refine.solvent_model_details                    'MASK BULK SOLVENT' 
_refine.solvent_model_param_bsol                 ? 
_refine.solvent_model_param_ksol                 ? 
_refine.pdbx_R_complete                          ? 
_refine.ls_R_factor_gt                           ? 
_refine.ls_goodness_of_fit_gt                    ? 
_refine.ls_goodness_of_fit_ref                   ? 
_refine.ls_shift_over_su_max                     ? 
_refine.ls_shift_over_su_max_lt                  ? 
_refine.ls_shift_over_su_mean                    ? 
_refine.ls_shift_over_su_mean_lt                 ? 
_refine.pdbx_ls_sigma_I                          ? 
_refine.pdbx_ls_sigma_F                          ? 
_refine.pdbx_ls_sigma_Fsqd                       ? 
_refine.pdbx_data_cutoff_high_absF               ? 
_refine.pdbx_data_cutoff_high_rms_absF           ? 
_refine.pdbx_data_cutoff_low_absF                ? 
_refine.pdbx_isotropic_thermal_model             ? 
_refine.pdbx_ls_cross_valid_method               'FREE R-VALUE' 
_refine.pdbx_method_to_determine_struct          'MOLECULAR REPLACEMENT' 
_refine.pdbx_starting_model                      3DAI 
_refine.pdbx_stereochemistry_target_values       ? 
_refine.pdbx_R_Free_selection_details            ? 
_refine.pdbx_stereochem_target_val_spec_case     ? 
_refine.pdbx_overall_ESU_R                       0.113 
_refine.pdbx_overall_ESU_R_Free                  0.112 
_refine.pdbx_solvent_vdw_probe_radii             1.200 
_refine.pdbx_solvent_ion_probe_radii             0.800 
_refine.pdbx_solvent_shrinkage_radii             0.800 
_refine.pdbx_real_space_R                        ? 
_refine.pdbx_density_correlation                 ? 
_refine.pdbx_pd_number_of_powder_patterns        ? 
_refine.pdbx_pd_number_of_points                 ? 
_refine.pdbx_pd_meas_number_of_points            ? 
_refine.pdbx_pd_proc_ls_prof_R_factor            ? 
_refine.pdbx_pd_proc_ls_prof_wR_factor           ? 
_refine.pdbx_pd_Marquardt_correlation_coeff      ? 
_refine.pdbx_pd_Fsqrd_R_factor                   ? 
_refine.pdbx_pd_ls_matrix_band_width             ? 
_refine.pdbx_overall_phase_error                 ? 
_refine.pdbx_overall_SU_R_free_Cruickshank_DPI   ? 
_refine.pdbx_overall_SU_R_free_Blow_DPI          ? 
_refine.pdbx_overall_SU_R_Blow_DPI               ? 
_refine.pdbx_TLS_residual_ADP_flag               ? 
_refine.pdbx_diffrn_id                           1 
_refine.overall_SU_B                             2.439 
_refine.overall_SU_ML                            0.073 
_refine.overall_SU_R_Cruickshank_DPI             ? 
_refine.overall_SU_R_free                        ? 
_refine.overall_FOM_free_R_set                   ? 
_refine.overall_FOM_work_R_set                   ? 
_refine.pdbx_average_fsc_overall                 ? 
_refine.pdbx_average_fsc_work                    ? 
_refine.pdbx_average_fsc_free                    ? 
# 
_refine_hist.pdbx_refine_id                   'X-RAY DIFFRACTION' 
_refine_hist.cycle_id                         LAST 
_refine_hist.details                          ? 
_refine_hist.d_res_high                       1.900 
_refine_hist.d_res_low                        48.80 
_refine_hist.number_atoms_solvent             180 
_refine_hist.number_atoms_total               1306 
_refine_hist.number_reflns_all                ? 
_refine_hist.number_reflns_obs                ? 
_refine_hist.number_reflns_R_free             ? 
_refine_hist.number_reflns_R_work             ? 
_refine_hist.R_factor_all                     ? 
_refine_hist.R_factor_obs                     ? 
_refine_hist.R_factor_R_free                  ? 
_refine_hist.R_factor_R_work                  ? 
_refine_hist.pdbx_number_residues_total       ? 
_refine_hist.pdbx_B_iso_mean_ligand           ? 
_refine_hist.pdbx_B_iso_mean_solvent          ? 
_refine_hist.pdbx_number_atoms_protein        1084 
_refine_hist.pdbx_number_atoms_nucleic_acid   0 
_refine_hist.pdbx_number_atoms_ligand         42 
_refine_hist.pdbx_number_atoms_lipid          ? 
_refine_hist.pdbx_number_atoms_carb           ? 
_refine_hist.pdbx_pseudo_atom_details         ? 
# 
loop_
_refine_ls_restr.pdbx_refine_id 
_refine_ls_restr.criterion 
_refine_ls_restr.dev_ideal 
_refine_ls_restr.dev_ideal_target 
_refine_ls_restr.number 
_refine_ls_restr.rejects 
_refine_ls_restr.type 
_refine_ls_restr.weight 
_refine_ls_restr.pdbx_restraint_function 
'X-RAY DIFFRACTION' ? 0.013  0.012  1224 ? r_bond_refined_d               ? ? 
'X-RAY DIFFRACTION' ? 1.867  1.664  1654 ? r_angle_refined_deg            ? ? 
'X-RAY DIFFRACTION' ? 5.180  5.000  147  ? r_dihedral_angle_1_deg         ? ? 
'X-RAY DIFFRACTION' ? 34.575 20.230 87   ? r_dihedral_angle_2_deg         ? ? 
'X-RAY DIFFRACTION' ? 15.872 15.000 226  ? r_dihedral_angle_3_deg         ? ? 
'X-RAY DIFFRACTION' ? 18.211 15.000 16   ? r_dihedral_angle_4_deg         ? ? 
'X-RAY DIFFRACTION' ? 0.119  0.200  155  ? r_chiral_restr                 ? ? 
'X-RAY DIFFRACTION' ? 0.012  0.020  973  ? r_gen_planes_refined           ? ? 
'X-RAY DIFFRACTION' ? 0.229  0.200  616  ? r_nbd_refined                  ? ? 
'X-RAY DIFFRACTION' ? 0.315  0.200  826  ? r_nbtor_refined                ? ? 
'X-RAY DIFFRACTION' ? 0.213  0.200  150  ? r_xyhbond_nbd_refined          ? ? 
'X-RAY DIFFRACTION' ? 0.409  0.200  44   ? r_symmetry_nbd_refined         ? ? 
'X-RAY DIFFRACTION' ? 0.192  0.200  21   ? r_symmetry_xyhbond_nbd_refined ? ? 
'X-RAY DIFFRACTION' ? 3.188  3.192  564  ? r_mcbond_it                    ? ? 
'X-RAY DIFFRACTION' ? 4.207  4.749  719  ? r_mcangle_it                   ? ? 
'X-RAY DIFFRACTION' ? 5.634  3.723  660  ? r_scbond_it                    ? ? 
'X-RAY DIFFRACTION' ? 7.397  5.381  935  ? r_scangle_it                   ? ? 
'X-RAY DIFFRACTION' ? 9.848  45.520 1997 ? r_lrange_it                    ? ? 
# 
loop_
_refine_ls_shell.pdbx_refine_id 
_refine_ls_shell.d_res_high 
_refine_ls_shell.d_res_low 
_refine_ls_shell.number_reflns_all 
_refine_ls_shell.number_reflns_obs 
_refine_ls_shell.number_reflns_R_free 
_refine_ls_shell.number_reflns_R_work 
_refine_ls_shell.percent_reflns_obs 
_refine_ls_shell.percent_reflns_R_free 
_refine_ls_shell.R_factor_all 
_refine_ls_shell.R_factor_obs 
_refine_ls_shell.R_factor_R_free 
_refine_ls_shell.R_factor_R_free_error 
_refine_ls_shell.R_factor_R_work 
_refine_ls_shell.redundancy_reflns_all 
_refine_ls_shell.redundancy_reflns_obs 
_refine_ls_shell.wR_factor_all 
_refine_ls_shell.wR_factor_obs 
_refine_ls_shell.wR_factor_R_free 
_refine_ls_shell.wR_factor_R_work 
_refine_ls_shell.pdbx_R_complete 
_refine_ls_shell.pdbx_total_number_of_bins_used 
_refine_ls_shell.pdbx_phase_error 
_refine_ls_shell.pdbx_fsc_work 
_refine_ls_shell.pdbx_fsc_free 
'X-RAY DIFFRACTION' 1.900 1.949 . . 69 1439 100.0000 . . . 0.234 . 0.244 . . . . . . . . . . . 
'X-RAY DIFFRACTION' 1.949 2.003 . . 68 1421 100.0000 . . . 0.253 . 0.232 . . . . . . . . . . . 
'X-RAY DIFFRACTION' 2.003 2.061 . . 62 1373 100.0000 . . . 0.263 . 0.211 . . . . . . . . . . . 
'X-RAY DIFFRACTION' 2.061 2.124 . . 54 1366 100.0000 . . . 0.162 . 0.197 . . . . . . . . . . . 
'X-RAY DIFFRACTION' 2.124 2.194 . . 74 1289 100.0000 . . . 0.217 . 0.183 . . . . . . . . . . . 
'X-RAY DIFFRACTION' 2.194 2.271 . . 67 1268 100.0000 . . . 0.183 . 0.175 . . . . . . . . . . . 
'X-RAY DIFFRACTION' 2.271 2.357 . . 47 1231 100.0000 . . . 0.181 . 0.168 . . . . . . . . . . . 
'X-RAY DIFFRACTION' 2.357 2.453 . . 63 1174 100.0000 . . . 0.253 . 0.202 . . . . . . . . . . . 
'X-RAY DIFFRACTION' 2.453 2.562 . . 66 1122 100.0000 . . . 0.333 . 0.196 . . . . . . . . . . . 
'X-RAY DIFFRACTION' 2.562 2.687 . . 63 1074 100.0000 . . . 0.236 . 0.195 . . . . . . . . . . . 
'X-RAY DIFFRACTION' 2.687 2.832 . . 51 1047 100.0000 . . . 0.305 . 0.206 . . . . . . . . . . . 
'X-RAY DIFFRACTION' 2.832 3.004 . . 57 983  100.0000 . . . 0.202 . 0.208 . . . . . . . . . . . 
'X-RAY DIFFRACTION' 3.004 3.211 . . 50 926  100.0000 . . . 0.210 . 0.192 . . . . . . . . . . . 
'X-RAY DIFFRACTION' 3.211 3.468 . . 50 877  100.0000 . . . 0.213 . 0.185 . . . . . . . . . . . 
'X-RAY DIFFRACTION' 3.468 3.799 . . 36 801  99.8807  . . . 0.134 . 0.165 . . . . . . . . . . . 
'X-RAY DIFFRACTION' 3.799 4.247 . . 39 736  100.0000 . . . 0.232 . 0.151 . . . . . . . . . . . 
'X-RAY DIFFRACTION' 4.247 4.903 . . 35 663  100.0000 . . . 0.171 . 0.159 . . . . . . . . . . . 
'X-RAY DIFFRACTION' 4.903 6.003 . . 37 571  100.0000 . . . 0.189 . 0.186 . . . . . . . . . . . 
'X-RAY DIFFRACTION' 6.003 8.482 . . 24 458  100.0000 . . . 0.295 . 0.224 . . . . . . . . . . . 
'X-RAY DIFFRACTION' 8.482 48.80 . . 14 289  99.3443  . . . 0.330 . 0.225 . . . . . . . . . . . 
# 
_struct.entry_id                     7Z9J 
_struct.title                        'ATAD2 in complex with PepLite-Gly' 
_struct.pdbx_model_details           ? 
_struct.pdbx_formula_weight          ? 
_struct.pdbx_formula_weight_method   ? 
_struct.pdbx_model_type_details      ? 
_struct.pdbx_CASP_flag               N 
# 
_struct_keywords.entry_id        7Z9J 
_struct_keywords.text            'ATAD2, INHIBITOR, FRAGMENT, BROMODOMAIN, FRAGLITE, TRANSCRIPTION' 
_struct_keywords.pdbx_keywords   TRANSCRIPTION 
# 
loop_
_struct_asym.id 
_struct_asym.pdbx_blank_PDB_chainid_flag 
_struct_asym.pdbx_modified 
_struct_asym.entity_id 
_struct_asym.details 
A N N 1 ? 
B N N 2 ? 
C N N 3 ? 
D N N 4 ? 
E N N 5 ? 
F N N 5 ? 
G N N 5 ? 
H N N 5 ? 
I N N 5 ? 
J N N 2 ? 
K N N 6 ? 
# 
_struct_ref.id                         1 
_struct_ref.db_name                    UNP 
_struct_ref.db_code                    ATAD2_HUMAN 
_struct_ref.pdbx_db_accession          Q6PL18 
_struct_ref.pdbx_db_isoform            ? 
_struct_ref.entity_id                  1 
_struct_ref.pdbx_seq_one_letter_code   
;QEEDTFRELRIFLRNVTHRLAIDKRFRVFTKPVDPDEVPDYVTVIKQPMDLSSVISKIDLHKYLTVKDYLRDIDLICSNA
LEYNPDRDPGDRLIRHRACALRDTAYAIIKEELDEDFEQLCEEIQESR
;
_struct_ref.pdbx_align_begin           981 
# 
_struct_ref_seq.align_id                      1 
_struct_ref_seq.ref_id                        1 
_struct_ref_seq.pdbx_PDB_id_code              7Z9J 
_struct_ref_seq.pdbx_strand_id                AAA 
_struct_ref_seq.seq_align_beg                 3 
_struct_ref_seq.pdbx_seq_align_beg_ins_code   ? 
_struct_ref_seq.seq_align_end                 130 
_struct_ref_seq.pdbx_seq_align_end_ins_code   ? 
_struct_ref_seq.pdbx_db_accession             Q6PL18 
_struct_ref_seq.db_align_beg                  981 
_struct_ref_seq.pdbx_db_align_beg_ins_code    ? 
_struct_ref_seq.db_align_end                  1108 
_struct_ref_seq.pdbx_db_align_end_ins_code    ? 
_struct_ref_seq.pdbx_auth_seq_align_beg       981 
_struct_ref_seq.pdbx_auth_seq_align_end       1108 
# 
loop_
_struct_ref_seq_dif.align_id 
_struct_ref_seq_dif.pdbx_pdb_id_code 
_struct_ref_seq_dif.mon_id 
_struct_ref_seq_dif.pdbx_pdb_strand_id 
_struct_ref_seq_dif.seq_num 
_struct_ref_seq_dif.pdbx_pdb_ins_code 
_struct_ref_seq_dif.pdbx_seq_db_name 
_struct_ref_seq_dif.pdbx_seq_db_accession_code 
_struct_ref_seq_dif.db_mon_id 
_struct_ref_seq_dif.pdbx_seq_db_seq_num 
_struct_ref_seq_dif.details 
_struct_ref_seq_dif.pdbx_auth_seq_num 
_struct_ref_seq_dif.pdbx_ordinal 
1 7Z9J SER AAA 1 ? UNP Q6PL18 ? ? 'expression tag' 979 1 
1 7Z9J MET AAA 2 ? UNP Q6PL18 ? ? 'expression tag' 980 2 
# 
_pdbx_struct_assembly.id                   1 
_pdbx_struct_assembly.details              software_defined_assembly 
_pdbx_struct_assembly.method_details       PISA 
_pdbx_struct_assembly.oligomeric_details   monomeric 
_pdbx_struct_assembly.oligomeric_count     1 
# 
loop_
_pdbx_struct_assembly_prop.biol_id 
_pdbx_struct_assembly_prop.type 
_pdbx_struct_assembly_prop.value 
_pdbx_struct_assembly_prop.details 
1 'ABSA (A^2)' 1280 ? 
1 MORE         -7   ? 
1 'SSA (A^2)'  8330 ? 
# 
_pdbx_struct_assembly_gen.assembly_id       1 
_pdbx_struct_assembly_gen.oper_expression   1 
_pdbx_struct_assembly_gen.asym_id_list      A,B,C,D,E,F,G,H,I,J,K 
# 
_pdbx_struct_assembly_auth_evidence.id                     1 
_pdbx_struct_assembly_auth_evidence.assembly_id            1 
_pdbx_struct_assembly_auth_evidence.experimental_support   'gel filtration' 
_pdbx_struct_assembly_auth_evidence.details                ? 
# 
_pdbx_struct_oper_list.id                   1 
_pdbx_struct_oper_list.type                 'identity operation' 
_pdbx_struct_oper_list.name                 1_555 
_pdbx_struct_oper_list.symmetry_operation   x,y,z 
_pdbx_struct_oper_list.matrix[1][1]         1.0000000000 
_pdbx_struct_oper_list.matrix[1][2]         0.0000000000 
_pdbx_struct_oper_list.matrix[1][3]         0.0000000000 
_pdbx_struct_oper_list.vector[1]            0.0000000000 
_pdbx_struct_oper_list.matrix[2][1]         0.0000000000 
_pdbx_struct_oper_list.matrix[2][2]         1.0000000000 
_pdbx_struct_oper_list.matrix[2][3]         0.0000000000 
_pdbx_struct_oper_list.vector[2]            0.0000000000 
_pdbx_struct_oper_list.matrix[3][1]         0.0000000000 
_pdbx_struct_oper_list.matrix[3][2]         0.0000000000 
_pdbx_struct_oper_list.matrix[3][3]         1.0000000000 
_pdbx_struct_oper_list.vector[3]            0.0000000000 
# 
loop_
_struct_conf.conf_type_id 
_struct_conf.id 
_struct_conf.pdbx_PDB_helix_id 
_struct_conf.beg_label_comp_id 
_struct_conf.beg_label_asym_id 
_struct_conf.beg_label_seq_id 
_struct_conf.pdbx_beg_PDB_ins_code 
_struct_conf.end_label_comp_id 
_struct_conf.end_label_asym_id 
_struct_conf.end_label_seq_id 
_struct_conf.pdbx_end_PDB_ins_code 
_struct_conf.beg_auth_comp_id 
_struct_conf.beg_auth_asym_id 
_struct_conf.beg_auth_seq_id 
_struct_conf.end_auth_comp_id 
_struct_conf.end_auth_asym_id 
_struct_conf.end_auth_seq_id 
_struct_conf.pdbx_PDB_helix_class 
_struct_conf.details 
_struct_conf.pdbx_PDB_helix_length 
HELX_P HELX_P1 AA1 SER A 1   ? ILE A 24  ? SER AAA 979  ILE AAA 1002 1 ? 24 
HELX_P HELX_P2 AA2 ASP A 25  ? THR A 32  ? ASP AAA 1003 THR AAA 1010 5 ? 8  
HELX_P HELX_P3 AA3 ASP A 42  ? ILE A 47  ? ASP AAA 1020 ILE AAA 1025 1 ? 6  
HELX_P HELX_P4 AA4 ASP A 52  ? LEU A 62  ? ASP AAA 1030 LEU AAA 1040 1 ? 11 
HELX_P HELX_P5 AA5 THR A 67  ? ASN A 86  ? THR AAA 1045 ASN AAA 1064 1 ? 20 
HELX_P HELX_P6 AA6 ASP A 90  ? LEU A 115 ? ASP AAA 1068 LEU AAA 1093 1 ? 26 
HELX_P HELX_P7 AA7 ASP A 116 ? ARG A 130 ? ASP AAA 1094 ARG AAA 1108 1 ? 15 
# 
_struct_conf_type.id          HELX_P 
_struct_conf_type.criteria    ? 
_struct_conf_type.reference   ? 
# 
_pdbx_entry_details.entry_id                   7Z9J 
_pdbx_entry_details.has_ligand_of_interest     Y 
_pdbx_entry_details.compound_details           ? 
_pdbx_entry_details.source_details             ? 
_pdbx_entry_details.nonpolymer_details         ? 
_pdbx_entry_details.sequence_details           ? 
_pdbx_entry_details.has_protein_modification   N 
# 
loop_
_pdbx_validate_close_contact.id 
_pdbx_validate_close_contact.PDB_model_num 
_pdbx_validate_close_contact.auth_atom_id_1 
_pdbx_validate_close_contact.auth_asym_id_1 
_pdbx_validate_close_contact.auth_comp_id_1 
_pdbx_validate_close_contact.auth_seq_id_1 
_pdbx_validate_close_contact.PDB_ins_code_1 
_pdbx_validate_close_contact.label_alt_id_1 
_pdbx_validate_close_contact.auth_atom_id_2 
_pdbx_validate_close_contact.auth_asym_id_2 
_pdbx_validate_close_contact.auth_comp_id_2 
_pdbx_validate_close_contact.auth_seq_id_2 
_pdbx_validate_close_contact.PDB_ins_code_2 
_pdbx_validate_close_contact.label_alt_id_2 
_pdbx_validate_close_contact.dist 
1 1 SG  AAA CYS 1079 ? ? C2 AAA IIY 1203 ? ? 1.73 
2 1 OD2 AAA ASP 1020 ? ? O  AAA HOH 1301 ? ? 2.09 
3 1 O   AAA HOH 1379 ? ? O  AAA HOH 1418 ? ? 2.12 
4 1 OD1 AAA ASP 1066 ? ? O  AAA HOH 1302 ? ? 2.13 
# 
_pdbx_validate_symm_contact.id                1 
_pdbx_validate_symm_contact.PDB_model_num     1 
_pdbx_validate_symm_contact.auth_atom_id_1    O 
_pdbx_validate_symm_contact.auth_asym_id_1    AAA 
_pdbx_validate_symm_contact.auth_comp_id_1    GLN 
_pdbx_validate_symm_contact.auth_seq_id_1     981 
_pdbx_validate_symm_contact.PDB_ins_code_1    ? 
_pdbx_validate_symm_contact.label_alt_id_1    ? 
_pdbx_validate_symm_contact.site_symmetry_1   1_555 
_pdbx_validate_symm_contact.auth_atom_id_2    C7 
_pdbx_validate_symm_contact.auth_asym_id_2    AAA 
_pdbx_validate_symm_contact.auth_comp_id_2    IIY 
_pdbx_validate_symm_contact.auth_seq_id_2     1203 
_pdbx_validate_symm_contact.PDB_ins_code_2    ? 
_pdbx_validate_symm_contact.label_alt_id_2    ? 
_pdbx_validate_symm_contact.site_symmetry_2   8_665 
_pdbx_validate_symm_contact.dist              1.97 
# 
loop_
_pdbx_validate_rmsd_bond.id 
_pdbx_validate_rmsd_bond.PDB_model_num 
_pdbx_validate_rmsd_bond.auth_atom_id_1 
_pdbx_validate_rmsd_bond.auth_asym_id_1 
_pdbx_validate_rmsd_bond.auth_comp_id_1 
_pdbx_validate_rmsd_bond.auth_seq_id_1 
_pdbx_validate_rmsd_bond.PDB_ins_code_1 
_pdbx_validate_rmsd_bond.label_alt_id_1 
_pdbx_validate_rmsd_bond.auth_atom_id_2 
_pdbx_validate_rmsd_bond.auth_asym_id_2 
_pdbx_validate_rmsd_bond.auth_comp_id_2 
_pdbx_validate_rmsd_bond.auth_seq_id_2 
_pdbx_validate_rmsd_bond.PDB_ins_code_2 
_pdbx_validate_rmsd_bond.label_alt_id_2 
_pdbx_validate_rmsd_bond.bond_value 
_pdbx_validate_rmsd_bond.bond_target_value 
_pdbx_validate_rmsd_bond.bond_deviation 
_pdbx_validate_rmsd_bond.bond_standard_deviation 
_pdbx_validate_rmsd_bond.linker_flag 
1 1 CD AAA GLU 983  ? A OE2 AAA GLU 983  ? A 1.362 1.252 0.110 0.011 N 
2 1 NE AAA ARG 1108 ? ? CZ  AAA ARG 1108 ? ? 1.420 1.326 0.094 0.013 N 
# 
loop_
_pdbx_validate_rmsd_angle.id 
_pdbx_validate_rmsd_angle.PDB_model_num 
_pdbx_validate_rmsd_angle.auth_atom_id_1 
_pdbx_validate_rmsd_angle.auth_asym_id_1 
_pdbx_validate_rmsd_angle.auth_comp_id_1 
_pdbx_validate_rmsd_angle.auth_seq_id_1 
_pdbx_validate_rmsd_angle.PDB_ins_code_1 
_pdbx_validate_rmsd_angle.label_alt_id_1 
_pdbx_validate_rmsd_angle.auth_atom_id_2 
_pdbx_validate_rmsd_angle.auth_asym_id_2 
_pdbx_validate_rmsd_angle.auth_comp_id_2 
_pdbx_validate_rmsd_angle.auth_seq_id_2 
_pdbx_validate_rmsd_angle.PDB_ins_code_2 
_pdbx_validate_rmsd_angle.label_alt_id_2 
_pdbx_validate_rmsd_angle.auth_atom_id_3 
_pdbx_validate_rmsd_angle.auth_asym_id_3 
_pdbx_validate_rmsd_angle.auth_comp_id_3 
_pdbx_validate_rmsd_angle.auth_seq_id_3 
_pdbx_validate_rmsd_angle.PDB_ins_code_3 
_pdbx_validate_rmsd_angle.label_alt_id_3 
_pdbx_validate_rmsd_angle.angle_value 
_pdbx_validate_rmsd_angle.angle_target_value 
_pdbx_validate_rmsd_angle.angle_deviation 
_pdbx_validate_rmsd_angle.angle_standard_deviation 
_pdbx_validate_rmsd_angle.linker_flag 
1 1 NE AAA ARG 987  ? A CZ AAA ARG 987  ? A NH1 AAA ARG 987  ? A 123.44 120.30 3.14  0.50 N 
2 1 NE AAA ARG 987  ? A CZ AAA ARG 987  ? A NH2 AAA ARG 987  ? A 116.18 120.30 -4.12 0.50 N 
3 1 NE AAA ARG 1108 ? ? CZ AAA ARG 1108 ? ? NH1 AAA ARG 1108 ? ? 117.09 120.30 -3.21 0.50 N 
# 
_pdbx_validate_planes.id              1 
_pdbx_validate_planes.PDB_model_num   1 
_pdbx_validate_planes.auth_comp_id    GLU 
_pdbx_validate_planes.auth_asym_id    AAA 
_pdbx_validate_planes.auth_seq_id     983 
_pdbx_validate_planes.PDB_ins_code    ? 
_pdbx_validate_planes.label_alt_id    A 
_pdbx_validate_planes.rmsd            0.125 
_pdbx_validate_planes.type            'SIDE CHAIN' 
# 
_pdbx_struct_special_symmetry.id              1 
_pdbx_struct_special_symmetry.PDB_model_num   1 
_pdbx_struct_special_symmetry.auth_asym_id    AAA 
_pdbx_struct_special_symmetry.auth_comp_id    HOH 
_pdbx_struct_special_symmetry.auth_seq_id     1381 
_pdbx_struct_special_symmetry.PDB_ins_code    ? 
_pdbx_struct_special_symmetry.label_asym_id   K 
_pdbx_struct_special_symmetry.label_comp_id   HOH 
_pdbx_struct_special_symmetry.label_seq_id    . 
# 
_pdbx_distant_solvent_atoms.id                                1 
_pdbx_distant_solvent_atoms.PDB_model_num                     1 
_pdbx_distant_solvent_atoms.auth_atom_id                      O 
_pdbx_distant_solvent_atoms.label_alt_id                      ? 
_pdbx_distant_solvent_atoms.auth_asym_id                      AAA 
_pdbx_distant_solvent_atoms.auth_comp_id                      HOH 
_pdbx_distant_solvent_atoms.auth_seq_id                       1480 
_pdbx_distant_solvent_atoms.PDB_ins_code                      ? 
_pdbx_distant_solvent_atoms.neighbor_macromolecule_distance   6.23 
_pdbx_distant_solvent_atoms.neighbor_ligand_distance          . 
# 
loop_
_chem_comp_atom.comp_id 
_chem_comp_atom.atom_id 
_chem_comp_atom.type_symbol 
_chem_comp_atom.pdbx_aromatic_flag 
_chem_comp_atom.pdbx_stereo_config 
_chem_comp_atom.pdbx_ordinal 
ALA N    N  N N 1   
ALA CA   C  N S 2   
ALA C    C  N N 3   
ALA O    O  N N 4   
ALA CB   C  N N 5   
ALA OXT  O  N N 6   
ALA H    H  N N 7   
ALA H2   H  N N 8   
ALA HA   H  N N 9   
ALA HB1  H  N N 10  
ALA HB2  H  N N 11  
ALA HB3  H  N N 12  
ALA HXT  H  N N 13  
ARG N    N  N N 14  
ARG CA   C  N S 15  
ARG C    C  N N 16  
ARG O    O  N N 17  
ARG CB   C  N N 18  
ARG CG   C  N N 19  
ARG CD   C  N N 20  
ARG NE   N  N N 21  
ARG CZ   C  N N 22  
ARG NH1  N  N N 23  
ARG NH2  N  N N 24  
ARG OXT  O  N N 25  
ARG H    H  N N 26  
ARG H2   H  N N 27  
ARG HA   H  N N 28  
ARG HB2  H  N N 29  
ARG HB3  H  N N 30  
ARG HG2  H  N N 31  
ARG HG3  H  N N 32  
ARG HD2  H  N N 33  
ARG HD3  H  N N 34  
ARG HE   H  N N 35  
ARG HH11 H  N N 36  
ARG HH12 H  N N 37  
ARG HH21 H  N N 38  
ARG HH22 H  N N 39  
ARG HXT  H  N N 40  
ASN N    N  N N 41  
ASN CA   C  N S 42  
ASN C    C  N N 43  
ASN O    O  N N 44  
ASN CB   C  N N 45  
ASN CG   C  N N 46  
ASN OD1  O  N N 47  
ASN ND2  N  N N 48  
ASN OXT  O  N N 49  
ASN H    H  N N 50  
ASN H2   H  N N 51  
ASN HA   H  N N 52  
ASN HB2  H  N N 53  
ASN HB3  H  N N 54  
ASN HD21 H  N N 55  
ASN HD22 H  N N 56  
ASN HXT  H  N N 57  
ASP N    N  N N 58  
ASP CA   C  N S 59  
ASP C    C  N N 60  
ASP O    O  N N 61  
ASP CB   C  N N 62  
ASP CG   C  N N 63  
ASP OD1  O  N N 64  
ASP OD2  O  N N 65  
ASP OXT  O  N N 66  
ASP H    H  N N 67  
ASP H2   H  N N 68  
ASP HA   H  N N 69  
ASP HB2  H  N N 70  
ASP HB3  H  N N 71  
ASP HD2  H  N N 72  
ASP HXT  H  N N 73  
CL  CL   CL N N 74  
CYS N    N  N N 75  
CYS CA   C  N R 76  
CYS C    C  N N 77  
CYS O    O  N N 78  
CYS CB   C  N N 79  
CYS SG   S  N N 80  
CYS OXT  O  N N 81  
CYS H    H  N N 82  
CYS H2   H  N N 83  
CYS HA   H  N N 84  
CYS HB2  H  N N 85  
CYS HB3  H  N N 86  
CYS HG   H  N N 87  
CYS HXT  H  N N 88  
EDO C1   C  N N 89  
EDO O1   O  N N 90  
EDO C2   C  N N 91  
EDO O2   O  N N 92  
EDO H11  H  N N 93  
EDO H12  H  N N 94  
EDO HO1  H  N N 95  
EDO H21  H  N N 96  
EDO H22  H  N N 97  
EDO HO2  H  N N 98  
GLN N    N  N N 99  
GLN CA   C  N S 100 
GLN C    C  N N 101 
GLN O    O  N N 102 
GLN CB   C  N N 103 
GLN CG   C  N N 104 
GLN CD   C  N N 105 
GLN OE1  O  N N 106 
GLN NE2  N  N N 107 
GLN OXT  O  N N 108 
GLN H    H  N N 109 
GLN H2   H  N N 110 
GLN HA   H  N N 111 
GLN HB2  H  N N 112 
GLN HB3  H  N N 113 
GLN HG2  H  N N 114 
GLN HG3  H  N N 115 
GLN HE21 H  N N 116 
GLN HE22 H  N N 117 
GLN HXT  H  N N 118 
GLU N    N  N N 119 
GLU CA   C  N S 120 
GLU C    C  N N 121 
GLU O    O  N N 122 
GLU CB   C  N N 123 
GLU CG   C  N N 124 
GLU CD   C  N N 125 
GLU OE1  O  N N 126 
GLU OE2  O  N N 127 
GLU OXT  O  N N 128 
GLU H    H  N N 129 
GLU H2   H  N N 130 
GLU HA   H  N N 131 
GLU HB2  H  N N 132 
GLU HB3  H  N N 133 
GLU HG2  H  N N 134 
GLU HG3  H  N N 135 
GLU HE2  H  N N 136 
GLU HXT  H  N N 137 
GLY N    N  N N 138 
GLY CA   C  N N 139 
GLY C    C  N N 140 
GLY O    O  N N 141 
GLY OXT  O  N N 142 
GLY H    H  N N 143 
GLY H2   H  N N 144 
GLY HA2  H  N N 145 
GLY HA3  H  N N 146 
GLY HXT  H  N N 147 
HIS N    N  N N 148 
HIS CA   C  N S 149 
HIS C    C  N N 150 
HIS O    O  N N 151 
HIS CB   C  N N 152 
HIS CG   C  Y N 153 
HIS ND1  N  Y N 154 
HIS CD2  C  Y N 155 
HIS CE1  C  Y N 156 
HIS NE2  N  Y N 157 
HIS OXT  O  N N 158 
HIS H    H  N N 159 
HIS H2   H  N N 160 
HIS HA   H  N N 161 
HIS HB2  H  N N 162 
HIS HB3  H  N N 163 
HIS HD1  H  N N 164 
HIS HD2  H  N N 165 
HIS HE1  H  N N 166 
HIS HE2  H  N N 167 
HIS HXT  H  N N 168 
HOH O    O  N N 169 
HOH H1   H  N N 170 
HOH H2   H  N N 171 
IIY C4   C  N N 172 
IIY C5   C  N N 173 
IIY C6   C  N N 174 
IIY C7   C  N N 175 
IIY N1   N  N N 176 
IIY N2   N  N N 177 
IIY C3   C  N N 178 
IIY C1   C  N N 179 
IIY C2   C  N N 180 
IIY O1   O  N N 181 
IIY O2   O  N N 182 
IIY H1   H  N N 183 
IIY H2   H  N N 184 
IIY H3   H  N N 185 
IIY H4   H  N N 186 
IIY H5   H  N N 187 
IIY H6   H  N N 188 
IIY H7   H  N N 189 
IIY H8   H  N N 190 
IIY H9   H  N N 191 
IIY H10  H  N N 192 
ILE N    N  N N 193 
ILE CA   C  N S 194 
ILE C    C  N N 195 
ILE O    O  N N 196 
ILE CB   C  N S 197 
ILE CG1  C  N N 198 
ILE CG2  C  N N 199 
ILE CD1  C  N N 200 
ILE OXT  O  N N 201 
ILE H    H  N N 202 
ILE H2   H  N N 203 
ILE HA   H  N N 204 
ILE HB   H  N N 205 
ILE HG12 H  N N 206 
ILE HG13 H  N N 207 
ILE HG21 H  N N 208 
ILE HG22 H  N N 209 
ILE HG23 H  N N 210 
ILE HD11 H  N N 211 
ILE HD12 H  N N 212 
ILE HD13 H  N N 213 
ILE HXT  H  N N 214 
LEU N    N  N N 215 
LEU CA   C  N S 216 
LEU C    C  N N 217 
LEU O    O  N N 218 
LEU CB   C  N N 219 
LEU CG   C  N N 220 
LEU CD1  C  N N 221 
LEU CD2  C  N N 222 
LEU OXT  O  N N 223 
LEU H    H  N N 224 
LEU H2   H  N N 225 
LEU HA   H  N N 226 
LEU HB2  H  N N 227 
LEU HB3  H  N N 228 
LEU HG   H  N N 229 
LEU HD11 H  N N 230 
LEU HD12 H  N N 231 
LEU HD13 H  N N 232 
LEU HD21 H  N N 233 
LEU HD22 H  N N 234 
LEU HD23 H  N N 235 
LEU HXT  H  N N 236 
LYS N    N  N N 237 
LYS CA   C  N S 238 
LYS C    C  N N 239 
LYS O    O  N N 240 
LYS CB   C  N N 241 
LYS CG   C  N N 242 
LYS CD   C  N N 243 
LYS CE   C  N N 244 
LYS NZ   N  N N 245 
LYS OXT  O  N N 246 
LYS H    H  N N 247 
LYS H2   H  N N 248 
LYS HA   H  N N 249 
LYS HB2  H  N N 250 
LYS HB3  H  N N 251 
LYS HG2  H  N N 252 
LYS HG3  H  N N 253 
LYS HD2  H  N N 254 
LYS HD3  H  N N 255 
LYS HE2  H  N N 256 
LYS HE3  H  N N 257 
LYS HZ1  H  N N 258 
LYS HZ2  H  N N 259 
LYS HZ3  H  N N 260 
LYS HXT  H  N N 261 
MET N    N  N N 262 
MET CA   C  N S 263 
MET C    C  N N 264 
MET O    O  N N 265 
MET CB   C  N N 266 
MET CG   C  N N 267 
MET SD   S  N N 268 
MET CE   C  N N 269 
MET OXT  O  N N 270 
MET H    H  N N 271 
MET H2   H  N N 272 
MET HA   H  N N 273 
MET HB2  H  N N 274 
MET HB3  H  N N 275 
MET HG2  H  N N 276 
MET HG3  H  N N 277 
MET HE1  H  N N 278 
MET HE2  H  N N 279 
MET HE3  H  N N 280 
MET HXT  H  N N 281 
PHE N    N  N N 282 
PHE CA   C  N S 283 
PHE C    C  N N 284 
PHE O    O  N N 285 
PHE CB   C  N N 286 
PHE CG   C  Y N 287 
PHE CD1  C  Y N 288 
PHE CD2  C  Y N 289 
PHE CE1  C  Y N 290 
PHE CE2  C  Y N 291 
PHE CZ   C  Y N 292 
PHE OXT  O  N N 293 
PHE H    H  N N 294 
PHE H2   H  N N 295 
PHE HA   H  N N 296 
PHE HB2  H  N N 297 
PHE HB3  H  N N 298 
PHE HD1  H  N N 299 
PHE HD2  H  N N 300 
PHE HE1  H  N N 301 
PHE HE2  H  N N 302 
PHE HZ   H  N N 303 
PHE HXT  H  N N 304 
PRO N    N  N N 305 
PRO CA   C  N S 306 
PRO C    C  N N 307 
PRO O    O  N N 308 
PRO CB   C  N N 309 
PRO CG   C  N N 310 
PRO CD   C  N N 311 
PRO OXT  O  N N 312 
PRO H    H  N N 313 
PRO HA   H  N N 314 
PRO HB2  H  N N 315 
PRO HB3  H  N N 316 
PRO HG2  H  N N 317 
PRO HG3  H  N N 318 
PRO HD2  H  N N 319 
PRO HD3  H  N N 320 
PRO HXT  H  N N 321 
SER N    N  N N 322 
SER CA   C  N S 323 
SER C    C  N N 324 
SER O    O  N N 325 
SER CB   C  N N 326 
SER OG   O  N N 327 
SER OXT  O  N N 328 
SER H    H  N N 329 
SER H2   H  N N 330 
SER HA   H  N N 331 
SER HB2  H  N N 332 
SER HB3  H  N N 333 
SER HG   H  N N 334 
SER HXT  H  N N 335 
SO4 S    S  N N 336 
SO4 O1   O  N N 337 
SO4 O2   O  N N 338 
SO4 O3   O  N N 339 
SO4 O4   O  N N 340 
THR N    N  N N 341 
THR CA   C  N S 342 
THR C    C  N N 343 
THR O    O  N N 344 
THR CB   C  N R 345 
THR OG1  O  N N 346 
THR CG2  C  N N 347 
THR OXT  O  N N 348 
THR H    H  N N 349 
THR H2   H  N N 350 
THR HA   H  N N 351 
THR HB   H  N N 352 
THR HG1  H  N N 353 
THR HG21 H  N N 354 
THR HG22 H  N N 355 
THR HG23 H  N N 356 
THR HXT  H  N N 357 
TYR N    N  N N 358 
TYR CA   C  N S 359 
TYR C    C  N N 360 
TYR O    O  N N 361 
TYR CB   C  N N 362 
TYR CG   C  Y N 363 
TYR CD1  C  Y N 364 
TYR CD2  C  Y N 365 
TYR CE1  C  Y N 366 
TYR CE2  C  Y N 367 
TYR CZ   C  Y N 368 
TYR OH   O  N N 369 
TYR OXT  O  N N 370 
TYR H    H  N N 371 
TYR H2   H  N N 372 
TYR HA   H  N N 373 
TYR HB2  H  N N 374 
TYR HB3  H  N N 375 
TYR HD1  H  N N 376 
TYR HD2  H  N N 377 
TYR HE1  H  N N 378 
TYR HE2  H  N N 379 
TYR HH   H  N N 380 
TYR HXT  H  N N 381 
VAL N    N  N N 382 
VAL CA   C  N S 383 
VAL C    C  N N 384 
VAL O    O  N N 385 
VAL CB   C  N N 386 
VAL CG1  C  N N 387 
VAL CG2  C  N N 388 
VAL OXT  O  N N 389 
VAL H    H  N N 390 
VAL H2   H  N N 391 
VAL HA   H  N N 392 
VAL HB   H  N N 393 
VAL HG11 H  N N 394 
VAL HG12 H  N N 395 
VAL HG13 H  N N 396 
VAL HG21 H  N N 397 
VAL HG22 H  N N 398 
VAL HG23 H  N N 399 
VAL HXT  H  N N 400 
# 
loop_
_chem_comp_bond.comp_id 
_chem_comp_bond.atom_id_1 
_chem_comp_bond.atom_id_2 
_chem_comp_bond.value_order 
_chem_comp_bond.pdbx_aromatic_flag 
_chem_comp_bond.pdbx_stereo_config 
_chem_comp_bond.pdbx_ordinal 
ALA N   CA   sing N N 1   
ALA N   H    sing N N 2   
ALA N   H2   sing N N 3   
ALA CA  C    sing N N 4   
ALA CA  CB   sing N N 5   
ALA CA  HA   sing N N 6   
ALA C   O    doub N N 7   
ALA C   OXT  sing N N 8   
ALA CB  HB1  sing N N 9   
ALA CB  HB2  sing N N 10  
ALA CB  HB3  sing N N 11  
ALA OXT HXT  sing N N 12  
ARG N   CA   sing N N 13  
ARG N   H    sing N N 14  
ARG N   H2   sing N N 15  
ARG CA  C    sing N N 16  
ARG CA  CB   sing N N 17  
ARG CA  HA   sing N N 18  
ARG C   O    doub N N 19  
ARG C   OXT  sing N N 20  
ARG CB  CG   sing N N 21  
ARG CB  HB2  sing N N 22  
ARG CB  HB3  sing N N 23  
ARG CG  CD   sing N N 24  
ARG CG  HG2  sing N N 25  
ARG CG  HG3  sing N N 26  
ARG CD  NE   sing N N 27  
ARG CD  HD2  sing N N 28  
ARG CD  HD3  sing N N 29  
ARG NE  CZ   sing N N 30  
ARG NE  HE   sing N N 31  
ARG CZ  NH1  sing N N 32  
ARG CZ  NH2  doub N N 33  
ARG NH1 HH11 sing N N 34  
ARG NH1 HH12 sing N N 35  
ARG NH2 HH21 sing N N 36  
ARG NH2 HH22 sing N N 37  
ARG OXT HXT  sing N N 38  
ASN N   CA   sing N N 39  
ASN N   H    sing N N 40  
ASN N   H2   sing N N 41  
ASN CA  C    sing N N 42  
ASN CA  CB   sing N N 43  
ASN CA  HA   sing N N 44  
ASN C   O    doub N N 45  
ASN C   OXT  sing N N 46  
ASN CB  CG   sing N N 47  
ASN CB  HB2  sing N N 48  
ASN CB  HB3  sing N N 49  
ASN CG  OD1  doub N N 50  
ASN CG  ND2  sing N N 51  
ASN ND2 HD21 sing N N 52  
ASN ND2 HD22 sing N N 53  
ASN OXT HXT  sing N N 54  
ASP N   CA   sing N N 55  
ASP N   H    sing N N 56  
ASP N   H2   sing N N 57  
ASP CA  C    sing N N 58  
ASP CA  CB   sing N N 59  
ASP CA  HA   sing N N 60  
ASP C   O    doub N N 61  
ASP C   OXT  sing N N 62  
ASP CB  CG   sing N N 63  
ASP CB  HB2  sing N N 64  
ASP CB  HB3  sing N N 65  
ASP CG  OD1  doub N N 66  
ASP CG  OD2  sing N N 67  
ASP OD2 HD2  sing N N 68  
ASP OXT HXT  sing N N 69  
CYS N   CA   sing N N 70  
CYS N   H    sing N N 71  
CYS N   H2   sing N N 72  
CYS CA  C    sing N N 73  
CYS CA  CB   sing N N 74  
CYS CA  HA   sing N N 75  
CYS C   O    doub N N 76  
CYS C   OXT  sing N N 77  
CYS CB  SG   sing N N 78  
CYS CB  HB2  sing N N 79  
CYS CB  HB3  sing N N 80  
CYS SG  HG   sing N N 81  
CYS OXT HXT  sing N N 82  
EDO C1  O1   sing N N 83  
EDO C1  C2   sing N N 84  
EDO C1  H11  sing N N 85  
EDO C1  H12  sing N N 86  
EDO O1  HO1  sing N N 87  
EDO C2  O2   sing N N 88  
EDO C2  H21  sing N N 89  
EDO C2  H22  sing N N 90  
EDO O2  HO2  sing N N 91  
GLN N   CA   sing N N 92  
GLN N   H    sing N N 93  
GLN N   H2   sing N N 94  
GLN CA  C    sing N N 95  
GLN CA  CB   sing N N 96  
GLN CA  HA   sing N N 97  
GLN C   O    doub N N 98  
GLN C   OXT  sing N N 99  
GLN CB  CG   sing N N 100 
GLN CB  HB2  sing N N 101 
GLN CB  HB3  sing N N 102 
GLN CG  CD   sing N N 103 
GLN CG  HG2  sing N N 104 
GLN CG  HG3  sing N N 105 
GLN CD  OE1  doub N N 106 
GLN CD  NE2  sing N N 107 
GLN NE2 HE21 sing N N 108 
GLN NE2 HE22 sing N N 109 
GLN OXT HXT  sing N N 110 
GLU N   CA   sing N N 111 
GLU N   H    sing N N 112 
GLU N   H2   sing N N 113 
GLU CA  C    sing N N 114 
GLU CA  CB   sing N N 115 
GLU CA  HA   sing N N 116 
GLU C   O    doub N N 117 
GLU C   OXT  sing N N 118 
GLU CB  CG   sing N N 119 
GLU CB  HB2  sing N N 120 
GLU CB  HB3  sing N N 121 
GLU CG  CD   sing N N 122 
GLU CG  HG2  sing N N 123 
GLU CG  HG3  sing N N 124 
GLU CD  OE1  doub N N 125 
GLU CD  OE2  sing N N 126 
GLU OE2 HE2  sing N N 127 
GLU OXT HXT  sing N N 128 
GLY N   CA   sing N N 129 
GLY N   H    sing N N 130 
GLY N   H2   sing N N 131 
GLY CA  C    sing N N 132 
GLY CA  HA2  sing N N 133 
GLY CA  HA3  sing N N 134 
GLY C   O    doub N N 135 
GLY C   OXT  sing N N 136 
GLY OXT HXT  sing N N 137 
HIS N   CA   sing N N 138 
HIS N   H    sing N N 139 
HIS N   H2   sing N N 140 
HIS CA  C    sing N N 141 
HIS CA  CB   sing N N 142 
HIS CA  HA   sing N N 143 
HIS C   O    doub N N 144 
HIS C   OXT  sing N N 145 
HIS CB  CG   sing N N 146 
HIS CB  HB2  sing N N 147 
HIS CB  HB3  sing N N 148 
HIS CG  ND1  sing Y N 149 
HIS CG  CD2  doub Y N 150 
HIS ND1 CE1  doub Y N 151 
HIS ND1 HD1  sing N N 152 
HIS CD2 NE2  sing Y N 153 
HIS CD2 HD2  sing N N 154 
HIS CE1 NE2  sing Y N 155 
HIS CE1 HE1  sing N N 156 
HIS NE2 HE2  sing N N 157 
HIS OXT HXT  sing N N 158 
HOH O   H1   sing N N 159 
HOH O   H2   sing N N 160 
IIY O2  C6   doub N N 161 
IIY C6  C7   sing N N 162 
IIY C6  N2   sing N N 163 
IIY C5  N2   sing N N 164 
IIY C5  C4   sing N N 165 
IIY C3  C2   sing N N 166 
IIY C3  N1   doub N N 167 
IIY C2  C1   doub N N 168 
IIY N1  C4   sing N N 169 
IIY C4  O1   doub N N 170 
IIY C5  H1   sing N N 171 
IIY C5  H2   sing N N 172 
IIY C7  H3   sing N N 173 
IIY C7  H4   sing N N 174 
IIY C7  H5   sing N N 175 
IIY N2  H6   sing N N 176 
IIY C3  H7   sing N N 177 
IIY C1  H8   sing N N 178 
IIY C1  H9   sing N N 179 
IIY C2  H10  sing N N 180 
ILE N   CA   sing N N 181 
ILE N   H    sing N N 182 
ILE N   H2   sing N N 183 
ILE CA  C    sing N N 184 
ILE CA  CB   sing N N 185 
ILE CA  HA   sing N N 186 
ILE C   O    doub N N 187 
ILE C   OXT  sing N N 188 
ILE CB  CG1  sing N N 189 
ILE CB  CG2  sing N N 190 
ILE CB  HB   sing N N 191 
ILE CG1 CD1  sing N N 192 
ILE CG1 HG12 sing N N 193 
ILE CG1 HG13 sing N N 194 
ILE CG2 HG21 sing N N 195 
ILE CG2 HG22 sing N N 196 
ILE CG2 HG23 sing N N 197 
ILE CD1 HD11 sing N N 198 
ILE CD1 HD12 sing N N 199 
ILE CD1 HD13 sing N N 200 
ILE OXT HXT  sing N N 201 
LEU N   CA   sing N N 202 
LEU N   H    sing N N 203 
LEU N   H2   sing N N 204 
LEU CA  C    sing N N 205 
LEU CA  CB   sing N N 206 
LEU CA  HA   sing N N 207 
LEU C   O    doub N N 208 
LEU C   OXT  sing N N 209 
LEU CB  CG   sing N N 210 
LEU CB  HB2  sing N N 211 
LEU CB  HB3  sing N N 212 
LEU CG  CD1  sing N N 213 
LEU CG  CD2  sing N N 214 
LEU CG  HG   sing N N 215 
LEU CD1 HD11 sing N N 216 
LEU CD1 HD12 sing N N 217 
LEU CD1 HD13 sing N N 218 
LEU CD2 HD21 sing N N 219 
LEU CD2 HD22 sing N N 220 
LEU CD2 HD23 sing N N 221 
LEU OXT HXT  sing N N 222 
LYS N   CA   sing N N 223 
LYS N   H    sing N N 224 
LYS N   H2   sing N N 225 
LYS CA  C    sing N N 226 
LYS CA  CB   sing N N 227 
LYS CA  HA   sing N N 228 
LYS C   O    doub N N 229 
LYS C   OXT  sing N N 230 
LYS CB  CG   sing N N 231 
LYS CB  HB2  sing N N 232 
LYS CB  HB3  sing N N 233 
LYS CG  CD   sing N N 234 
LYS CG  HG2  sing N N 235 
LYS CG  HG3  sing N N 236 
LYS CD  CE   sing N N 237 
LYS CD  HD2  sing N N 238 
LYS CD  HD3  sing N N 239 
LYS CE  NZ   sing N N 240 
LYS CE  HE2  sing N N 241 
LYS CE  HE3  sing N N 242 
LYS NZ  HZ1  sing N N 243 
LYS NZ  HZ2  sing N N 244 
LYS NZ  HZ3  sing N N 245 
LYS OXT HXT  sing N N 246 
MET N   CA   sing N N 247 
MET N   H    sing N N 248 
MET N   H2   sing N N 249 
MET CA  C    sing N N 250 
MET CA  CB   sing N N 251 
MET CA  HA   sing N N 252 
MET C   O    doub N N 253 
MET C   OXT  sing N N 254 
MET CB  CG   sing N N 255 
MET CB  HB2  sing N N 256 
MET CB  HB3  sing N N 257 
MET CG  SD   sing N N 258 
MET CG  HG2  sing N N 259 
MET CG  HG3  sing N N 260 
MET SD  CE   sing N N 261 
MET CE  HE1  sing N N 262 
MET CE  HE2  sing N N 263 
MET CE  HE3  sing N N 264 
MET OXT HXT  sing N N 265 
PHE N   CA   sing N N 266 
PHE N   H    sing N N 267 
PHE N   H2   sing N N 268 
PHE CA  C    sing N N 269 
PHE CA  CB   sing N N 270 
PHE CA  HA   sing N N 271 
PHE C   O    doub N N 272 
PHE C   OXT  sing N N 273 
PHE CB  CG   sing N N 274 
PHE CB  HB2  sing N N 275 
PHE CB  HB3  sing N N 276 
PHE CG  CD1  doub Y N 277 
PHE CG  CD2  sing Y N 278 
PHE CD1 CE1  sing Y N 279 
PHE CD1 HD1  sing N N 280 
PHE CD2 CE2  doub Y N 281 
PHE CD2 HD2  sing N N 282 
PHE CE1 CZ   doub Y N 283 
PHE CE1 HE1  sing N N 284 
PHE CE2 CZ   sing Y N 285 
PHE CE2 HE2  sing N N 286 
PHE CZ  HZ   sing N N 287 
PHE OXT HXT  sing N N 288 
PRO N   CA   sing N N 289 
PRO N   CD   sing N N 290 
PRO N   H    sing N N 291 
PRO CA  C    sing N N 292 
PRO CA  CB   sing N N 293 
PRO CA  HA   sing N N 294 
PRO C   O    doub N N 295 
PRO C   OXT  sing N N 296 
PRO CB  CG   sing N N 297 
PRO CB  HB2  sing N N 298 
PRO CB  HB3  sing N N 299 
PRO CG  CD   sing N N 300 
PRO CG  HG2  sing N N 301 
PRO CG  HG3  sing N N 302 
PRO CD  HD2  sing N N 303 
PRO CD  HD3  sing N N 304 
PRO OXT HXT  sing N N 305 
SER N   CA   sing N N 306 
SER N   H    sing N N 307 
SER N   H2   sing N N 308 
SER CA  C    sing N N 309 
SER CA  CB   sing N N 310 
SER CA  HA   sing N N 311 
SER C   O    doub N N 312 
SER C   OXT  sing N N 313 
SER CB  OG   sing N N 314 
SER CB  HB2  sing N N 315 
SER CB  HB3  sing N N 316 
SER OG  HG   sing N N 317 
SER OXT HXT  sing N N 318 
SO4 S   O1   doub N N 319 
SO4 S   O2   doub N N 320 
SO4 S   O3   sing N N 321 
SO4 S   O4   sing N N 322 
THR N   CA   sing N N 323 
THR N   H    sing N N 324 
THR N   H2   sing N N 325 
THR CA  C    sing N N 326 
THR CA  CB   sing N N 327 
THR CA  HA   sing N N 328 
THR C   O    doub N N 329 
THR C   OXT  sing N N 330 
THR CB  OG1  sing N N 331 
THR CB  CG2  sing N N 332 
THR CB  HB   sing N N 333 
THR OG1 HG1  sing N N 334 
THR CG2 HG21 sing N N 335 
THR CG2 HG22 sing N N 336 
THR CG2 HG23 sing N N 337 
THR OXT HXT  sing N N 338 
TYR N   CA   sing N N 339 
TYR N   H    sing N N 340 
TYR N   H2   sing N N 341 
TYR CA  C    sing N N 342 
TYR CA  CB   sing N N 343 
TYR CA  HA   sing N N 344 
TYR C   O    doub N N 345 
TYR C   OXT  sing N N 346 
TYR CB  CG   sing N N 347 
TYR CB  HB2  sing N N 348 
TYR CB  HB3  sing N N 349 
TYR CG  CD1  doub Y N 350 
TYR CG  CD2  sing Y N 351 
TYR CD1 CE1  sing Y N 352 
TYR CD1 HD1  sing N N 353 
TYR CD2 CE2  doub Y N 354 
TYR CD2 HD2  sing N N 355 
TYR CE1 CZ   doub Y N 356 
TYR CE1 HE1  sing N N 357 
TYR CE2 CZ   sing Y N 358 
TYR CE2 HE2  sing N N 359 
TYR CZ  OH   sing N N 360 
TYR OH  HH   sing N N 361 
TYR OXT HXT  sing N N 362 
VAL N   CA   sing N N 363 
VAL N   H    sing N N 364 
VAL N   H2   sing N N 365 
VAL CA  C    sing N N 366 
VAL CA  CB   sing N N 367 
VAL CA  HA   sing N N 368 
VAL C   O    doub N N 369 
VAL C   OXT  sing N N 370 
VAL CB  CG1  sing N N 371 
VAL CB  CG2  sing N N 372 
VAL CB  HB   sing N N 373 
VAL CG1 HG11 sing N N 374 
VAL CG1 HG12 sing N N 375 
VAL CG1 HG13 sing N N 376 
VAL CG2 HG21 sing N N 377 
VAL CG2 HG22 sing N N 378 
VAL CG2 HG23 sing N N 379 
VAL OXT HXT  sing N N 380 
# 
loop_
_pdbx_audit_support.funding_organization 
_pdbx_audit_support.country 
_pdbx_audit_support.grant_number 
_pdbx_audit_support.ordinal 
'Cancer Research UK' 'United Kingdom' C57659/A27310 1 
'Cancer Research UK' 'United Kingdom' C1362/A20263  2 
'Cancer Research UK' 'United Kingdom' C2215/A21421  3 
# 
_pdbx_initial_refinement_model.id               1 
_pdbx_initial_refinement_model.entity_id_list   ? 
_pdbx_initial_refinement_model.type             'experimental model' 
_pdbx_initial_refinement_model.source_name      PDB 
_pdbx_initial_refinement_model.accession_code   3DAI 
_pdbx_initial_refinement_model.details          ? 
# 
_atom_sites.entry_id                    7Z9J 
_atom_sites.Cartn_transf_matrix[1][1]   ? 
_atom_sites.Cartn_transf_matrix[1][2]   ? 
_atom_sites.Cartn_transf_matrix[1][3]   ? 
_atom_sites.Cartn_transf_matrix[2][1]   ? 
_atom_sites.Cartn_transf_matrix[2][2]   ? 
_atom_sites.Cartn_transf_matrix[2][3]   ? 
_atom_sites.Cartn_transf_matrix[3][1]   ? 
_atom_sites.Cartn_transf_matrix[3][2]   ? 
_atom_sites.Cartn_transf_matrix[3][3]   ? 
_atom_sites.Cartn_transf_vector[1]      ? 
_atom_sites.Cartn_transf_vector[2]      ? 
_atom_sites.Cartn_transf_vector[3]      ? 
_atom_sites.fract_transf_matrix[1][1]   -0.01372778 
_atom_sites.fract_transf_matrix[1][2]   0.00174619 
_atom_sites.fract_transf_matrix[1][3]   0.00424720 
_atom_sites.fract_transf_matrix[2][1]   -0.01082618 
_atom_sites.fract_transf_matrix[2][2]   -0.00461866 
_atom_sites.fract_transf_matrix[2][3]   -0.00842540 
_atom_sites.fract_transf_matrix[3][1]   0.00019602 
_atom_sites.fract_transf_matrix[3][2]   -0.00646096 
_atom_sites.fract_transf_matrix[3][3]   0.00328991 
_atom_sites.fract_transf_vector[1]      0.141285 
_atom_sites.fract_transf_vector[2]      0.598993 
_atom_sites.fract_transf_vector[3]      0.027178 
_atom_sites.solution_primary            ? 
_atom_sites.solution_secondary          ? 
_atom_sites.solution_hydrogens          ? 
_atom_sites.special_details             ? 
# 
loop_
_atom_type.symbol 
_atom_type.pdbx_scat_Z 
_atom_type.pdbx_N_electrons 
_atom_type.scat_Cromer_Mann_a1 
_atom_type.scat_Cromer_Mann_b1 
_atom_type.scat_Cromer_Mann_a2 
_atom_type.scat_Cromer_Mann_b2 
_atom_type.scat_Cromer_Mann_a3 
_atom_type.scat_Cromer_Mann_b3 
_atom_type.scat_Cromer_Mann_a4 
_atom_type.scat_Cromer_Mann_b4 
_atom_type.scat_Cromer_Mann_c 
C  6  6  2.310  20.844 1.020 10.208 1.589 0.569  0.865 51.651 0.216   
CL 17 17 11.460 0.010  7.196 1.166  6.255 18.519 1.645 47.778 -9.366  
N  7  7  12.222 0.006  3.135 9.893  2.014 28.997 1.167 0.583  -11.538 
O  8  8  3.049  13.277 2.287 5.701  1.546 0.324  0.867 32.909 0.251   
S  16 16 6.905  1.468  5.203 22.215 1.438 0.254  1.586 56.172 1.030   
# 
loop_
_atom_site.group_PDB 
_atom_site.id 
_atom_site.type_symbol 
_atom_site.label_atom_id 
_atom_site.label_alt_id 
_atom_site.label_comp_id 
_atom_site.label_asym_id 
_atom_site.label_entity_id 
_atom_site.label_seq_id 
_atom_site.pdbx_PDB_ins_code 
_atom_site.Cartn_x 
_atom_site.Cartn_y 
_atom_site.Cartn_z 
_atom_site.occupancy 
_atom_site.B_iso_or_equiv 
_atom_site.pdbx_formal_charge 
_atom_site.auth_seq_id 
_atom_site.auth_comp_id 
_atom_site.auth_asym_id 
_atom_site.auth_atom_id 
_atom_site.pdbx_PDB_model_num 
_atom_site.calc_flag 
ATOM   1    N  N   . SER A 1 1   ? -20.506 12.877  11.301  1.000 40.912  ? 979  SER AAA N   1 ? 
ATOM   2    C  CA  . SER A 1 1   ? -20.966 14.210  10.819  1.000 44.354  ? 979  SER AAA CA  1 ? 
ATOM   3    C  C   . SER A 1 1   ? -20.515 14.392  9.371   1.000 48.428  ? 979  SER AAA C   1 ? 
ATOM   4    O  O   . SER A 1 1   ? -19.651 13.651  8.909   1.000 41.866  ? 979  SER AAA O   1 ? 
ATOM   5    C  CB  . SER A 1 1   ? -20.399 15.308  11.694  1.000 50.176  ? 979  SER AAA CB  1 ? 
ATOM   6    O  OG  . SER A 1 1   ? -19.020 15.512  11.420  1.000 46.670  ? 979  SER AAA OG  1 ? 
ATOM   7    N  N   . MET A 1 2   ? -21.064 15.397  8.675   1.000 47.988  ? 980  MET AAA N   1 ? 
ATOM   8    C  CA  . MET A 1 2   ? -20.644 15.679  7.306   1.000 54.216  ? 980  MET AAA CA  1 ? 
ATOM   9    C  C   . MET A 1 2   ? -19.201 16.190  7.253   1.000 45.911  ? 980  MET AAA C   1 ? 
ATOM   10   O  O   . MET A 1 2   ? -18.495 15.900  6.294   1.000 48.049  ? 980  MET AAA O   1 ? 
ATOM   11   C  CB  . MET A 1 2   ? -21.588 16.640  6.561   1.000 66.574  ? 980  MET AAA CB  1 ? 
ATOM   12   C  CG  . MET A 1 2   ? -21.685 18.049  7.158   1.000 91.333  ? 980  MET AAA CG  1 ? 
ATOM   13   S  SD  . MET A 1 2   ? -20.568 19.297  6.426   1.000 119.826 ? 980  MET AAA SD  1 ? 
ATOM   14   C  CE  . MET A 1 2   ? -21.107 20.786  7.271   1.000 101.957 ? 980  MET AAA CE  1 ? 
ATOM   15   N  N   . GLN A 1 3   ? -18.756 16.951  8.259   1.000 38.354  ? 981  GLN AAA N   1 ? 
ATOM   16   C  CA  . GLN A 1 3   ? -17.370 17.386  8.305   1.000 45.166  ? 981  GLN AAA CA  1 ? 
ATOM   17   C  C   . GLN A 1 3   ? -16.448 16.166  8.426   1.000 40.848  ? 981  GLN AAA C   1 ? 
ATOM   18   O  O   . GLN A 1 3   ? -15.363 16.152  7.849   1.000 37.138  ? 981  GLN AAA O   1 ? 
ATOM   19   C  CB  . GLN A 1 3   ? -17.124 18.380  9.441   1.000 53.402  ? 981  GLN AAA CB  1 ? 
ATOM   20   C  CG  . GLN A 1 3   ? -18.076 19.575  9.447   1.000 62.041  ? 981  GLN AAA CG  1 ? 
ATOM   21   C  CD  . GLN A 1 3   ? -19.128 19.431  10.524  1.000 72.476  ? 981  GLN AAA CD  1 ? 
ATOM   22   O  OE1 . GLN A 1 3   ? -18.961 19.936  11.636  1.000 80.727  ? 981  GLN AAA OE1 1 ? 
ATOM   23   N  NE2 . GLN A 1 3   ? -20.207 18.713  10.217  1.000 62.595  ? 981  GLN AAA NE2 1 ? 
ATOM   24   N  N   . GLU A 1 4   ? -16.859 15.160  9.202   1.000 31.413  ? 982  GLU AAA N   1 ? 
ATOM   25   C  CA  . GLU A 1 4   ? -16.091 13.927  9.299   1.000 32.767  ? 982  GLU AAA CA  1 ? 
ATOM   26   C  C   . GLU A 1 4   ? -16.035 13.231  7.943   1.000 28.537  ? 982  GLU AAA C   1 ? 
ATOM   27   O  O   . GLU A 1 4   ? -14.972 12.741  7.564   1.000 28.785  ? 982  GLU AAA O   1 ? 
ATOM   28   C  CB  . GLU A 1 4   ? -16.598 13.028  10.435  1.000 30.736  ? 982  GLU AAA CB  1 ? 
ATOM   29   C  CG  . GLU A 1 4   ? -16.243 13.647  11.783  1.000 32.921  ? 982  GLU AAA CG  1 ? 
ATOM   30   C  CD  . GLU A 1 4   ? -16.884 12.901  12.939  1.000 38.739  ? 982  GLU AAA CD  1 ? 
ATOM   31   O  OE1 . GLU A 1 4   ? -17.794 12.105  12.655  1.000 36.255  ? 982  GLU AAA OE1 1 ? 
ATOM   32   O  OE2 . GLU A 1 4   ? -16.453 13.104  14.108  1.000 35.069  ? 982  GLU AAA OE2 1 ? 
ATOM   33   N  N   A GLU A 1 5   ? -17.139 13.228  7.188   0.500 30.848  ? 983  GLU AAA N   1 ? 
ATOM   34   N  N   B GLU A 1 5   ? -17.185 13.191  7.250   0.500 29.753  ? 983  GLU AAA N   1 ? 
ATOM   35   C  CA  A GLU A 1 5   ? -17.147 12.544  5.897   0.500 32.972  ? 983  GLU AAA CA  1 ? 
ATOM   36   C  CA  B GLU A 1 5   ? -17.275 12.622  5.910   0.500 32.566  ? 983  GLU AAA CA  1 ? 
ATOM   37   C  C   A GLU A 1 5   ? -16.322 13.325  4.857   0.500 32.375  ? 983  GLU AAA C   1 ? 
ATOM   38   C  C   B GLU A 1 5   ? -16.249 13.309  5.006   0.500 31.737  ? 983  GLU AAA C   1 ? 
ATOM   39   O  O   A GLU A 1 5   ? -15.735 12.740  3.947   0.500 27.215  ? 983  GLU AAA O   1 ? 
ATOM   40   O  O   B GLU A 1 5   ? -15.489 12.624  4.324   0.500 27.817  ? 983  GLU AAA O   1 ? 
ATOM   41   C  CB  A GLU A 1 5   ? -18.578 12.150  5.487   0.500 38.071  ? 983  GLU AAA CB  1 ? 
ATOM   42   C  CB  B GLU A 1 5   ? -18.690 12.752  5.321   0.500 32.996  ? 983  GLU AAA CB  1 ? 
ATOM   43   C  CG  A GLU A 1 5   ? -19.000 10.764  6.083   0.500 43.802  ? 983  GLU AAA CG  1 ? 
ATOM   44   C  CG  B GLU A 1 5   ? -19.709 11.813  5.964   0.500 41.345  ? 983  GLU AAA CG  1 ? 
ATOM   45   C  CD  A GLU A 1 5   ? -17.749 9.857   6.216   0.500 51.338  ? 983  GLU AAA CD  1 ? 
ATOM   46   C  CD  B GLU A 1 5   ? -21.154 12.285  6.085   0.500 47.750  ? 983  GLU AAA CD  1 ? 
ATOM   47   O  OE1 A GLU A 1 5   ? -17.507 9.593   7.414   0.500 57.773  ? 983  GLU AAA OE1 1 ? 
ATOM   48   O  OE1 B GLU A 1 5   ? -21.558 13.211  5.337   0.500 51.892  ? 983  GLU AAA OE1 1 ? 
ATOM   49   O  OE2 A GLU A 1 5   ? -17.638 8.908   5.245   0.500 49.317  ? 983  GLU AAA OE2 1 ? 
ATOM   50   O  OE2 B GLU A 1 5   ? -21.880 11.725  6.943   0.500 48.870  ? 983  GLU AAA OE2 1 ? 
ATOM   51   N  N   . ASP A 1 6   ? -16.261 14.653  4.990   1.000 28.675  ? 984  ASP AAA N   1 ? 
ATOM   52   C  CA  . ASP A 1 6   ? -15.333 15.444  4.188   1.000 30.412  ? 984  ASP AAA CA  1 ? 
ATOM   53   C  C   . ASP A 1 6   ? -13.870 15.094  4.521   1.000 28.635  ? 984  ASP AAA C   1 ? 
ATOM   54   O  O   . ASP A 1 6   ? -13.022 15.076  3.625   1.000 25.668  ? 984  ASP AAA O   1 ? 
ATOM   55   C  CB  . ASP A 1 6   ? -15.529 16.942  4.389   1.000 30.622  ? 984  ASP AAA CB  1 ? 
ATOM   56   C  CG  . ASP A 1 6   ? -16.838 17.495  3.800   1.000 34.683  ? 984  ASP AAA CG  1 ? 
ATOM   57   O  OD1 . ASP A 1 6   ? -17.537 16.777  3.076   1.000 38.979  ? 984  ASP AAA OD1 1 ? 
ATOM   58   O  OD2 . ASP A 1 6   ? -17.118 18.629  4.061   1.000 40.970  ? 984  ASP AAA OD2 1 ? 
ATOM   59   N  N   . THR A 1 7   ? -13.574 14.899  5.811   1.000 25.592  ? 985  THR AAA N   1 ? 
ATOM   60   C  CA  . THR A 1 7   ? -12.237 14.498  6.231   1.000 25.538  ? 985  THR AAA CA  1 ? 
ATOM   61   C  C   . THR A 1 7   ? -11.840 13.195  5.531   1.000 25.641  ? 985  THR AAA C   1 ? 
ATOM   62   O  O   . THR A 1 7   ? -10.757 13.090  4.968   1.000 23.761  ? 985  THR AAA O   1 ? 
ATOM   63   C  CB  . THR A 1 7   ? -12.087 14.348  7.748   1.000 25.660  ? 985  THR AAA CB  1 ? 
ATOM   64   O  OG1 . THR A 1 7   ? -12.385 15.607  8.350   1.000 29.149  ? 985  THR AAA OG1 1 ? 
ATOM   65   C  CG2 . THR A 1 7   ? -10.661 14.035  8.156   1.000 25.333  ? 985  THR AAA CG2 1 ? 
ATOM   66   N  N   . PHE A 1 8   ? -12.678 12.157  5.627   1.000 25.954  ? 986  PHE AAA N   1 ? 
ATOM   67   C  CA  . PHE A 1 8   ? -12.280 10.900  5.018   1.000 24.724  ? 986  PHE AAA CA  1 ? 
ATOM   68   C  C   . PHE A 1 8   ? -12.256 11.005  3.485   1.000 25.637  ? 986  PHE AAA C   1 ? 
ATOM   69   O  O   . PHE A 1 8   ? -11.501 10.288  2.848   1.000 25.454  ? 986  PHE AAA O   1 ? 
ATOM   70   C  CB  . PHE A 1 8   ? -13.188 9.748   5.459   1.000 28.208  ? 986  PHE AAA CB  1 ? 
ATOM   71   C  CG  . PHE A 1 8   ? -13.066 9.413   6.917   1.000 29.504  ? 986  PHE AAA CG  1 ? 
ATOM   72   C  CD1 . PHE A 1 8   ? -11.836 9.134   7.490   1.000 30.372  ? 986  PHE AAA CD1 1 ? 
ATOM   73   C  CD2 . PHE A 1 8   ? -14.200 9.324   7.709   1.000 31.479  ? 986  PHE AAA CD2 1 ? 
ATOM   74   C  CE1 . PHE A 1 8   ? -11.726 8.805   8.838   1.000 34.545  ? 986  PHE AAA CE1 1 ? 
ATOM   75   C  CE2 . PHE A 1 8   ? -14.087 8.983   9.054   1.000 30.447  ? 986  PHE AAA CE2 1 ? 
ATOM   76   C  CZ  . PHE A 1 8   ? -12.863 8.730   9.622   1.000 29.398  ? 986  PHE AAA CZ  1 ? 
ATOM   77   N  N   A ARG A 1 9   ? -13.069 11.874  2.888   0.500 23.648  ? 987  ARG AAA N   1 ? 
ATOM   78   N  N   B ARG A 1 9   ? -13.110 11.858  2.894   0.500 24.372  ? 987  ARG AAA N   1 ? 
ATOM   79   C  CA  A ARG A 1 9   ? -12.971 11.985  1.442   0.500 25.199  ? 987  ARG AAA CA  1 ? 
ATOM   80   C  CA  B ARG A 1 9   ? -13.069 12.120  1.456   0.500 26.531  ? 987  ARG AAA CA  1 ? 
ATOM   81   C  C   A ARG A 1 9   ? -11.637 12.629  1.053   0.500 24.352  ? 987  ARG AAA C   1 ? 
ATOM   82   C  C   B ARG A 1 9   ? -11.671 12.622  1.088   0.500 25.506  ? 987  ARG AAA C   1 ? 
ATOM   83   O  O   A ARG A 1 9   ? -11.066 12.257  0.026   0.500 20.804  ? 987  ARG AAA O   1 ? 
ATOM   84   O  O   B ARG A 1 9   ? -11.075 12.127  0.131   0.500 22.462  ? 987  ARG AAA O   1 ? 
ATOM   85   C  CB  A ARG A 1 9   ? -14.180 12.713  0.859   0.500 25.948  ? 987  ARG AAA CB  1 ? 
ATOM   86   C  CB  B ARG A 1 9   ? -14.158 13.118  1.039   0.500 28.944  ? 987  ARG AAA CB  1 ? 
ATOM   87   C  CG  A ARG A 1 9   ? -14.248 12.644  -0.655  0.500 26.574  ? 987  ARG AAA CG  1 ? 
ATOM   88   C  CG  B ARG A 1 9   ? -14.246 13.462  -0.447  0.500 29.734  ? 987  ARG AAA CG  1 ? 
ATOM   89   C  CD  A ARG A 1 9   ? -15.575 13.155  -1.153  0.500 28.543  ? 987  ARG AAA CD  1 ? 
ATOM   90   C  CD  B ARG A 1 9   ? -15.575 14.111  -0.849  0.500 33.852  ? 987  ARG AAA CD  1 ? 
ATOM   91   N  NE  A ARG A 1 9   ? -15.545 13.249  -2.596  0.500 31.055  ? 987  ARG AAA NE  1 ? 
ATOM   92   N  NE  B ARG A 1 9   ? -16.713 13.412  -0.247  0.500 35.788  ? 987  ARG AAA NE  1 ? 
ATOM   93   C  CZ  A ARG A 1 9   ? -15.220 14.315  -3.339  0.500 30.626  ? 987  ARG AAA CZ  1 ? 
ATOM   94   C  CZ  B ARG A 1 9   ? -17.479 13.863  0.762   0.500 33.675  ? 987  ARG AAA CZ  1 ? 
ATOM   95   N  NH1 A ARG A 1 9   ? -14.874 15.497  -2.819  0.500 25.891  ? 987  ARG AAA NH1 1 ? 
ATOM   96   N  NH1 B ARG A 1 9   ? -17.264 15.039  1.318   0.500 32.195  ? 987  ARG AAA NH1 1 ? 
ATOM   97   N  NH2 A ARG A 1 9   ? -15.294 14.158  -4.643  0.500 27.798  ? 987  ARG AAA NH2 1 ? 
ATOM   98   N  NH2 B ARG A 1 9   ? -18.447 13.107  1.237   0.500 27.797  ? 987  ARG AAA NH2 1 ? 
ATOM   99   N  N   . GLU A 1 10  ? -11.182 13.641  1.818   1.000 22.072  ? 988  GLU AAA N   1 ? 
ATOM   100  C  CA  . GLU A 1 10  ? -9.850  14.198  1.556   1.000 20.881  ? 988  GLU AAA CA  1 ? 
ATOM   101  C  C   . GLU A 1 10  ? -8.784  13.105  1.722   1.000 22.452  ? 988  GLU AAA C   1 ? 
ATOM   102  O  O   . GLU A 1 10  ? -7.844  12.998  0.905   1.000 21.579  ? 988  GLU AAA O   1 ? 
ATOM   103  C  CB  . GLU A 1 10  ? -9.521  15.404  2.453   1.000 24.254  ? 988  GLU AAA CB  1 ? 
ATOM   104  C  CG  . GLU A 1 10  ? -8.134  15.965  2.161   1.000 21.010  ? 988  GLU AAA CG  1 ? 
ATOM   105  C  CD  . GLU A 1 10  ? -7.877  17.351  2.729   1.000 29.233  ? 988  GLU AAA CD  1 ? 
ATOM   106  O  OE1 . GLU A 1 10  ? -6.711  17.772  2.717   1.000 23.096  ? 988  GLU AAA OE1 1 ? 
ATOM   107  O  OE2 . GLU A 1 10  ? -8.837  18.001  3.179   1.000 22.961  ? 988  GLU AAA OE2 1 ? 
ATOM   108  N  N   . LEU A 1 11  ? -8.951  12.265  2.760   1.000 20.440  ? 989  LEU AAA N   1 ? 
ATOM   109  C  CA  . LEU A 1 11  ? -8.014  11.172  2.940   1.000 21.767  ? 989  LEU AAA CA  1 ? 
ATOM   110  C  C   . LEU A 1 11  ? -7.988  10.285  1.692   1.000 20.951  ? 989  LEU AAA C   1 ? 
ATOM   111  O  O   . LEU A 1 11  ? -6.912  9.877   1.222   1.000 22.345  ? 989  LEU AAA O   1 ? 
ATOM   112  C  CB  . LEU A 1 11  ? -8.370  10.339  4.195   1.000 22.348  ? 989  LEU AAA CB  1 ? 
ATOM   113  C  CG  . LEU A 1 11  ? -7.539  9.048   4.308   1.000 23.408  ? 989  LEU AAA CG  1 ? 
ATOM   114  C  CD1 . LEU A 1 11  ? -6.088  9.408   4.607   1.000 22.542  ? 989  LEU AAA CD1 1 ? 
ATOM   115  C  CD2 . LEU A 1 11  ? -8.097  8.118   5.413   1.000 23.131  ? 989  LEU AAA CD2 1 ? 
ATOM   116  N  N   . ARG A 1 12  ? -9.160  9.873   1.181   1.000 21.687  ? 990  ARG AAA N   1 ? 
ATOM   117  C  CA  . ARG A 1 12  ? -9.166  9.014   -0.017  1.000 20.100  ? 990  ARG AAA CA  1 ? 
ATOM   118  C  C   . ARG A 1 12  ? -8.508  9.684   -1.225  1.000 20.531  ? 990  ARG AAA C   1 ? 
ATOM   119  O  O   . ARG A 1 12  ? -7.782  9.046   -2.006  1.000 19.005  ? 990  ARG AAA O   1 ? 
ATOM   120  C  CB  . ARG A 1 12  ? -10.587 8.523   -0.349  1.000 20.429  ? 990  ARG AAA CB  1 ? 
ATOM   121  C  CG  . ARG A 1 12  ? -11.172 7.674   0.775   1.000 20.718  ? 990  ARG AAA CG  1 ? 
ATOM   122  C  CD  . ARG A 1 12  ? -12.502 7.053   0.294   1.000 23.372  ? 990  ARG AAA CD  1 ? 
ATOM   123  N  NE  . ARG A 1 12  ? -13.550 8.062   0.012   1.000 22.922  ? 990  ARG AAA NE  1 ? 
ATOM   124  C  CZ  . ARG A 1 12  ? -14.431 8.499   0.934   1.000 24.982  ? 990  ARG AAA CZ  1 ? 
ATOM   125  N  NH1 . ARG A 1 12  ? -14.309 8.136   2.203   1.000 24.195  ? 990  ARG AAA NH1 1 ? 
ATOM   126  N  NH2 . ARG A 1 12  ? -15.354 9.397   0.607   1.000 27.511  ? 990  ARG AAA NH2 1 ? 
ATOM   127  N  N   . ILE A 1 13  ? -8.818  10.953  -1.440  1.000 20.299  ? 991  ILE AAA N   1 ? 
ATOM   128  C  CA  . ILE A 1 13  ? -8.143  11.698  -2.514  1.000 18.971  ? 991  ILE AAA CA  1 ? 
ATOM   129  C  C   . ILE A 1 13  ? -6.615  11.645  -2.381  1.000 19.243  ? 991  ILE AAA C   1 ? 
ATOM   130  O  O   . ILE A 1 13  ? -5.892  11.385  -3.380  1.000 20.804  ? 991  ILE AAA O   1 ? 
ATOM   131  C  CB  . ILE A 1 13  ? -8.650  13.149  -2.549  1.000 19.080  ? 991  ILE AAA CB  1 ? 
ATOM   132  C  CG1 . ILE A 1 13  ? -10.120 13.135  -3.010  1.000 25.093  ? 991  ILE AAA CG1 1 ? 
ATOM   133  C  CG2 . ILE A 1 13  ? -7.796  13.975  -3.520  1.000 24.433  ? 991  ILE AAA CG2 1 ? 
ATOM   134  C  CD1 . ILE A 1 13  ? -10.870 14.395  -2.687  1.000 24.709  ? 991  ILE AAA CD1 1 ? 
ATOM   135  N  N   . PHE A 1 14  ? -6.131  11.957  -1.188  1.000 18.743  ? 992  PHE AAA N   1 ? 
ATOM   136  C  CA  . PHE A 1 14  ? -4.686  11.943  -0.941  1.000 19.865  ? 992  PHE AAA CA  1 ? 
ATOM   137  C  C   . PHE A 1 14  ? -4.120  10.528  -1.220  1.000 19.085  ? 992  PHE AAA C   1 ? 
ATOM   138  O  O   . PHE A 1 14  ? -3.099  10.367  -1.913  1.000 19.734  ? 992  PHE AAA O   1 ? 
ATOM   139  C  CB  . PHE A 1 14  ? -4.431  12.316  0.522   1.000 21.207  ? 992  PHE AAA CB  1 ? 
ATOM   140  C  CG  . PHE A 1 14  ? -2.973  12.186  0.928   1.000 22.860  ? 992  PHE AAA CG  1 ? 
ATOM   141  C  CD1 . PHE A 1 14  ? -2.013  13.061  0.431   1.000 25.928  ? 992  PHE AAA CD1 1 ? 
ATOM   142  C  CD2 . PHE A 1 14  ? -2.581  11.187  1.802   1.000 24.052  ? 992  PHE AAA CD2 1 ? 
ATOM   143  C  CE1 . PHE A 1 14  ? -0.667  12.947  0.799   1.000 26.251  ? 992  PHE AAA CE1 1 ? 
ATOM   144  C  CE2 . PHE A 1 14  ? -1.243  11.092  2.192   1.000 27.850  ? 992  PHE AAA CE2 1 ? 
ATOM   145  C  CZ  . PHE A 1 14  ? -0.309  11.989  1.720   1.000 25.832  ? 992  PHE AAA CZ  1 ? 
ATOM   146  N  N   . LEU A 1 15  ? -4.779  9.485   -0.697  1.000 20.020  ? 993  LEU AAA N   1 ? 
ATOM   147  C  CA  . LEU A 1 15  ? -4.274  8.124   -0.902  1.000 21.504  ? 993  LEU AAA CA  1 ? 
ATOM   148  C  C   . LEU A 1 15  ? -4.325  7.683   -2.367  1.000 19.745  ? 993  LEU AAA C   1 ? 
ATOM   149  O  O   . LEU A 1 15  ? -3.420  6.971   -2.820  1.000 21.251  ? 993  LEU AAA O   1 ? 
ATOM   150  C  CB  . LEU A 1 15  ? -5.024  7.114   -0.029  1.000 20.983  ? 993  LEU AAA CB  1 ? 
ATOM   151  C  CG  . LEU A 1 15  ? -4.949  7.343   1.478   1.000 23.183  ? 993  LEU AAA CG  1 ? 
ATOM   152  C  CD1 . LEU A 1 15  ? -5.748  6.244   2.182   1.000 24.152  ? 993  LEU AAA CD1 1 ? 
ATOM   153  C  CD2 . LEU A 1 15  ? -3.498  7.322   1.977   1.000 21.339  ? 993  LEU AAA CD2 1 ? 
ATOM   154  N  N   . ARG A 1 16  ? -5.350  8.083   -3.126  1.000 20.112  ? 994  ARG AAA N   1 ? 
ATOM   155  C  CA  . ARG A 1 16  ? -5.379  7.705   -4.533  1.000 21.629  ? 994  ARG AAA CA  1 ? 
ATOM   156  C  C   . ARG A 1 16  ? -4.199  8.358   -5.246  1.000 21.629  ? 994  ARG AAA C   1 ? 
ATOM   157  O  O   . ARG A 1 16  ? -3.618  7.787   -6.194  1.000 19.534  ? 994  ARG AAA O   1 ? 
ATOM   158  C  CB  . ARG A 1 16  ? -6.653  8.182   -5.241  1.000 23.121  ? 994  ARG AAA CB  1 ? 
ATOM   159  C  CG  . ARG A 1 16  ? -7.902  7.356   -4.927  1.000 23.926  ? 994  ARG AAA CG  1 ? 
ATOM   160  C  CD  . ARG A 1 16  ? -9.060  7.700   -5.879  1.000 25.316  ? 994  ARG AAA CD  1 ? 
ATOM   161  N  NE  . ARG A 1 16  ? -10.255 7.313   -5.142  1.000 25.094  ? 994  ARG AAA NE  1 ? 
ATOM   162  C  CZ  . ARG A 1 16  ? -11.010 8.062   -4.336  1.000 28.177  ? 994  ARG AAA CZ  1 ? 
ATOM   163  N  NH1 . ARG A 1 16  ? -10.844 9.377   -4.223  1.000 25.094  ? 994  ARG AAA NH1 1 ? 
ATOM   164  N  NH2 . ARG A 1 16  ? -11.985 7.467   -3.661  1.000 29.276  ? 994  ARG AAA NH2 1 ? 
ATOM   165  N  N   . ASN A 1 17  ? -3.895  9.603   -4.863  1.000 21.469  ? 995  ASN AAA N   1 ? 
ATOM   166  C  CA  . ASN A 1 17  ? -2.841  10.313  -5.585  1.000 21.231  ? 995  ASN AAA CA  1 ? 
ATOM   167  C  C   . ASN A 1 17  ? -1.479  9.649   -5.317  1.000 24.346  ? 995  ASN AAA C   1 ? 
ATOM   168  O  O   . ASN A 1 17  ? -0.702  9.412   -6.242  1.000 20.621  ? 995  ASN AAA O   1 ? 
ATOM   169  C  CB  . ASN A 1 17  ? -2.873  11.793  -5.212  1.000 25.351  ? 995  ASN AAA CB  1 ? 
ATOM   170  C  CG  . ASN A 1 17  ? -1.671  12.518  -5.778  1.000 28.369  ? 995  ASN AAA CG  1 ? 
ATOM   171  O  OD1 . ASN A 1 17  ? -0.704  12.646  -5.081  1.000 25.089  ? 995  ASN AAA OD1 1 ? 
ATOM   172  N  ND2 . ASN A 1 17  ? -1.715  12.978  -7.030  1.000 35.111  ? 995  ASN AAA ND2 1 ? 
ATOM   173  N  N   . VAL A 1 18  ? -1.142  9.412   -4.043  1.000 22.781  ? 996  VAL AAA N   1 ? 
ATOM   174  C  CA  . VAL A 1 18  ? 0.074   8.697   -3.681  1.000 22.617  ? 996  VAL AAA CA  1 ? 
ATOM   175  C  C   . VAL A 1 18  ? 0.122   7.335   -4.407  1.000 22.175  ? 996  VAL AAA C   1 ? 
ATOM   176  O  O   . VAL A 1 18  ? 1.145   6.962   -4.981  1.000 20.089  ? 996  VAL AAA O   1 ? 
ATOM   177  C  CB  . VAL A 1 18  ? 0.161   8.458   -2.162  1.000 22.797  ? 996  VAL AAA CB  1 ? 
ATOM   178  C  CG1 . VAL A 1 18  ? 1.407   7.624   -1.812  1.000 23.486  ? 996  VAL AAA CG1 1 ? 
ATOM   179  C  CG2 . VAL A 1 18  ? 0.193   9.797   -1.396  1.000 20.689  ? 996  VAL AAA CG2 1 ? 
ATOM   180  N  N   . THR A 1 19  ? -0.979  6.585   -4.427  1.000 21.257  ? 997  THR AAA N   1 ? 
ATOM   181  C  CA  . THR A 1 19  ? -0.954  5.231   -5.009  1.000 22.221  ? 997  THR AAA CA  1 ? 
ATOM   182  C  C   . THR A 1 19  ? -0.706  5.300   -6.522  1.000 24.384  ? 997  THR AAA C   1 ? 
ATOM   183  O  O   . THR A 1 19  ? 0.029   4.485   -7.101  1.000 24.294  ? 997  THR AAA O   1 ? 
ATOM   184  C  CB  . THR A 1 19  ? -2.283  4.499   -4.740  1.000 21.949  ? 997  THR AAA CB  1 ? 
ATOM   185  O  OG1 . THR A 1 19  ? -2.489  4.509   -3.326  1.000 22.652  ? 997  THR AAA OG1 1 ? 
ATOM   186  C  CG2 . THR A 1 19  ? -2.245  3.031   -5.149  1.000 23.570  ? 997  THR AAA CG2 1 ? 
ATOM   187  N  N   . HIS A 1 20  ? -1.328  6.273   -7.178  1.000 20.651  ? 998  HIS AAA N   1 ? 
ATOM   188  C  CA  . HIS A 1 20  ? -1.122  6.463   -8.609  1.000 23.016  ? 998  HIS AAA CA  1 ? 
ATOM   189  C  C   . HIS A 1 20  ? 0.358   6.731   -8.904  1.000 22.032  ? 998  HIS AAA C   1 ? 
ATOM   190  O  O   . HIS A 1 20  ? 0.934   6.189   -9.868  1.000 24.335  ? 998  HIS AAA O   1 ? 
ATOM   191  C  CB  . HIS A 1 20  ? -1.998  7.646   -9.093  1.000 26.208  ? 998  HIS AAA CB  1 ? 
ATOM   192  C  CG  . HIS A 1 20  ? -1.803  7.945   -10.537 1.000 30.008  ? 998  HIS AAA CG  1 ? 
ATOM   193  N  ND1 . HIS A 1 20  ? -1.134  9.092   -10.991 1.000 34.456  ? 998  HIS AAA ND1 1 ? 
ATOM   194  C  CD2 . HIS A 1 20  ? -2.187  7.255   -11.640 1.000 26.652  ? 998  HIS AAA CD2 1 ? 
ATOM   195  C  CE1 . HIS A 1 20  ? -1.106  9.083   -12.320 1.000 31.984  ? 998  HIS AAA CE1 1 ? 
ATOM   196  N  NE2 . HIS A 1 20  ? -1.756  7.958   -12.740 1.000 37.001  ? 998  HIS AAA NE2 1 ? 
ATOM   197  N  N   . ARG A 1 21  ? 0.978   7.590   -8.096  1.000 22.577  ? 999  ARG AAA N   1 ? 
ATOM   198  C  CA  . ARG A 1 21  ? 2.391   7.911   -8.333  1.000 21.086  ? 999  ARG AAA CA  1 ? 
ATOM   199  C  C   . ARG A 1 21  ? 3.305   6.682   -8.184  1.000 23.019  ? 999  ARG AAA C   1 ? 
ATOM   200  O  O   . ARG A 1 21  ? 4.326   6.570   -8.870  1.000 22.927  ? 999  ARG AAA O   1 ? 
ATOM   201  C  CB  . ARG A 1 21  ? 2.819   9.081   -7.454  1.000 21.756  ? 999  ARG AAA CB  1 ? 
ATOM   202  C  CG  . ARG A 1 21  ? 2.298   10.422  -7.973  1.000 25.708  ? 999  ARG AAA CG  1 ? 
ATOM   203  C  CD  . ARG A 1 21  ? 2.019   11.392  -6.829  1.000 25.612  ? 999  ARG AAA CD  1 ? 
ATOM   204  N  NE  . ARG A 1 21  ? 3.239   11.868  -6.225  1.000 26.609  ? 999  ARG AAA NE  1 ? 
ATOM   205  C  CZ  . ARG A 1 21  ? 3.307   12.576  -5.104  1.000 26.785  ? 999  ARG AAA CZ  1 ? 
ATOM   206  N  NH1 . ARG A 1 21  ? 2.209   12.950  -4.471  1.000 25.010  ? 999  ARG AAA NH1 1 ? 
ATOM   207  N  NH2 . ARG A 1 21  ? 4.479   12.960  -4.650  1.000 24.127  ? 999  ARG AAA NH2 1 ? 
ATOM   208  N  N   . LEU A 1 22  ? 2.993   5.795   -7.238  1.000 21.400  ? 1000 LEU AAA N   1 ? 
ATOM   209  C  CA  . LEU A 1 22  ? 3.731   4.542   -7.110  1.000 22.953  ? 1000 LEU AAA CA  1 ? 
ATOM   210  C  C   . LEU A 1 22  ? 3.442   3.644   -8.300  1.000 24.889  ? 1000 LEU AAA C   1 ? 
ATOM   211  O  O   . LEU A 1 22  ? 4.382   3.082   -8.864  1.000 25.063  ? 1000 LEU AAA O   1 ? 
ATOM   212  C  CB  . LEU A 1 22  ? 3.318   3.815   -5.822  1.000 22.737  ? 1000 LEU AAA CB  1 ? 
ATOM   213  C  CG  . LEU A 1 22  ? 3.561   4.573   -4.517  1.000 22.720  ? 1000 LEU AAA CG  1 ? 
ATOM   214  C  CD1 . LEU A 1 22  ? 2.977   3.803   -3.324  1.000 21.807  ? 1000 LEU AAA CD1 1 ? 
ATOM   215  C  CD2 . LEU A 1 22  ? 5.063   4.795   -4.322  1.000 24.061  ? 1000 LEU AAA CD2 1 ? 
ATOM   216  N  N   . ALA A 1 23  ? 2.174   3.539   -8.698  1.000 23.800  ? 1001 ALA AAA N   1 ? 
ATOM   217  C  CA  . ALA A 1 23  ? 1.764   2.587   -9.734  1.000 27.153  ? 1001 ALA AAA CA  1 ? 
ATOM   218  C  C   . ALA A 1 23  ? 2.342   2.926   -11.103 1.000 29.134  ? 1001 ALA AAA C   1 ? 
ATOM   219  O  O   . ALA A 1 23  ? 2.446   2.025   -11.945 1.000 26.932  ? 1001 ALA AAA O   1 ? 
ATOM   220  C  CB  . ALA A 1 23  ? 0.250   2.464   -9.853  1.000 26.693  ? 1001 ALA AAA CB  1 ? 
ATOM   221  N  N   . ILE A 1 24  ? 2.607   4.207   -11.361 1.000 26.262  ? 1002 ILE AAA N   1 ? 
ATOM   222  C  CA  . ILE A 1 24  ? 3.126   4.585   -12.663 1.000 27.600  ? 1002 ILE AAA CA  1 ? 
ATOM   223  C  C   . ILE A 1 24  ? 4.652   4.469   -12.689 1.000 32.724  ? 1002 ILE AAA C   1 ? 
ATOM   224  O  O   . ILE A 1 24  ? 5.218   4.652   -13.754 1.000 31.853  ? 1002 ILE AAA O   1 ? 
ATOM   225  C  CB  . ILE A 1 24  ? 2.700   5.993   -13.122 1.000 28.926  ? 1002 ILE AAA CB  1 ? 
ATOM   226  C  CG1 . ILE A 1 24  ? 3.302   7.078   -12.218 1.000 26.655  ? 1002 ILE AAA CG1 1 ? 
ATOM   227  C  CG2 . ILE A 1 24  ? 1.173   6.071   -13.287 1.000 30.338  ? 1002 ILE AAA CG2 1 ? 
ATOM   228  C  CD1 . ILE A 1 24  ? 2.857   8.530   -12.523 1.000 29.300  ? 1002 ILE AAA CD1 1 ? 
ATOM   229  N  N   . ASP A 1 25  ? 5.324   4.233   -11.557 1.000 28.994  ? 1003 ASP AAA N   1 ? 
ATOM   230  C  CA  . ASP A 1 25  ? 6.782   4.159   -11.525 1.000 29.970  ? 1003 ASP AAA CA  1 ? 
ATOM   231  C  C   . ASP A 1 25  ? 7.215   2.809   -12.105 1.000 30.759  ? 1003 ASP AAA C   1 ? 
ATOM   232  O  O   . ASP A 1 25  ? 6.815   1.750   -11.607 1.000 27.171  ? 1003 ASP AAA O   1 ? 
ATOM   233  C  CB  . ASP A 1 25  ? 7.288   4.342   -10.089 1.000 29.186  ? 1003 ASP AAA CB  1 ? 
ATOM   234  C  CG  . ASP A 1 25  ? 8.803   4.431   -9.985  1.000 29.609  ? 1003 ASP AAA CG  1 ? 
ATOM   235  O  OD1 . ASP A 1 25  ? 9.511   3.560   -10.555 1.000 29.056  ? 1003 ASP AAA OD1 1 ? 
ATOM   236  O  OD2 . ASP A 1 25  ? 9.257   5.340   -9.307  1.000 28.877  ? 1003 ASP AAA OD2 1 ? 
ATOM   237  N  N   . LYS A 1 26  ? 8.049   2.804   -13.170 1.000 29.801  ? 1004 LYS AAA N   1 ? 
ATOM   238  C  CA  . LYS A 1 26  ? 8.351   1.538   -13.844 1.000 31.009  ? 1004 LYS AAA CA  1 ? 
ATOM   239  C  C   . LYS A 1 26  ? 8.988   0.515   -12.904 1.000 25.277  ? 1004 LYS AAA C   1 ? 
ATOM   240  O  O   . LYS A 1 26  ? 8.847   -0.691  -13.112 1.000 27.181  ? 1004 LYS AAA O   1 ? 
ATOM   241  C  CB  . LYS A 1 26  ? 9.362   1.734   -14.981 1.000 36.507  ? 1004 LYS AAA CB  1 ? 
ATOM   242  C  CG  . LYS A 1 26  ? 8.810   2.394   -16.225 1.000 50.813  ? 1004 LYS AAA CG  1 ? 
ATOM   243  C  CD  . LYS A 1 26  ? 9.939   2.793   -17.162 1.000 64.607  ? 1004 LYS AAA CD  1 ? 
ATOM   244  C  CE  . LYS A 1 26  ? 9.461   3.268   -18.520 1.000 67.177  ? 1004 LYS AAA CE  1 ? 
ATOM   245  N  NZ  . LYS A 1 26  ? 10.544  3.975   -19.255 1.000 75.406  ? 1004 LYS AAA NZ  1 ? 
ATOM   246  N  N   . ARG A 1 27  ? 9.696   0.967   -11.879 1.000 27.753  ? 1005 ARG AAA N   1 ? 
ATOM   247  C  CA  . ARG A 1 27  ? 10.310  -0.029  -11.000 1.000 27.700  ? 1005 ARG AAA CA  1 ? 
ATOM   248  C  C   . ARG A 1 27  ? 9.271   -0.888  -10.288 1.000 30.161  ? 1005 ARG AAA C   1 ? 
ATOM   249  O  O   . ARG A 1 27  ? 9.599   -2.000  -9.866  1.000 29.917  ? 1005 ARG AAA O   1 ? 
ATOM   250  C  CB  . ARG A 1 27  ? 11.109  0.623   -9.890  1.000 27.087  ? 1005 ARG AAA CB  1 ? 
ATOM   251  C  CG  . ARG A 1 27  ? 12.297  1.438   -10.383 1.000 32.003  ? 1005 ARG AAA CG  1 ? 
ATOM   252  C  CD  . ARG A 1 27  ? 12.860  2.202   -9.220  1.000 28.551  ? 1005 ARG AAA CD  1 ? 
ATOM   253  N  NE  . ARG A 1 27  ? 12.010  3.304   -8.817  1.000 31.302  ? 1005 ARG AAA NE  1 ? 
ATOM   254  C  CZ  . ARG A 1 27  ? 12.257  4.059   -7.761  1.000 31.264  ? 1005 ARG AAA CZ  1 ? 
ATOM   255  N  NH1 . ARG A 1 27  ? 13.332  3.824   -7.024  1.000 30.454  ? 1005 ARG AAA NH1 1 ? 
ATOM   256  N  NH2 . ARG A 1 27  ? 11.428  5.038   -7.428  1.000 29.567  ? 1005 ARG AAA NH2 1 ? 
ATOM   257  N  N   . PHE A 1 28  ? 8.039   -0.378  -10.162 1.000 27.485  ? 1006 PHE AAA N   1 ? 
ATOM   258  C  CA  . PHE A 1 28  ? 7.021   -0.974  -9.282  1.000 26.926  ? 1006 PHE AAA CA  1 ? 
ATOM   259  C  C   . PHE A 1 28  ? 5.993   -1.765  -10.078 1.000 27.988  ? 1006 PHE AAA C   1 ? 
ATOM   260  O  O   . PHE A 1 28  ? 4.959   -2.217  -9.544  1.000 26.025  ? 1006 PHE AAA O   1 ? 
ATOM   261  C  CB  . PHE A 1 28  ? 6.383   0.094   -8.376  1.000 23.080  ? 1006 PHE AAA CB  1 ? 
ATOM   262  C  CG  . PHE A 1 28  ? 7.385   0.869   -7.553  1.000 26.388  ? 1006 PHE AAA CG  1 ? 
ATOM   263  C  CD1 . PHE A 1 28  ? 8.578   0.269   -7.143  1.000 24.466  ? 1006 PHE AAA CD1 1 ? 
ATOM   264  C  CD2 . PHE A 1 28  ? 7.180   2.208   -7.243  1.000 22.779  ? 1006 PHE AAA CD2 1 ? 
ATOM   265  C  CE1 . PHE A 1 28  ? 9.518   0.990   -6.418  1.000 25.900  ? 1006 PHE AAA CE1 1 ? 
ATOM   266  C  CE2 . PHE A 1 28  ? 8.132   2.923   -6.522  1.000 24.944  ? 1006 PHE AAA CE2 1 ? 
ATOM   267  C  CZ  . PHE A 1 28  ? 9.306   2.321   -6.115  1.000 27.674  ? 1006 PHE AAA CZ  1 ? 
ATOM   268  N  N   . ARG A 1 29  ? 6.287   -1.992  -11.365 1.000 26.833  ? 1007 ARG AAA N   1 ? 
ATOM   269  C  CA  . ARG A 1 29  ? 5.305   -2.623  -12.233 1.000 29.276  ? 1007 ARG AAA CA  1 ? 
ATOM   270  C  C   . ARG A 1 29  ? 4.842   -3.964  -11.669 1.000 27.305  ? 1007 ARG AAA C   1 ? 
ATOM   271  O  O   . ARG A 1 29  ? 3.670   -4.300  -11.745 1.000 30.109  ? 1007 ARG AAA O   1 ? 
ATOM   272  C  CB  . ARG A 1 29  ? 5.854   -2.727  -13.663 1.000 33.648  ? 1007 ARG AAA CB  1 ? 
ATOM   273  C  CG  . ARG A 1 29  ? 4.868   -3.351  -14.635 1.000 40.985  ? 1007 ARG AAA CG  1 ? 
ATOM   274  C  CD  . ARG A 1 29  ? 5.519   -3.397  -16.013 1.000 57.256  ? 1007 ARG AAA CD  1 ? 
ATOM   275  N  NE  . ARG A 1 29  ? 4.868   -4.415  -16.828 1.000 72.932  ? 1007 ARG AAA NE  1 ? 
ATOM   276  C  CZ  . ARG A 1 29  ? 3.762   -4.226  -17.549 1.000 84.127  ? 1007 ARG AAA CZ  1 ? 
ATOM   277  N  NH1 . ARG A 1 29  ? 3.173   -3.039  -17.580 1.000 81.475  ? 1007 ARG AAA NH1 1 ? 
ATOM   278  N  NH2 . ARG A 1 29  ? 3.247   -5.230  -18.241 1.000 90.388  ? 1007 ARG AAA NH2 1 ? 
ATOM   279  N  N   . VAL A 1 30  ? 5.770   -4.727  -11.108 1.000 26.685  ? 1008 VAL AAA N   1 ? 
ATOM   280  C  CA  . VAL A 1 30  ? 5.487   -6.068  -10.623 1.000 29.617  ? 1008 VAL AAA CA  1 ? 
ATOM   281  C  C   . VAL A 1 30  ? 4.480   -6.008  -9.467  1.000 32.711  ? 1008 VAL AAA C   1 ? 
ATOM   282  O  O   . VAL A 1 30  ? 3.811   -6.993  -9.194  1.000 29.437  ? 1008 VAL AAA O   1 ? 
ATOM   283  C  CB  . VAL A 1 30  ? 6.791   -6.783  -10.201 1.000 32.807  ? 1008 VAL AAA CB  1 ? 
ATOM   284  C  CG1 . VAL A 1 30  ? 7.474   -6.095  -9.033  1.000 36.619  ? 1008 VAL AAA CG1 1 ? 
ATOM   285  C  CG2 . VAL A 1 30  ? 6.569   -8.255  -9.882  1.000 45.546  ? 1008 VAL AAA CG2 1 ? 
ATOM   286  N  N   . PHE A 1 31  ? 4.367   -4.853  -8.797  1.000 27.270  ? 1009 PHE AAA N   1 ? 
ATOM   287  C  CA  . PHE A 1 31  ? 3.480   -4.747  -7.644  1.000 28.597  ? 1009 PHE AAA CA  1 ? 
ATOM   288  C  C   . PHE A 1 31  ? 2.137   -4.128  -8.033  1.000 29.457  ? 1009 PHE AAA C   1 ? 
ATOM   289  O  O   . PHE A 1 31  ? 1.319   -3.860  -7.150  1.000 28.505  ? 1009 PHE AAA O   1 ? 
ATOM   290  C  CB  . PHE A 1 31  ? 4.144   -3.902  -6.541  1.000 28.135  ? 1009 PHE AAA CB  1 ? 
ATOM   291  C  CG  . PHE A 1 31  ? 5.537   -4.355  -6.167  1.000 27.929  ? 1009 PHE AAA CG  1 ? 
ATOM   292  C  CD1 . PHE A 1 31  ? 5.766   -5.614  -5.628  1.000 28.028  ? 1009 PHE AAA CD1 1 ? 
ATOM   293  C  CD2 . PHE A 1 31  ? 6.618   -3.504  -6.354  1.000 29.941  ? 1009 PHE AAA CD2 1 ? 
ATOM   294  C  CE1 . PHE A 1 31  ? 7.053   -6.039  -5.321  1.000 29.425  ? 1009 PHE AAA CE1 1 ? 
ATOM   295  C  CE2 . PHE A 1 31  ? 7.909   -3.915  -6.026  1.000 29.046  ? 1009 PHE AAA CE2 1 ? 
ATOM   296  C  CZ  . PHE A 1 31  ? 8.124   -5.173  -5.500  1.000 28.102  ? 1009 PHE AAA CZ  1 ? 
ATOM   297  N  N   . THR A 1 32  ? 1.882   -3.895  -9.334  1.000 28.819  ? 1010 THR AAA N   1 ? 
ATOM   298  C  CA  . THR A 1 32  ? 0.651   -3.217  -9.712  1.000 30.870  ? 1010 THR AAA CA  1 ? 
ATOM   299  C  C   . THR A 1 32  ? -0.521  -4.177  -9.905  1.000 32.441  ? 1010 THR AAA C   1 ? 
ATOM   300  O  O   . THR A 1 32  ? -1.655  -3.739  -10.013 1.000 36.821  ? 1010 THR AAA O   1 ? 
ATOM   301  C  CB  . THR A 1 32  ? 0.790   -2.406  -11.000 1.000 30.913  ? 1010 THR AAA CB  1 ? 
ATOM   302  O  OG1 . THR A 1 32  ? 1.144   -3.279  -12.080 1.000 31.478  ? 1010 THR AAA OG1 1 ? 
ATOM   303  C  CG2 . THR A 1 32  ? 1.792   -1.279  -10.870 1.000 27.842  ? 1010 THR AAA CG2 1 ? 
ATOM   304  N  N   . LYS A 1 33  ? -0.257  -5.478  -9.925  1.000 33.142  ? 1011 LYS AAA N   1 ? 
ATOM   305  C  CA  . LYS A 1 33  ? -1.320  -6.428  -10.216 1.000 37.833  ? 1011 LYS AAA CA  1 ? 
ATOM   306  C  C   . LYS A 1 33  ? -1.119  -7.635  -9.319  1.000 32.164  ? 1011 LYS AAA C   1 ? 
ATOM   307  O  O   . LYS A 1 33  ? 0.009   -7.936  -8.933  1.000 32.707  ? 1011 LYS AAA O   1 ? 
ATOM   308  C  CB  . LYS A 1 33  ? -1.242  -6.869  -11.690 1.000 41.920  ? 1011 LYS AAA CB  1 ? 
ATOM   309  C  CG  . LYS A 1 33  ? -1.896  -5.916  -12.689 1.000 56.761  ? 1011 LYS AAA CG  1 ? 
ATOM   310  C  CD  . LYS A 1 33  ? -3.418  -5.838  -12.571 1.000 69.825  ? 1011 LYS AAA CD  1 ? 
ATOM   311  C  CE  . LYS A 1 33  ? -4.089  -5.137  -13.734 1.000 77.110  ? 1011 LYS AAA CE  1 ? 
ATOM   312  N  NZ  . LYS A 1 33  ? -4.354  -3.710  -13.429 1.000 78.065  ? 1011 LYS AAA NZ  1 ? 
ATOM   313  N  N   . PRO A 1 34  ? -2.189  -8.380  -8.955  1.000 39.924  ? 1012 PRO AAA N   1 ? 
ATOM   314  C  CA  . PRO A 1 34  ? -2.020  -9.600  -8.162  1.000 41.611  ? 1012 PRO AAA CA  1 ? 
ATOM   315  C  C   . PRO A 1 34  ? -1.130  -10.531 -8.976  1.000 43.946  ? 1012 PRO AAA C   1 ? 
ATOM   316  O  O   . PRO A 1 34  ? -1.071  -10.396 -10.187 1.000 41.614  ? 1012 PRO AAA O   1 ? 
ATOM   317  C  CB  . PRO A 1 34  ? -3.423  -10.227 -8.112  1.000 42.228  ? 1012 PRO AAA CB  1 ? 
ATOM   318  C  CG  . PRO A 1 34  ? -4.371  -9.110  -8.485  1.000 40.549  ? 1012 PRO AAA CG  1 ? 
ATOM   319  C  CD  . PRO A 1 34  ? -3.589  -8.126  -9.329  1.000 39.265  ? 1012 PRO AAA CD  1 ? 
ATOM   320  N  N   . VAL A 1 35  ? -0.407  -11.425 -8.298  1.000 50.791  ? 1013 VAL AAA N   1 ? 
ATOM   321  C  CA  . VAL A 1 35  ? 0.387   -12.449 -8.956  1.000 50.845  ? 1013 VAL AAA CA  1 ? 
ATOM   322  C  C   . VAL A 1 35  ? -0.569  -13.398 -9.684  1.000 61.789  ? 1013 VAL AAA C   1 ? 
ATOM   323  O  O   . VAL A 1 35  ? -1.618  -13.753 -9.149  1.000 69.479  ? 1013 VAL AAA O   1 ? 
ATOM   324  C  CB  . VAL A 1 35  ? 1.247   -13.215 -7.930  1.000 53.553  ? 1013 VAL AAA CB  1 ? 
ATOM   325  C  CG1 . VAL A 1 35  ? 1.884   -14.454 -8.536  1.000 52.464  ? 1013 VAL AAA CG1 1 ? 
ATOM   326  C  CG2 . VAL A 1 35  ? 2.319   -12.344 -7.295  1.000 51.241  ? 1013 VAL AAA CG2 1 ? 
ATOM   327  N  N   . ASP A 1 36  ? -0.191  -13.821 -10.897 1.000 63.152  ? 1014 ASP AAA N   1 ? 
ATOM   328  C  CA  . ASP A 1 36  ? -1.012  -14.736 -11.682 1.000 75.348  ? 1014 ASP AAA CA  1 ? 
ATOM   329  C  C   . ASP A 1 36  ? -0.704  -16.183 -11.279 1.000 82.743  ? 1014 ASP AAA C   1 ? 
ATOM   330  O  O   . ASP A 1 36  ? 0.442   -16.630 -11.401 1.000 79.757  ? 1014 ASP AAA O   1 ? 
ATOM   331  C  CB  . ASP A 1 36  ? -0.850  -14.451 -13.179 1.000 79.040  ? 1014 ASP AAA CB  1 ? 
ATOM   332  C  CG  . ASP A 1 36  ? -1.687  -15.333 -14.093 1.000 82.040  ? 1014 ASP AAA CG  1 ? 
ATOM   333  O  OD1 . ASP A 1 36  ? -2.803  -15.724 -13.687 1.000 78.730  ? 1014 ASP AAA OD1 1 ? 
ATOM   334  O  OD2 . ASP A 1 36  ? -1.212  -15.618 -15.208 1.000 90.997  ? 1014 ASP AAA OD2 1 ? 
ATOM   335  N  N   . PRO A 1 37  ? -1.700  -16.970 -10.788 1.000 85.272  ? 1015 PRO AAA N   1 ? 
ATOM   336  C  CA  . PRO A 1 37  ? -1.429  -18.330 -10.306 1.000 89.552  ? 1015 PRO AAA CA  1 ? 
ATOM   337  C  C   . PRO A 1 37  ? -0.938  -19.251 -11.426 1.000 93.664  ? 1015 PRO AAA C   1 ? 
ATOM   338  O  O   . PRO A 1 37  ? -0.246  -20.235 -11.166 1.000 90.942  ? 1015 PRO AAA O   1 ? 
ATOM   339  C  CB  . PRO A 1 37  ? -2.751  -18.780 -9.657  1.000 83.126  ? 1015 PRO AAA CB  1 ? 
ATOM   340  C  CG  . PRO A 1 37  ? -3.813  -17.907 -10.302 1.000 83.549  ? 1015 PRO AAA CG  1 ? 
ATOM   341  C  CD  . PRO A 1 37  ? -3.126  -16.609 -10.680 1.000 78.663  ? 1015 PRO AAA CD  1 ? 
ATOM   342  N  N   . ASP A 1 38  ? -1.264  -18.871 -12.672 1.000 99.760  ? 1016 ASP AAA N   1 ? 
ATOM   343  C  CA  . ASP A 1 38  ? -0.868  -19.572 -13.885 1.000 100.322 ? 1016 ASP AAA CA  1 ? 
ATOM   344  C  C   . ASP A 1 38  ? 0.610   -19.334 -14.186 1.000 98.293  ? 1016 ASP AAA C   1 ? 
ATOM   345  O  O   . ASP A 1 38  ? 1.198   -20.055 -14.990 1.000 98.200  ? 1016 ASP AAA O   1 ? 
ATOM   346  C  CB  . ASP A 1 38  ? -1.745  -19.178 -15.076 1.000 100.231 ? 1016 ASP AAA CB  1 ? 
ATOM   347  C  CG  . ASP A 1 38  ? -3.215  -19.534 -14.910 1.000 99.576  ? 1016 ASP AAA CG  1 ? 
ATOM   348  O  OD1 . ASP A 1 38  ? -3.541  -20.315 -13.991 1.000 93.342  ? 1016 ASP AAA OD1 1 ? 
ATOM   349  O  OD2 . ASP A 1 38  ? -4.028  -19.025 -15.704 1.000 100.457 ? 1016 ASP AAA OD2 1 ? 
ATOM   350  N  N   . GLU A 1 39  ? 1.192   -18.298 -13.572 1.000 95.651  ? 1017 GLU AAA N   1 ? 
ATOM   351  C  CA  . GLU A 1 39  ? 2.639   -18.183 -13.510 1.000 93.495  ? 1017 GLU AAA CA  1 ? 
ATOM   352  C  C   . GLU A 1 39  ? 3.129   -18.894 -12.254 1.000 88.937  ? 1017 GLU AAA C   1 ? 
ATOM   353  O  O   . GLU A 1 39  ? 3.998   -19.762 -12.329 1.000 85.955  ? 1017 GLU AAA O   1 ? 
ATOM   354  C  CB  . GLU A 1 39  ? 3.091   -16.721 -13.498 1.000 99.227  ? 1017 GLU AAA CB  1 ? 
ATOM   355  C  CG  . GLU A 1 39  ? 3.516   -16.202 -14.855 1.000 97.188  ? 1017 GLU AAA CG  1 ? 
ATOM   356  C  CD  . GLU A 1 39  ? 2.359   -16.058 -15.825 1.000 100.601 ? 1017 GLU AAA CD  1 ? 
ATOM   357  O  OE1 . GLU A 1 39  ? 1.559   -15.120 -15.655 1.000 106.271 ? 1017 GLU AAA OE1 1 ? 
ATOM   358  O  OE2 . GLU A 1 39  ? 2.252   -16.898 -16.736 1.000 105.478 ? 1017 GLU AAA OE2 1 ? 
ATOM   359  N  N   . VAL A 1 40  ? 2.545   -18.511 -11.109 1.000 77.937  ? 1018 VAL AAA N   1 ? 
ATOM   360  C  CA  . VAL A 1 40  ? 3.094   -18.850 -9.804  1.000 78.870  ? 1018 VAL AAA CA  1 ? 
ATOM   361  C  C   . VAL A 1 40  ? 2.015   -19.537 -8.968  1.000 86.042  ? 1018 VAL AAA C   1 ? 
ATOM   362  O  O   . VAL A 1 40  ? 1.356   -18.883 -8.164  1.000 80.629  ? 1018 VAL AAA O   1 ? 
ATOM   363  C  CB  . VAL A 1 40  ? 3.662   -17.610 -9.079  1.000 70.921  ? 1018 VAL AAA CB  1 ? 
ATOM   364  C  CG1 . VAL A 1 40  ? 4.826   -17.992 -8.188  1.000 63.134  ? 1018 VAL AAA CG1 1 ? 
ATOM   365  C  CG2 . VAL A 1 40  ? 4.098   -16.514 -10.045 1.000 76.360  ? 1018 VAL AAA CG2 1 ? 
ATOM   366  N  N   . PRO A 1 41  ? 1.817   -20.874 -9.111  1.000 89.042  ? 1019 PRO AAA N   1 ? 
ATOM   367  C  CA  . PRO A 1 41  ? 0.705   -21.563 -8.449  1.000 80.557  ? 1019 PRO AAA CA  1 ? 
ATOM   368  C  C   . PRO A 1 41  ? 0.943   -21.728 -6.948  1.000 71.014  ? 1019 PRO AAA C   1 ? 
ATOM   369  O  O   . PRO A 1 41  ? -0.002  -21.833 -6.168  1.000 74.771  ? 1019 PRO AAA O   1 ? 
ATOM   370  C  CB  . PRO A 1 41  ? 0.631   -22.914 -9.180  1.000 85.356  ? 1019 PRO AAA CB  1 ? 
ATOM   371  C  CG  . PRO A 1 41  ? 2.057   -23.164 -9.648  1.000 86.569  ? 1019 PRO AAA CG  1 ? 
ATOM   372  C  CD  . PRO A 1 41  ? 2.656   -21.794 -9.901  1.000 88.669  ? 1019 PRO AAA CD  1 ? 
ATOM   373  N  N   . ASP A 1 42  ? 2.213   -21.705 -6.536  1.000 60.441  ? 1020 ASP AAA N   1 ? 
ATOM   374  C  CA  . ASP A 1 42  ? 2.506   -21.824 -5.118  1.000 57.331  ? 1020 ASP AAA CA  1 ? 
ATOM   375  C  C   . ASP A 1 42  ? 2.453   -20.454 -4.433  1.000 50.992  ? 1020 ASP AAA C   1 ? 
ATOM   376  O  O   . ASP A 1 42  ? 2.764   -20.357 -3.245  1.000 48.214  ? 1020 ASP AAA O   1 ? 
ATOM   377  C  CB  . ASP A 1 42  ? 3.862   -22.493 -4.880  1.000 59.319  ? 1020 ASP AAA CB  1 ? 
ATOM   378  C  CG  . ASP A 1 42  ? 4.993   -21.672 -5.473  1.000 70.206  ? 1020 ASP AAA CG  1 ? 
ATOM   379  O  OD1 . ASP A 1 42  ? 5.036   -21.550 -6.724  1.000 81.123  ? 1020 ASP AAA OD1 1 ? 
ATOM   380  O  OD2 . ASP A 1 42  ? 5.782   -21.110 -4.686  1.000 57.340  ? 1020 ASP AAA OD2 1 ? 
ATOM   381  N  N   . TYR A 1 43  ? 2.111   -19.383 -5.165  1.000 50.511  ? 1021 TYR AAA N   1 ? 
ATOM   382  C  CA  . TYR A 1 43  ? 2.181   -18.089 -4.492  1.000 45.126  ? 1021 TYR AAA CA  1 ? 
ATOM   383  C  C   . TYR A 1 43  ? 1.124   -18.068 -3.395  1.000 49.593  ? 1021 TYR AAA C   1 ? 
ATOM   384  O  O   . TYR A 1 43  ? 1.439   -17.872 -2.220  1.000 46.194  ? 1021 TYR AAA O   1 ? 
ATOM   385  C  CB  . TYR A 1 43  ? 1.955   -16.908 -5.438  1.000 44.927  ? 1021 TYR AAA CB  1 ? 
ATOM   386  C  CG  . TYR A 1 43  ? 2.233   -15.563 -4.800  1.000 39.865  ? 1021 TYR AAA CG  1 ? 
ATOM   387  C  CD1 . TYR A 1 43  ? 3.538   -15.098 -4.674  1.000 40.015  ? 1021 TYR AAA CD1 1 ? 
ATOM   388  C  CD2 . TYR A 1 43  ? 1.212   -14.776 -4.282  1.000 42.295  ? 1021 TYR AAA CD2 1 ? 
ATOM   389  C  CE1 . TYR A 1 43  ? 3.823   -13.875 -4.083  1.000 39.183  ? 1021 TYR AAA CE1 1 ? 
ATOM   390  C  CE2 . TYR A 1 43  ? 1.479   -13.547 -3.679  1.000 38.432  ? 1021 TYR AAA CE2 1 ? 
ATOM   391  C  CZ  . TYR A 1 43  ? 2.786   -13.095 -3.594  1.000 36.054  ? 1021 TYR AAA CZ  1 ? 
ATOM   392  O  OH  . TYR A 1 43  ? 3.084   -11.907 -3.002  1.000 33.948  ? 1021 TYR AAA OH  1 ? 
ATOM   393  N  N   . VAL A 1 44  ? -0.109  -18.364 -3.835  1.000 52.487  ? 1022 VAL AAA N   1 ? 
ATOM   394  C  CA  . VAL A 1 44  ? -1.329  -18.230 -3.060  1.000 62.082  ? 1022 VAL AAA CA  1 ? 
ATOM   395  C  C   . VAL A 1 44  ? -1.278  -19.173 -1.863  1.000 55.784  ? 1022 VAL AAA C   1 ? 
ATOM   396  O  O   . VAL A 1 44  ? -2.030  -18.983 -0.916  1.000 56.204  ? 1022 VAL AAA O   1 ? 
ATOM   397  C  CB  . VAL A 1 44  ? -2.579  -18.449 -3.938  1.000 68.394  ? 1022 VAL AAA CB  1 ? 
ATOM   398  C  CG1 . VAL A 1 44  ? -3.010  -19.913 -3.993  1.000 69.436  ? 1022 VAL AAA CG1 1 ? 
ATOM   399  C  CG2 . VAL A 1 44  ? -3.733  -17.543 -3.529  1.000 64.934  ? 1022 VAL AAA CG2 1 ? 
ATOM   400  N  N   . THR A 1 45  ? -0.366  -20.154 -1.889  1.000 58.706  ? 1023 THR AAA N   1 ? 
ATOM   401  C  CA  . THR A 1 45  ? -0.238  -21.067 -0.766  1.000 59.496  ? 1023 THR AAA CA  1 ? 
ATOM   402  C  C   . THR A 1 45  ? 0.866   -20.608 0.186   1.000 54.558  ? 1023 THR AAA C   1 ? 
ATOM   403  O  O   . THR A 1 45  ? 0.780   -20.862 1.385   1.000 54.640  ? 1023 THR AAA O   1 ? 
ATOM   404  C  CB  . THR A 1 45  ? -0.151  -22.538 -1.205  1.000 64.626  ? 1023 THR AAA CB  1 ? 
ATOM   405  O  OG1 . THR A 1 45  ? 1.171   -22.841 -1.663  1.000 70.260  ? 1023 THR AAA OG1 1 ? 
ATOM   406  C  CG2 . THR A 1 45  ? -1.198  -22.924 -2.231  1.000 56.047  ? 1023 THR AAA CG2 1 ? 
ATOM   407  N  N   . VAL A 1 46  ? 1.900   -19.939 -0.345  1.000 45.720  ? 1024 VAL AAA N   1 ? 
ATOM   408  C  CA  . VAL A 1 46  ? 2.954   -19.407 0.512   1.000 43.429  ? 1024 VAL AAA CA  1 ? 
ATOM   409  C  C   . VAL A 1 46  ? 2.505   -18.070 1.110   1.000 42.171  ? 1024 VAL AAA C   1 ? 
ATOM   410  O  O   . VAL A 1 46  ? 2.791   -17.776 2.272   1.000 44.356  ? 1024 VAL AAA O   1 ? 
ATOM   411  C  CB  . VAL A 1 46  ? 4.300   -19.274 -0.229  1.000 46.484  ? 1024 VAL AAA CB  1 ? 
ATOM   412  C  CG1 . VAL A 1 46  ? 5.361   -18.542 0.599   1.000 48.653  ? 1024 VAL AAA CG1 1 ? 
ATOM   413  C  CG2 . VAL A 1 46  ? 4.819   -20.636 -0.676  1.000 54.878  ? 1024 VAL AAA CG2 1 ? 
ATOM   414  N  N   . ILE A 1 47  ? 1.877   -17.222 0.281   1.000 35.432  ? 1025 ILE AAA N   1 ? 
ATOM   415  C  CA  . ILE A 1 47  ? 1.580   -15.878 0.757   1.000 31.554  ? 1025 ILE AAA CA  1 ? 
ATOM   416  C  C   . ILE A 1 47  ? 0.090   -15.836 1.098   1.000 32.865  ? 1025 ILE AAA C   1 ? 
ATOM   417  O  O   . ILE A 1 47  ? -0.761  -15.939 0.201   1.000 37.680  ? 1025 ILE AAA O   1 ? 
ATOM   418  C  CB  . ILE A 1 47  ? 1.997   -14.827 -0.312  1.000 31.116  ? 1025 ILE AAA CB  1 ? 
ATOM   419  C  CG1 . ILE A 1 47  ? 3.521   -14.773 -0.527  1.000 29.953  ? 1025 ILE AAA CG1 1 ? 
ATOM   420  C  CG2 . ILE A 1 47  ? 1.434   -13.452 0.001   1.000 29.788  ? 1025 ILE AAA CG2 1 ? 
ATOM   421  C  CD1 . ILE A 1 47  ? 4.326   -14.473 0.707   1.000 29.539  ? 1025 ILE AAA CD1 1 ? 
ATOM   422  N  N   . LYS A 1 48  ? -0.190  -15.708 2.393   1.000 35.837  ? 1026 LYS AAA N   1 ? 
ATOM   423  C  CA  . LYS A 1 48  ? -1.540  -15.828 2.954   1.000 36.588  ? 1026 LYS AAA CA  1 ? 
ATOM   424  C  C   . LYS A 1 48  ? -2.388  -14.578 2.741   1.000 39.147  ? 1026 LYS AAA C   1 ? 
ATOM   425  O  O   . LYS A 1 48  ? -3.619  -14.683 2.690   1.000 34.950  ? 1026 LYS AAA O   1 ? 
ATOM   426  C  CB  . LYS A 1 48  ? -1.413  -16.068 4.461   1.000 38.868  ? 1026 LYS AAA CB  1 ? 
ATOM   427  C  CG  . LYS A 1 48  ? -0.757  -17.405 4.788   1.000 36.757  ? 1026 LYS AAA CG  1 ? 
ATOM   428  C  CD  . LYS A 1 48  ? -1.365  -18.579 4.029   1.000 41.920  ? 1026 LYS AAA CD  1 ? 
ATOM   429  C  CE  . LYS A 1 48  ? -0.741  -19.907 4.426   1.000 43.362  ? 1026 LYS AAA CE  1 ? 
ATOM   430  N  NZ  . LYS A 1 48  ? -1.071  -20.947 3.415   1.000 42.025  ? 1026 LYS AAA NZ  1 ? 
ATOM   431  N  N   A GLN A 1 49  ? -1.722  -13.415 2.614   0.500 34.544  ? 1027 GLN AAA N   1 ? 
ATOM   432  N  N   B GLN A 1 49  ? -1.747  -13.411 2.648   0.500 33.609  ? 1027 GLN AAA N   1 ? 
ATOM   433  C  CA  A GLN A 1 49  ? -2.384  -12.130 2.451   0.500 35.271  ? 1027 GLN AAA CA  1 ? 
ATOM   434  C  CA  B GLN A 1 49  ? -2.525  -12.227 2.344   0.500 33.001  ? 1027 GLN AAA CA  1 ? 
ATOM   435  C  C   A GLN A 1 49  ? -1.786  -11.408 1.245   0.500 31.476  ? 1027 GLN AAA C   1 ? 
ATOM   436  C  C   B GLN A 1 49  ? -1.806  -11.449 1.254   0.500 30.151  ? 1027 GLN AAA C   1 ? 
ATOM   437  O  O   A GLN A 1 49  ? -1.086  -10.425 1.444   0.500 32.827  ? 1027 GLN AAA O   1 ? 
ATOM   438  O  O   B GLN A 1 49  ? -1.040  -10.543 1.549   0.500 29.333  ? 1027 GLN AAA O   1 ? 
ATOM   439  C  CB  A GLN A 1 49  ? -2.090  -11.205 3.642   0.500 35.132  ? 1027 GLN AAA CB  1 ? 
ATOM   440  C  CB  B GLN A 1 49  ? -2.792  -11.381 3.585   0.500 32.739  ? 1027 GLN AAA CB  1 ? 
ATOM   441  C  CG  A GLN A 1 49  ? -2.839  -11.516 4.930   0.500 35.879  ? 1027 GLN AAA CG  1 ? 
ATOM   442  C  CG  B GLN A 1 49  ? -3.800  -10.279 3.326   0.500 32.201  ? 1027 GLN AAA CG  1 ? 
ATOM   443  C  CD  A GLN A 1 49  ? -2.914  -10.332 5.869   0.500 34.310  ? 1027 GLN AAA CD  1 ? 
ATOM   444  C  CD  B GLN A 1 49  ? -4.196  -9.612  4.614   0.500 32.907  ? 1027 GLN AAA CD  1 ? 
ATOM   445  O  OE1 A GLN A 1 49  ? -3.828  -9.515  5.798   0.500 42.245  ? 1027 GLN AAA OE1 1 ? 
ATOM   446  O  OE1 B GLN A 1 49  ? -3.545  -9.790  5.649   0.500 38.589  ? 1027 GLN AAA OE1 1 ? 
ATOM   447  N  NE2 A GLN A 1 49  ? -1.980  -10.245 6.793   0.500 29.385  ? 1027 GLN AAA NE2 1 ? 
ATOM   448  N  NE2 B GLN A 1 49  ? -5.265  -8.834  4.547   0.500 31.131  ? 1027 GLN AAA NE2 1 ? 
ATOM   449  N  N   . PRO A 1 50  ? -2.071  -11.828 -0.012  1.000 32.553  ? 1028 PRO AAA N   1 ? 
ATOM   450  C  CA  . PRO A 1 50  ? -1.519  -11.156 -1.190  1.000 28.844  ? 1028 PRO AAA CA  1 ? 
ATOM   451  C  C   . PRO A 1 50  ? -1.986  -9.700  -1.152  1.000 32.900  ? 1028 PRO AAA C   1 ? 
ATOM   452  O  O   . PRO A 1 50  ? -3.112  -9.438  -0.711  1.000 26.031  ? 1028 PRO AAA O   1 ? 
ATOM   453  C  CB  . PRO A 1 50  ? -2.305  -11.834 -2.335  1.000 33.285  ? 1028 PRO AAA CB  1 ? 
ATOM   454  C  CG  . PRO A 1 50  ? -2.677  -13.201 -1.816  1.000 35.151  ? 1028 PRO AAA CG  1 ? 
ATOM   455  C  CD  . PRO A 1 50  ? -2.941  -12.973 -0.346  1.000 34.152  ? 1028 PRO AAA CD  1 ? 
ATOM   456  N  N   . MET A 1 51  ? -1.148  -8.764  -1.633  1.000 23.684  ? 1029 MET AAA N   1 ? 
ATOM   457  C  CA  . MET A 1 51  ? -1.561  -7.359  -1.653  1.000 24.482  ? 1029 MET AAA CA  1 ? 
ATOM   458  C  C   . MET A 1 51  ? -0.834  -6.722  -2.828  1.000 25.031  ? 1029 MET AAA C   1 ? 
ATOM   459  O  O   . MET A 1 51  ? 0.259   -7.184  -3.125  1.000 25.056  ? 1029 MET AAA O   1 ? 
ATOM   460  C  CB  . MET A 1 51  ? -1.128  -6.649  -0.372  1.000 25.864  ? 1029 MET AAA CB  1 ? 
ATOM   461  C  CG  . MET A 1 51  ? -1.773  -5.208  -0.226  1.000 25.824  ? 1029 MET AAA CG  1 ? 
ATOM   462  S  SD  . MET A 1 51  ? -3.545  -5.037  -0.641  1.000 30.898  ? 1029 MET AAA SD  1 ? 
ATOM   463  C  CE  . MET A 1 51  ? -4.199  -6.100  0.656   1.000 29.924  ? 1029 MET AAA CE  1 ? 
ATOM   464  N  N   . ASP A 1 52  ? -1.478  -5.800  -3.545  1.000 24.686  ? 1030 ASP AAA N   1 ? 
ATOM   465  C  CA  . ASP A 1 52  ? -0.838  -5.150  -4.692  1.000 27.361  ? 1030 ASP AAA CA  1 ? 
ATOM   466  C  C   . ASP A 1 52  ? -1.493  -3.782  -4.835  1.000 28.104  ? 1030 ASP AAA C   1 ? 
ATOM   467  O  O   . ASP A 1 52  ? -2.500  -3.514  -4.164  1.000 26.857  ? 1030 ASP AAA O   1 ? 
ATOM   468  C  CB  . ASP A 1 52  ? -1.018  -5.957  -5.996  1.000 27.238  ? 1030 ASP AAA CB  1 ? 
ATOM   469  C  CG  . ASP A 1 52  ? -2.499  -6.069  -6.327  1.000 35.512  ? 1030 ASP AAA CG  1 ? 
ATOM   470  O  OD1 . ASP A 1 52  ? -3.163  -6.952  -5.767  1.000 38.986  ? 1030 ASP AAA OD1 1 ? 
ATOM   471  O  OD2 . ASP A 1 52  ? -2.999  -5.230  -7.060  1.000 32.530  ? 1030 ASP AAA OD2 1 ? 
ATOM   472  N  N   . LEU A 1 53  ? -0.932  -2.927  -5.705  1.000 24.057  ? 1031 LEU AAA N   1 ? 
ATOM   473  C  CA  . LEU A 1 53  ? -1.470  -1.569  -5.792  1.000 26.183  ? 1031 LEU AAA CA  1 ? 
ATOM   474  C  C   . LEU A 1 53  ? -2.880  -1.493  -6.390  1.000 27.568  ? 1031 LEU AAA C   1 ? 
ATOM   475  O  O   . LEU A 1 53  ? -3.605  -0.532  -6.091  1.000 26.626  ? 1031 LEU AAA O   1 ? 
ATOM   476  C  CB  . LEU A 1 53  ? -0.489  -0.662  -6.547  1.000 24.137  ? 1031 LEU AAA CB  1 ? 
ATOM   477  C  CG  . LEU A 1 53  ? 0.926   -0.657  -5.960  1.000 27.190  ? 1031 LEU AAA CG  1 ? 
ATOM   478  C  CD1 . LEU A 1 53  ? 1.905   0.087   -6.883  1.000 25.489  ? 1031 LEU AAA CD1 1 ? 
ATOM   479  C  CD2 . LEU A 1 53  ? 0.910   -0.007  -4.564  1.000 24.729  ? 1031 LEU AAA CD2 1 ? 
ATOM   480  N  N   A SER A 1 54  ? -3.260  -2.467  -7.233  0.500 28.702  ? 1032 SER AAA N   1 ? 
ATOM   481  N  N   B SER A 1 54  ? -3.282  -2.450  -7.241  0.500 29.088  ? 1032 SER AAA N   1 ? 
ATOM   482  C  CA  A SER A 1 54  ? -4.613  -2.492  -7.782  0.500 28.889  ? 1032 SER AAA CA  1 ? 
ATOM   483  C  CA  B SER A 1 54  ? -4.649  -2.407  -7.751  0.500 29.432  ? 1032 SER AAA CA  1 ? 
ATOM   484  C  C   A SER A 1 54  ? -5.622  -2.721  -6.656  0.500 28.521  ? 1032 SER AAA C   1 ? 
ATOM   485  C  C   B SER A 1 54  ? -5.637  -2.690  -6.619  0.500 28.754  ? 1032 SER AAA C   1 ? 
ATOM   486  O  O   A SER A 1 54  ? -6.674  -2.080  -6.603  0.500 29.417  ? 1032 SER AAA O   1 ? 
ATOM   487  O  O   B SER A 1 54  ? -6.692  -2.056  -6.527  0.500 29.216  ? 1032 SER AAA O   1 ? 
ATOM   488  C  CB  A SER A 1 54  ? -4.774  -3.515  -8.905  0.500 28.832  ? 1032 SER AAA CB  1 ? 
ATOM   489  C  CB  B SER A 1 54  ? -4.883  -3.316  -8.949  0.500 29.751  ? 1032 SER AAA CB  1 ? 
ATOM   490  O  OG  A SER A 1 54  ? -4.772  -4.844  -8.386  0.500 29.514  ? 1032 SER AAA OG  1 ? 
ATOM   491  O  OG  B SER A 1 54  ? -4.106  -2.899  -10.056 0.500 32.876  ? 1032 SER AAA OG  1 ? 
ATOM   492  N  N   . SER A 1 55  ? -5.269  -3.638  -5.752  1.000 29.756  ? 1033 SER AAA N   1 ? 
ATOM   493  C  CA  . SER A 1 55  ? -6.105  -3.975  -4.613  1.000 32.081  ? 1033 SER AAA CA  1 ? 
ATOM   494  C  C   . SER A 1 55  ? -6.150  -2.802  -3.641  1.000 31.758  ? 1033 SER AAA C   1 ? 
ATOM   495  O  O   . SER A 1 55  ? -7.188  -2.545  -3.055  1.000 27.082  ? 1033 SER AAA O   1 ? 
ATOM   496  C  CB  . SER A 1 55  ? -5.620  -5.213  -3.926  1.000 32.562  ? 1033 SER AAA CB  1 ? 
ATOM   497  O  OG  . SER A 1 55  ? -5.766  -6.299  -4.811  1.000 37.739  ? 1033 SER AAA OG  1 ? 
ATOM   498  N  N   . VAL A 1 56  ? -5.034  -2.079  -3.519  1.000 25.000  ? 1034 VAL AAA N   1 ? 
ATOM   499  C  CA  . VAL A 1 56  ? -5.028  -0.922  -2.636  1.000 23.188  ? 1034 VAL AAA CA  1 ? 
ATOM   500  C  C   . VAL A 1 56  ? -6.024  0.099   -3.144  1.000 21.625  ? 1034 VAL AAA C   1 ? 
ATOM   501  O  O   . VAL A 1 56  ? -6.773  0.639   -2.324  1.000 26.578  ? 1034 VAL AAA O   1 ? 
ATOM   502  C  CB  . VAL A 1 56  ? -3.609  -0.343  -2.480  1.000 24.234  ? 1034 VAL AAA CB  1 ? 
ATOM   503  C  CG1 . VAL A 1 56  ? -3.611  1.058   -1.868  1.000 25.692  ? 1034 VAL AAA CG1 1 ? 
ATOM   504  C  CG2 . VAL A 1 56  ? -2.730  -1.274  -1.643  1.000 23.647  ? 1034 VAL AAA CG2 1 ? 
ATOM   505  N  N   . ILE A 1 57  ? -6.024  0.376   -4.457  1.000 23.078  ? 1035 ILE AAA N   1 ? 
ATOM   506  C  CA  . ILE A 1 57  ? -6.965  1.332   -5.066  1.000 25.323  ? 1035 ILE AAA CA  1 ? 
ATOM   507  C  C   . ILE A 1 57  ? -8.407  0.889   -4.803  1.000 25.620  ? 1035 ILE AAA C   1 ? 
ATOM   508  O  O   . ILE A 1 57  ? -9.256  1.682   -4.396  1.000 24.137  ? 1035 ILE AAA O   1 ? 
ATOM   509  C  CB  . ILE A 1 57  ? -6.715  1.484   -6.585  1.000 28.750  ? 1035 ILE AAA CB  1 ? 
ATOM   510  C  CG1 . ILE A 1 57  ? -5.422  2.231   -6.916  1.000 31.689  ? 1035 ILE AAA CG1 1 ? 
ATOM   511  C  CG2 . ILE A 1 57  ? -7.911  2.176   -7.245  1.000 28.754  ? 1035 ILE AAA CG2 1 ? 
ATOM   512  C  CD1 . ILE A 1 57  ? -5.402  3.651   -6.353  1.000 37.789  ? 1035 ILE AAA CD1 1 ? 
ATOM   513  N  N   . SER A 1 58  ? -8.716  -0.393  -5.046  1.000 28.152  ? 1036 SER AAA N   1 ? 
ATOM   514  C  CA  . SER A 1 58  ? -10.048 -0.901  -4.718  1.000 25.774  ? 1036 SER AAA CA  1 ? 
ATOM   515  C  C   . SER A 1 58  ? -10.414 -0.658  -3.247  1.000 23.782  ? 1036 SER AAA C   1 ? 
ATOM   516  O  O   . SER A 1 58  ? -11.558 -0.309  -2.957  1.000 26.188  ? 1036 SER AAA O   1 ? 
ATOM   517  C  CB  . SER A 1 58  ? -10.168 -2.396  -5.046  1.000 27.668  ? 1036 SER AAA CB  1 ? 
ATOM   518  O  OG  . SER A 1 58  ? -9.965  -2.587  -6.434  1.000 37.180  ? 1036 SER AAA OG  1 ? 
ATOM   519  N  N   . LYS A 1 59  ? -9.478  -0.888  -2.310  1.000 22.317  ? 1037 LYS AAA N   1 ? 
ATOM   520  C  CA  . LYS A 1 59  ? -9.790  -0.699  -0.902  1.000 23.241  ? 1037 LYS AAA CA  1 ? 
ATOM   521  C  C   . LYS A 1 59  ? -10.018 0.771   -0.553  1.000 24.960  ? 1037 LYS AAA C   1 ? 
ATOM   522  O  O   . LYS A 1 59  ? -10.859 1.109   0.273   1.000 22.854  ? 1037 LYS AAA O   1 ? 
ATOM   523  C  CB  . LYS A 1 59  ? -8.702  -1.293  -0.017  1.000 27.213  ? 1037 LYS AAA CB  1 ? 
ATOM   524  C  CG  . LYS A 1 59  ? -8.699  -2.827  -0.034  1.000 25.584  ? 1037 LYS AAA CG  1 ? 
ATOM   525  C  CD  . LYS A 1 59  ? -7.583  -3.390  0.862   1.000 26.331  ? 1037 LYS AAA CD  1 ? 
ATOM   526  C  CE  . LYS A 1 59  ? -7.880  -3.228  2.347   1.000 27.403  ? 1037 LYS AAA CE  1 ? 
ATOM   527  N  NZ  . LYS A 1 59  ? -6.961  -4.022  3.194   1.000 29.198  ? 1037 LYS AAA NZ  1 ? 
ATOM   528  N  N   . ILE A 1 60  ? -9.268  1.660   -1.202  1.000 23.046  ? 1038 ILE AAA N   1 ? 
ATOM   529  C  CA  . ILE A 1 60  ? -9.518  3.068   -0.913  1.000 20.633  ? 1038 ILE AAA CA  1 ? 
ATOM   530  C  C   . ILE A 1 60  ? -10.984 3.378   -1.263  1.000 21.689  ? 1038 ILE AAA C   1 ? 
ATOM   531  O  O   . ILE A 1 60  ? -11.710 3.991   -0.458  1.000 24.566  ? 1038 ILE AAA O   1 ? 
ATOM   532  C  CB  . ILE A 1 60  ? -8.592  3.944   -1.784  1.000 22.128  ? 1038 ILE AAA CB  1 ? 
ATOM   533  C  CG1 . ILE A 1 60  ? -7.129  3.802   -1.350  1.000 21.736  ? 1038 ILE AAA CG1 1 ? 
ATOM   534  C  CG2 . ILE A 1 60  ? -9.062  5.409   -1.706  1.000 22.191  ? 1038 ILE AAA CG2 1 ? 
ATOM   535  C  CD1 . ILE A 1 60  ? -6.127  4.462   -2.347  1.000 23.921  ? 1038 ILE AAA CD1 1 ? 
ATOM   536  N  N   . ASP A 1 61  ? -11.401 2.961   -2.468  1.000 22.083  ? 1039 ASP AAA N   1 ? 
ATOM   537  C  CA  . ASP A 1 61  ? -12.725 3.262   -2.986  1.000 23.768  ? 1039 ASP AAA CA  1 ? 
ATOM   538  C  C   . ASP A 1 61  ? -13.816 2.567   -2.164  1.000 27.267  ? 1039 ASP AAA C   1 ? 
ATOM   539  O  O   . ASP A 1 61  ? -14.956 3.030   -2.111  1.000 28.127  ? 1039 ASP AAA O   1 ? 
ATOM   540  C  CB  . ASP A 1 61  ? -12.818 2.885   -4.466  1.000 28.149  ? 1039 ASP AAA CB  1 ? 
ATOM   541  C  CG  . ASP A 1 61  ? -11.958 3.790   -5.356  1.000 33.755  ? 1039 ASP AAA CG  1 ? 
ATOM   542  O  OD1 . ASP A 1 61  ? -11.539 4.845   -4.883  1.000 32.987  ? 1039 ASP AAA OD1 1 ? 
ATOM   543  O  OD2 . ASP A 1 61  ? -11.696 3.403   -6.516  1.000 27.528  ? 1039 ASP AAA OD2 1 ? 
ATOM   544  N  N   . LEU A 1 62  ? -13.489 1.435   -1.533  1.000 25.856  ? 1040 LEU AAA N   1 ? 
ATOM   545  C  CA  . LEU A 1 62  ? -14.452 0.752   -0.674  1.000 26.287  ? 1040 LEU AAA CA  1 ? 
ATOM   546  C  C   . LEU A 1 62  ? -14.430 1.349   0.727   1.000 31.053  ? 1040 LEU AAA C   1 ? 
ATOM   547  O  O   . LEU A 1 62  ? -15.038 0.800   1.646   1.000 28.409  ? 1040 LEU AAA O   1 ? 
ATOM   548  C  CB  . LEU A 1 62  ? -14.072 -0.731  -0.616  1.000 24.045  ? 1040 LEU AAA CB  1 ? 
ATOM   549  C  CG  . LEU A 1 62  ? -14.438 -1.520  -1.876  1.000 26.100  ? 1040 LEU AAA CG  1 ? 
ATOM   550  C  CD1 . LEU A 1 62  ? -13.795 -2.895  -1.832  1.000 29.264  ? 1040 LEU AAA CD1 1 ? 
ATOM   551  C  CD2 . LEU A 1 62  ? -15.961 -1.662  -1.987  1.000 29.887  ? 1040 LEU AAA CD2 1 ? 
ATOM   552  N  N   . HIS A 1 63  ? -13.727 2.473   0.916   1.000 25.062  ? 1041 HIS AAA N   1 ? 
ATOM   553  C  CA  . HIS A 1 63  ? -13.592 3.115   2.221   1.000 24.714  ? 1041 HIS AAA CA  1 ? 
ATOM   554  C  C   . HIS A 1 63  ? -12.985 2.208   3.279   1.000 29.685  ? 1041 HIS AAA C   1 ? 
ATOM   555  O  O   . HIS A 1 63  ? -13.294 2.363   4.462   1.000 29.309  ? 1041 HIS AAA O   1 ? 
ATOM   556  C  CB  . HIS A 1 63  ? -14.931 3.718   2.766   1.000 27.122  ? 1041 HIS AAA CB  1 ? 
ATOM   557  C  CG  . HIS A 1 63  ? -15.581 4.640   1.797   1.000 26.496  ? 1041 HIS AAA CG  1 ? 
ATOM   558  N  ND1 . HIS A 1 63  ? -16.642 5.408   2.135   1.000 29.137  ? 1041 HIS AAA ND1 1 ? 
ATOM   559  C  CD2 . HIS A 1 63  ? -15.288 4.949   0.513   1.000 28.891  ? 1041 HIS AAA CD2 1 ? 
ATOM   560  C  CE1 . HIS A 1 63  ? -17.041 6.094   1.081   1.000 26.725  ? 1041 HIS AAA CE1 1 ? 
ATOM   561  N  NE2 . HIS A 1 63  ? -16.208 5.860   0.079   1.000 31.981  ? 1041 HIS AAA NE2 1 ? 
ATOM   562  N  N   . LYS A 1 64  ? -12.031 1.359   2.903   1.000 28.382  ? 1042 LYS AAA N   1 ? 
ATOM   563  C  CA  . LYS A 1 64  ? -11.430 0.482   3.900   1.000 26.074  ? 1042 LYS AAA CA  1 ? 
ATOM   564  C  C   . LYS A 1 64  ? -10.344 1.175   4.713   1.000 26.367  ? 1042 LYS AAA C   1 ? 
ATOM   565  O  O   . LYS A 1 64  ? -9.931  0.635   5.725   1.000 24.417  ? 1042 LYS AAA O   1 ? 
ATOM   566  C  CB  . LYS A 1 64  ? -10.788 -0.721  3.207   1.000 27.774  ? 1042 LYS AAA CB  1 ? 
ATOM   567  C  CG  . LYS A 1 64  ? -11.797 -1.559  2.453   1.000 32.113  ? 1042 LYS AAA CG  1 ? 
ATOM   568  C  CD  . LYS A 1 64  ? -12.655 -2.346  3.386   1.000 40.374  ? 1042 LYS AAA CD  1 ? 
ATOM   569  C  CE  . LYS A 1 64  ? -13.302 -3.509  2.656   1.000 49.182  ? 1042 LYS AAA CE  1 ? 
ATOM   570  N  NZ  . LYS A 1 64  ? -14.155 -4.287  3.583   1.000 53.448  ? 1042 LYS AAA NZ  1 ? 
ATOM   571  N  N   . TYR A 1 65  ? -9.813  2.319   4.252   1.000 24.768  ? 1043 TYR AAA N   1 ? 
ATOM   572  C  CA  . TYR A 1 65  ? -8.760  2.984   4.986   1.000 21.951  ? 1043 TYR AAA CA  1 ? 
ATOM   573  C  C   . TYR A 1 65  ? -9.345  4.233   5.639   1.000 28.072  ? 1043 TYR AAA C   1 ? 
ATOM   574  O  O   . TYR A 1 65  ? -9.786  5.137   4.934   1.000 28.731  ? 1043 TYR AAA O   1 ? 
ATOM   575  C  CB  . TYR A 1 65  ? -7.623  3.430   4.049   1.000 22.037  ? 1043 TYR AAA CB  1 ? 
ATOM   576  C  CG  . TYR A 1 65  ? -6.970  2.287   3.303   1.000 24.322  ? 1043 TYR AAA CG  1 ? 
ATOM   577  C  CD1 . TYR A 1 65  ? -6.391  1.209   3.980   1.000 24.505  ? 1043 TYR AAA CD1 1 ? 
ATOM   578  C  CD2 . TYR A 1 65  ? -6.957  2.268   1.917   1.000 24.412  ? 1043 TYR AAA CD2 1 ? 
ATOM   579  C  CE1 . TYR A 1 65  ? -5.788  0.161   3.275   1.000 24.938  ? 1043 TYR AAA CE1 1 ? 
ATOM   580  C  CE2 . TYR A 1 65  ? -6.372  1.232   1.199   1.000 24.875  ? 1043 TYR AAA CE2 1 ? 
ATOM   581  C  CZ  . TYR A 1 65  ? -5.770  0.190   1.878   1.000 26.370  ? 1043 TYR AAA CZ  1 ? 
ATOM   582  O  OH  . TYR A 1 65  ? -5.238  -0.812  1.107   1.000 23.777  ? 1043 TYR AAA OH  1 ? 
ATOM   583  N  N   . LEU A 1 66  ? -9.286  4.310   6.967   1.000 26.088  ? 1044 LEU AAA N   1 ? 
ATOM   584  C  CA  . LEU A 1 66  ? -9.742  5.519   7.643   1.000 28.554  ? 1044 LEU AAA CA  1 ? 
ATOM   585  C  C   . LEU A 1 66  ? -8.564  6.333   8.162   1.000 27.545  ? 1044 LEU AAA C   1 ? 
ATOM   586  O  O   . LEU A 1 66  ? -8.784  7.386   8.757   1.000 25.769  ? 1044 LEU AAA O   1 ? 
ATOM   587  C  CB  . LEU A 1 66  ? -10.594 5.167   8.864   1.000 30.977  ? 1044 LEU AAA CB  1 ? 
ATOM   588  C  CG  . LEU A 1 66  ? -11.930 4.442   8.647   1.000 39.019  ? 1044 LEU AAA CG  1 ? 
ATOM   589  C  CD1 . LEU A 1 66  ? -12.787 4.580   9.909   1.000 38.329  ? 1044 LEU AAA CD1 1 ? 
ATOM   590  C  CD2 . LEU A 1 66  ? -12.688 4.979   7.456   1.000 34.551  ? 1044 LEU AAA CD2 1 ? 
ATOM   591  N  N   . THR A 1 67  ? -7.337  5.820   8.017   1.000 25.919  ? 1045 THR AAA N   1 ? 
ATOM   592  C  CA  . THR A 1 67  ? -6.168  6.594   8.414   1.000 26.133  ? 1045 THR AAA CA  1 ? 
ATOM   593  C  C   . THR A 1 67  ? -5.028  6.257   7.453   1.000 27.513  ? 1045 THR AAA C   1 ? 
ATOM   594  O  O   . THR A 1 67  ? -5.104  5.223   6.760   1.000 28.054  ? 1045 THR AAA O   1 ? 
ATOM   595  C  CB  . THR A 1 67  ? -5.693  6.201   9.820   1.000 27.859  ? 1045 THR AAA CB  1 ? 
ATOM   596  O  OG1 . THR A 1 67  ? -5.240  4.845   9.792   1.000 29.045  ? 1045 THR AAA OG1 1 ? 
ATOM   597  C  CG2 . THR A 1 67  ? -6.755  6.393   10.888  1.000 30.380  ? 1045 THR AAA CG2 1 ? 
ATOM   598  N  N   . VAL A 1 68  ? -3.994  7.103   7.434   1.000 26.477  ? 1046 VAL AAA N   1 ? 
ATOM   599  C  CA  . VAL A 1 68  ? -2.835  6.818   6.581   1.000 22.913  ? 1046 VAL AAA CA  1 ? 
ATOM   600  C  C   . VAL A 1 68  ? -2.103  5.630   7.187   1.000 28.214  ? 1046 VAL AAA C   1 ? 
ATOM   601  O  O   . VAL A 1 68  ? -1.546  4.803   6.481   1.000 24.574  ? 1046 VAL AAA O   1 ? 
ATOM   602  C  CB  . VAL A 1 68  ? -1.927  8.045   6.349   1.000 25.424  ? 1046 VAL AAA CB  1 ? 
ATOM   603  C  CG1 . VAL A 1 68  ? -0.699  7.694   5.494   1.000 24.132  ? 1046 VAL AAA CG1 1 ? 
ATOM   604  C  CG2 . VAL A 1 68  ? -2.717  9.135   5.589   1.000 23.099  ? 1046 VAL AAA CG2 1 ? 
ATOM   605  N  N   . LYS A 1 69  ? -2.131  5.511   8.514   1.000 28.671  ? 1047 LYS AAA N   1 ? 
ATOM   606  C  CA  . LYS A 1 69  ? -1.584  4.315   9.141   1.000 31.247  ? 1047 LYS AAA CA  1 ? 
ATOM   607  C  C   . LYS A 1 69  ? -2.146  2.998   8.571   1.000 29.436  ? 1047 LYS AAA C   1 ? 
ATOM   608  O  O   . LYS A 1 69  ? -1.365  2.075   8.293   1.000 32.432  ? 1047 LYS AAA O   1 ? 
ATOM   609  C  CB  . LYS A 1 69  ? -1.646  4.464   10.672  1.000 35.300  ? 1047 LYS AAA CB  1 ? 
ATOM   610  C  CG  . LYS A 1 69  ? -0.671  3.611   11.469  1.000 42.978  ? 1047 LYS AAA CG  1 ? 
ATOM   611  C  CD  . LYS A 1 69  ? -0.996  3.454   12.966  1.000 51.585  ? 1047 LYS AAA CD  1 ? 
ATOM   612  C  CE  . LYS A 1 69  ? -1.143  4.757   13.731  1.000 63.880  ? 1047 LYS AAA CE  1 ? 
ATOM   613  N  NZ  . LYS A 1 69  ? -0.091  5.754   13.411  1.000 67.952  ? 1047 LYS AAA NZ  1 ? 
ATOM   614  N  N   A ASP A 1 70  ? -3.458  2.880   8.351   0.500 25.980  ? 1048 ASP AAA N   1 ? 
ATOM   615  N  N   B ASP A 1 70  ? -3.495  2.910   8.483   0.500 27.386  ? 1048 ASP AAA N   1 ? 
ATOM   616  C  CA  A ASP A 1 70  ? -3.983  1.623   7.852   0.500 26.846  ? 1048 ASP AAA CA  1 ? 
ATOM   617  C  CA  B ASP A 1 70  ? -4.248  1.834   7.850   0.500 27.774  ? 1048 ASP AAA CA  1 ? 
ATOM   618  C  C   A ASP A 1 70  ? -3.666  1.421   6.361   0.500 27.687  ? 1048 ASP AAA C   1 ? 
ATOM   619  C  C   B ASP A 1 70  ? -3.565  1.518   6.508   0.500 31.000  ? 1048 ASP AAA C   1 ? 
ATOM   620  O  O   A ASP A 1 70  ? -3.549  0.286   5.902   0.500 20.811  ? 1048 ASP AAA O   1 ? 
ATOM   621  O  O   B ASP A 1 70  ? -3.036  0.423   6.319   0.500 28.003  ? 1048 ASP AAA O   1 ? 
ATOM   622  C  CB  A ASP A 1 70  ? -5.467  1.458   8.162   0.500 26.174  ? 1048 ASP AAA CB  1 ? 
ATOM   623  C  CB  B ASP A 1 70  ? -5.755  2.137   7.643   0.500 27.927  ? 1048 ASP AAA CB  1 ? 
ATOM   624  C  CG  A ASP A 1 70  ? -5.779  1.294   9.642   0.500 26.774  ? 1048 ASP AAA CG  1 ? 
ATOM   625  C  CG  B ASP A 1 70  ? -6.734  2.064   8.827   0.500 30.592  ? 1048 ASP AAA CG  1 ? 
ATOM   626  O  OD1 A ASP A 1 70  ? -4.836  1.237   10.475  0.500 26.499  ? 1048 ASP AAA OD1 1 ? 
ATOM   627  O  OD1 B ASP A 1 70  ? -6.251  1.928   9.989   0.500 30.378  ? 1048 ASP AAA OD1 1 ? 
ATOM   628  O  OD2 A ASP A 1 70  ? -6.957  1.268   9.946   0.500 28.653  ? 1048 ASP AAA OD2 1 ? 
ATOM   629  O  OD2 B ASP A 1 70  ? -8.014  2.156   8.582   0.500 26.802  ? 1048 ASP AAA OD2 1 ? 
ATOM   630  N  N   . TYR A 1 71  ? -3.528  2.513   5.601   1.000 25.099  ? 1049 TYR AAA N   1 ? 
ATOM   631  C  CA  . TYR A 1 71  ? -2.987  2.398   4.238   1.000 24.660  ? 1049 TYR AAA CA  1 ? 
ATOM   632  C  C   . TYR A 1 71  ? -1.541  1.882   4.244   1.000 25.450  ? 1049 TYR AAA C   1 ? 
ATOM   633  O  O   . TYR A 1 71  ? -1.158  0.968   3.482   1.000 23.272  ? 1049 TYR AAA O   1 ? 
ATOM   634  C  CB  . TYR A 1 71  ? -3.024  3.803   3.614   1.000 22.449  ? 1049 TYR AAA CB  1 ? 
ATOM   635  C  CG  . TYR A 1 71  ? -2.338  3.963   2.294   1.000 22.453  ? 1049 TYR AAA CG  1 ? 
ATOM   636  C  CD1 . TYR A 1 71  ? -3.015  3.652   1.107   1.000 22.375  ? 1049 TYR AAA CD1 1 ? 
ATOM   637  C  CD2 . TYR A 1 71  ? -1.029  4.450   2.248   1.000 22.831  ? 1049 TYR AAA CD2 1 ? 
ATOM   638  C  CE1 . TYR A 1 71  ? -2.382  3.836   -0.115  1.000 22.158  ? 1049 TYR AAA CE1 1 ? 
ATOM   639  C  CE2 . TYR A 1 71  ? -0.403  4.663   1.015   1.000 21.374  ? 1049 TYR AAA CE2 1 ? 
ATOM   640  C  CZ  . TYR A 1 71  ? -1.062  4.298   -0.146  1.000 23.307  ? 1049 TYR AAA CZ  1 ? 
ATOM   641  O  OH  . TYR A 1 71  ? -0.469  4.521   -1.365  1.000 20.658  ? 1049 TYR AAA OH  1 ? 
ATOM   642  N  N   . LEU A 1 72  ? -0.722  2.447   5.124   1.000 22.913  ? 1050 LEU AAA N   1 ? 
ATOM   643  C  CA  . LEU A 1 72  ? 0.685   2.053   5.123   1.000 26.349  ? 1050 LEU AAA CA  1 ? 
ATOM   644  C  C   . LEU A 1 72  ? 0.873   0.597   5.538   1.000 30.837  ? 1050 LEU AAA C   1 ? 
ATOM   645  O  O   . LEU A 1 72  ? 1.861   -0.022  5.131   1.000 27.317  ? 1050 LEU AAA O   1 ? 
ATOM   646  C  CB  . LEU A 1 72  ? 1.513   2.972   6.024   1.000 25.310  ? 1050 LEU AAA CB  1 ? 
ATOM   647  C  CG  . LEU A 1 72  ? 1.801   4.355   5.420   1.000 26.399  ? 1050 LEU AAA CG  1 ? 
ATOM   648  C  CD1 . LEU A 1 72  ? 2.510   5.192   6.442   1.000 28.864  ? 1050 LEU AAA CD1 1 ? 
ATOM   649  C  CD2 . LEU A 1 72  ? 2.643   4.260   4.153   1.000 28.132  ? 1050 LEU AAA CD2 1 ? 
ATOM   650  N  N   . ARG A 1 73  ? -0.050  0.050   6.343   1.000 27.156  ? 1051 ARG AAA N   1 ? 
ATOM   651  C  CA  . ARG A 1 73  ? 0.049   -1.362  6.676   1.000 30.212  ? 1051 ARG AAA CA  1 ? 
ATOM   652  C  C   . ARG A 1 73  ? -0.029  -2.216  5.412   1.000 27.843  ? 1051 ARG AAA C   1 ? 
ATOM   653  O  O   . ARG A 1 73  ? 0.665   -3.237  5.317   1.000 26.364  ? 1051 ARG AAA O   1 ? 
ATOM   654  C  CB  . ARG A 1 73  ? -1.109  -1.786  7.591   1.000 36.018  ? 1051 ARG AAA CB  1 ? 
ATOM   655  C  CG  . ARG A 1 73  ? -0.655  -2.375  8.916   1.000 57.151  ? 1051 ARG AAA CG  1 ? 
ATOM   656  C  CD  . ARG A 1 73  ? -1.791  -2.807  9.850   1.000 62.889  ? 1051 ARG AAA CD  1 ? 
ATOM   657  N  NE  . ARG A 1 73  ? -2.533  -1.663  10.375  1.000 63.675  ? 1051 ARG AAA NE  1 ? 
ATOM   658  C  CZ  . ARG A 1 73  ? -2.135  -0.866  11.375  1.000 69.752  ? 1051 ARG AAA CZ  1 ? 
ATOM   659  N  NH1 . ARG A 1 73  ? -2.898  0.148   11.744  1.000 69.894  ? 1051 ARG AAA NH1 1 ? 
ATOM   660  N  NH2 . ARG A 1 73  ? -0.978  -1.069  11.991  1.000 67.394  ? 1051 ARG AAA NH2 1 ? 
ATOM   661  N  N   . ASP A 1 74  ? -0.863  -1.796  4.439   1.000 24.307  ? 1052 ASP AAA N   1 ? 
ATOM   662  C  CA  . ASP A 1 74  ? -0.979  -2.533  3.183   1.000 23.676  ? 1052 ASP AAA CA  1 ? 
ATOM   663  C  C   . ASP A 1 74  ? 0.254   -2.322  2.276   1.000 26.320  ? 1052 ASP AAA C   1 ? 
ATOM   664  O  O   . ASP A 1 74  ? 0.680   -3.263  1.583   1.000 26.464  ? 1052 ASP AAA O   1 ? 
ATOM   665  C  CB  . ASP A 1 74  ? -2.308  -2.239  2.464   1.000 24.819  ? 1052 ASP AAA CB  1 ? 
ATOM   666  C  CG  . ASP A 1 74  ? -3.454  -3.119  2.939   1.000 28.457  ? 1052 ASP AAA CG  1 ? 
ATOM   667  O  OD1 . ASP A 1 74  ? -3.151  -4.141  3.576   1.000 26.367  ? 1052 ASP AAA OD1 1 ? 
ATOM   668  O  OD2 . ASP A 1 74  ? -4.602  -2.876  2.512   1.000 27.519  ? 1052 ASP AAA OD2 1 ? 
ATOM   669  N  N   . ILE A 1 75  ? 0.833   -1.118  2.278   1.000 24.071  ? 1053 ILE AAA N   1 ? 
ATOM   670  C  CA  . ILE A 1 75  ? 2.103   -0.911  1.567   1.000 24.700  ? 1053 ILE AAA CA  1 ? 
ATOM   671  C  C   . ILE A 1 75  ? 3.167   -1.845  2.156   1.000 23.741  ? 1053 ILE AAA C   1 ? 
ATOM   672  O  O   . ILE A 1 75  ? 3.881   -2.538  1.435   1.000 26.586  ? 1053 ILE AAA O   1 ? 
ATOM   673  C  CB  . ILE A 1 75  ? 2.522   0.579   1.595   1.000 23.751  ? 1053 ILE AAA CB  1 ? 
ATOM   674  C  CG1 . ILE A 1 75  ? 1.483   1.471   0.902   1.000 22.944  ? 1053 ILE AAA CG1 1 ? 
ATOM   675  C  CG2 . ILE A 1 75  ? 3.900   0.767   0.942   1.000 23.576  ? 1053 ILE AAA CG2 1 ? 
ATOM   676  C  CD1 . ILE A 1 75  ? 1.185   1.095   -0.573  1.000 25.607  ? 1053 ILE AAA CD1 1 ? 
ATOM   677  N  N   . ASP A 1 76  ? 3.270   -1.875  3.482   1.000 24.661  ? 1054 ASP AAA N   1 ? 
ATOM   678  C  CA  . ASP A 1 76  ? 4.216   -2.723  4.185   1.000 25.024  ? 1054 ASP AAA CA  1 ? 
ATOM   679  C  C   . ASP A 1 76  ? 3.987   -4.195  3.821   1.000 29.590  ? 1054 ASP AAA C   1 ? 
ATOM   680  O  O   . ASP A 1 76  ? 4.962   -4.946  3.703   1.000 28.765  ? 1054 ASP AAA O   1 ? 
ATOM   681  C  CB  . ASP A 1 76  ? 4.116   -2.508  5.694   1.000 30.160  ? 1054 ASP AAA CB  1 ? 
ATOM   682  C  CG  . ASP A 1 76  ? 4.730   -1.215  6.183   1.000 36.954  ? 1054 ASP AAA CG  1 ? 
ATOM   683  O  OD1 . ASP A 1 76  ? 5.646   -0.730  5.549   1.000 38.377  ? 1054 ASP AAA OD1 1 ? 
ATOM   684  O  OD2 . ASP A 1 76  ? 4.361   -0.787  7.264   1.000 36.973  ? 1054 ASP AAA OD2 1 ? 
ATOM   685  N  N   . LEU A 1 77  ? 2.717   -4.609  3.646   1.000 23.838  ? 1055 LEU AAA N   1 ? 
ATOM   686  C  CA  . LEU A 1 77  ? 2.373   -5.987  3.341   1.000 25.399  ? 1055 LEU AAA CA  1 ? 
ATOM   687  C  C   . LEU A 1 77  ? 2.917   -6.283  1.936   1.000 30.522  ? 1055 LEU AAA C   1 ? 
ATOM   688  O  O   . LEU A 1 77  ? 3.448   -7.359  1.658   1.000 25.920  ? 1055 LEU AAA O   1 ? 
ATOM   689  C  CB  . LEU A 1 77  ? 0.846   -6.086  3.269   1.000 29.137  ? 1055 LEU AAA CB  1 ? 
ATOM   690  C  CG  . LEU A 1 77  ? 0.147   -7.333  3.809   1.000 37.828  ? 1055 LEU AAA CG  1 ? 
ATOM   691  C  CD1 . LEU A 1 77  ? -1.243  -7.548  3.198   1.000 33.023  ? 1055 LEU AAA CD1 1 ? 
ATOM   692  C  CD2 . LEU A 1 77  ? 0.983   -8.614  3.878   1.000 34.082  ? 1055 LEU AAA CD2 1 ? 
ATOM   693  N  N   . ILE A 1 78  ? 2.755   -5.328  1.015   1.000 24.142  ? 1056 ILE AAA N   1 ? 
ATOM   694  C  CA  . ILE A 1 78  ? 3.246   -5.543  -0.354  1.000 25.788  ? 1056 ILE AAA CA  1 ? 
ATOM   695  C  C   . ILE A 1 78  ? 4.731   -5.859  -0.276  1.000 24.038  ? 1056 ILE AAA C   1 ? 
ATOM   696  O  O   . ILE A 1 78  ? 5.247   -6.775  -0.950  1.000 27.532  ? 1056 ILE AAA O   1 ? 
ATOM   697  C  CB  . ILE A 1 78  ? 2.951   -4.337  -1.281  1.000 25.848  ? 1056 ILE AAA CB  1 ? 
ATOM   698  C  CG1 . ILE A 1 78  ? 1.449   -4.214  -1.599  1.000 22.557  ? 1056 ILE AAA CG1 1 ? 
ATOM   699  C  CG2 . ILE A 1 78  ? 3.839   -4.423  -2.546  1.000 26.246  ? 1056 ILE AAA CG2 1 ? 
ATOM   700  C  CD1 . ILE A 1 78  ? 1.024   -2.967  -2.410  1.000 23.497  ? 1056 ILE AAA CD1 1 ? 
ATOM   701  N  N   . CYS A 1 79  ? 5.431   -5.061  0.512   1.000 22.969  ? 1057 CYS AAA N   1 ? 
ATOM   702  C  CA  . CYS A 1 79  ? 6.873   -5.184  0.630   1.000 25.778  ? 1057 CYS AAA CA  1 ? 
ATOM   703  C  C   . CYS A 1 79  ? 7.272   -6.480  1.343   1.000 30.693  ? 1057 CYS AAA C   1 ? 
ATOM   704  O  O   . CYS A 1 79  ? 8.149   -7.236  0.911   1.000 26.509  ? 1057 CYS AAA O   1 ? 
ATOM   705  C  CB  . CYS A 1 79  ? 7.429   -3.967  1.348   1.000 23.994  ? 1057 CYS AAA CB  1 ? 
ATOM   706  S  SG  . CYS A 1 79  ? 9.222   -4.013  1.536   1.000 32.844  ? 1057 CYS AAA SG  1 ? 
ATOM   707  N  N   . SER A 1 80  ? 6.621   -6.776  2.467   1.000 26.193  ? 1058 SER AAA N   1 ? 
ATOM   708  C  CA  . SER A 1 80  ? 7.065   -7.958  3.206   1.000 26.946  ? 1058 SER AAA CA  1 ? 
ATOM   709  C  C   . SER A 1 80  ? 6.724   -9.253  2.457   1.000 27.236  ? 1058 SER AAA C   1 ? 
ATOM   710  O  O   . SER A 1 80  ? 7.447   -10.244 2.563   1.000 27.805  ? 1058 SER AAA O   1 ? 
ATOM   711  C  CB  . SER A 1 80  ? 6.542   -7.946  4.662   1.000 32.046  ? 1058 SER AAA CB  1 ? 
ATOM   712  O  OG  . SER A 1 80  ? 5.117   -7.868  4.646   1.000 34.975  ? 1058 SER AAA OG  1 ? 
ATOM   713  N  N   . ASN A 1 81  ? 5.605   -9.295  1.732   1.000 24.107  ? 1059 ASN AAA N   1 ? 
ATOM   714  C  CA  . ASN A 1 81  ? 5.249   -10.438 0.906   1.000 25.184  ? 1059 ASN AAA CA  1 ? 
ATOM   715  C  C   . ASN A 1 81  ? 6.379   -10.686 -0.117  1.000 31.465  ? 1059 ASN AAA C   1 ? 
ATOM   716  O  O   . ASN A 1 81  ? 6.727   -11.827 -0.415  1.000 26.869  ? 1059 ASN AAA O   1 ? 
ATOM   717  C  CB  . ASN A 1 81  ? 3.935   -10.201 0.148   1.000 24.697  ? 1059 ASN AAA CB  1 ? 
ATOM   718  C  CG  . ASN A 1 81  ? 2.706   -10.364 1.028   1.000 30.023  ? 1059 ASN AAA CG  1 ? 
ATOM   719  O  OD1 . ASN A 1 81  ? 2.830   -10.807 2.171   1.000 28.613  ? 1059 ASN AAA OD1 1 ? 
ATOM   720  N  ND2 . ASN A 1 81  ? 1.542   -10.005 0.517   1.000 26.013  ? 1059 ASN AAA ND2 1 ? 
ATOM   721  N  N   . ALA A 1 82  ? 6.883   -9.615  -0.750  1.000 26.910  ? 1060 ALA AAA N   1 ? 
ATOM   722  C  CA  . ALA A 1 82  ? 7.920   -9.763  -1.768  1.000 26.068  ? 1060 ALA AAA CA  1 ? 
ATOM   723  C  C   . ALA A 1 82  ? 9.214   -10.260 -1.126  1.000 26.217  ? 1060 ALA AAA C   1 ? 
ATOM   724  O  O   . ALA A 1 82  ? 9.877   -11.122 -1.705  1.000 32.584  ? 1060 ALA AAA O   1 ? 
ATOM   725  C  CB  . ALA A 1 82  ? 8.110   -8.432  -2.512  1.000 27.619  ? 1060 ALA AAA CB  1 ? 
ATOM   726  N  N   . LEU A 1 83  ? 9.567   -9.776  0.070   1.000 25.822  ? 1061 LEU AAA N   1 ? 
ATOM   727  C  CA  . LEU A 1 83  ? 10.788  -10.232 0.707   1.000 30.417  ? 1061 LEU AAA CA  1 ? 
ATOM   728  C  C   . LEU A 1 83  ? 10.682  -11.716 1.063   1.000 36.575  ? 1061 LEU AAA C   1 ? 
ATOM   729  O  O   . LEU A 1 83  ? 11.677  -12.450 1.012   1.000 31.732  ? 1061 LEU AAA O   1 ? 
ATOM   730  C  CB  . LEU A 1 83  ? 11.127  -9.441  1.976   1.000 31.598  ? 1061 LEU AAA CB  1 ? 
ATOM   731  C  CG  . LEU A 1 83  ? 11.386  -7.934  1.833   1.000 38.016  ? 1061 LEU AAA CG  1 ? 
ATOM   732  C  CD1 . LEU A 1 83  ? 11.999  -7.340  3.091   1.000 41.214  ? 1061 LEU AAA CD1 1 ? 
ATOM   733  C  CD2 . LEU A 1 83  ? 12.264  -7.623  0.643   1.000 36.471  ? 1061 LEU AAA CD2 1 ? 
ATOM   734  N  N   . GLU A 1 84  ? 9.480   -12.127 1.468   1.000 29.803  ? 1062 GLU AAA N   1 ? 
ATOM   735  C  CA  . GLU A 1 84  ? 9.277   -13.463 2.012   1.000 33.602  ? 1062 GLU AAA CA  1 ? 
ATOM   736  C  C   . GLU A 1 84  ? 9.224   -14.464 0.866   1.000 29.649  ? 1062 GLU AAA C   1 ? 
ATOM   737  O  O   . GLU A 1 84  ? 9.834   -15.528 0.921   1.000 32.008  ? 1062 GLU AAA O   1 ? 
ATOM   738  C  CB  . GLU A 1 84  ? 7.943   -13.439 2.765   1.000 33.267  ? 1062 GLU AAA CB  1 ? 
ATOM   739  C  CG  . GLU A 1 84  ? 7.535   -14.736 3.438   1.000 45.572  ? 1062 GLU AAA CG  1 ? 
ATOM   740  C  CD  . GLU A 1 84  ? 6.169   -14.541 4.113   1.000 56.188  ? 1062 GLU AAA CD  1 ? 
ATOM   741  O  OE1 . GLU A 1 84  ? 5.421   -15.544 4.207   1.000 58.004  ? 1062 GLU AAA OE1 1 ? 
ATOM   742  O  OE2 . GLU A 1 84  ? 5.834   -13.360 4.511   1.000 50.800  ? 1062 GLU AAA OE2 1 ? 
ATOM   743  N  N   . TYR A 1 85  ? 8.521   -14.104 -0.202  1.000 28.116  ? 1063 TYR AAA N   1 ? 
ATOM   744  C  CA  . TYR A 1 85  ? 8.380   -15.005 -1.319  1.000 29.413  ? 1063 TYR AAA CA  1 ? 
ATOM   745  C  C   . TYR A 1 85  ? 9.675   -15.078 -2.134  1.000 35.570  ? 1063 TYR AAA C   1 ? 
ATOM   746  O  O   . TYR A 1 85  ? 9.887   -16.071 -2.818  1.000 32.452  ? 1063 TYR AAA O   1 ? 
ATOM   747  C  CB  . TYR A 1 85  ? 7.264   -14.590 -2.261  1.000 31.540  ? 1063 TYR AAA CB  1 ? 
ATOM   748  C  CG  . TYR A 1 85  ? 6.925   -15.682 -3.246  1.000 39.026  ? 1063 TYR AAA CG  1 ? 
ATOM   749  C  CD1 . TYR A 1 85  ? 6.283   -16.836 -2.810  1.000 40.445  ? 1063 TYR AAA CD1 1 ? 
ATOM   750  C  CD2 . TYR A 1 85  ? 7.268   -15.588 -4.587  1.000 41.055  ? 1063 TYR AAA CD2 1 ? 
ATOM   751  C  CE1 . TYR A 1 85  ? 5.939   -17.855 -3.683  1.000 43.273  ? 1063 TYR AAA CE1 1 ? 
ATOM   752  C  CE2 . TYR A 1 85  ? 6.953   -16.609 -5.472  1.000 45.075  ? 1063 TYR AAA CE2 1 ? 
ATOM   753  C  CZ  . TYR A 1 85  ? 6.284   -17.735 -5.016  1.000 51.835  ? 1063 TYR AAA CZ  1 ? 
ATOM   754  O  OH  . TYR A 1 85  ? 5.944   -18.741 -5.862  1.000 59.076  ? 1063 TYR AAA OH  1 ? 
ATOM   755  N  N   . ASN A 1 86  ? 10.530  -14.042 -2.098  1.000 30.372  ? 1064 ASN AAA N   1 ? 
ATOM   756  C  CA  . ASN A 1 86  ? 11.694  -14.039 -3.004  1.000 32.012  ? 1064 ASN AAA CA  1 ? 
ATOM   757  C  C   . ASN A 1 86  ? 12.975  -13.851 -2.217  1.000 27.945  ? 1064 ASN AAA C   1 ? 
ATOM   758  O  O   . ASN A 1 86  ? 13.599  -12.799 -2.295  1.000 32.675  ? 1064 ASN AAA O   1 ? 
ATOM   759  C  CB  . ASN A 1 86  ? 11.597  -12.959 -4.101  1.000 33.939  ? 1064 ASN AAA CB  1 ? 
ATOM   760  C  CG  . ASN A 1 86  ? 10.303  -13.019 -4.884  1.000 32.334  ? 1064 ASN AAA CG  1 ? 
ATOM   761  O  OD1 . ASN A 1 86  ? 10.176  -13.756 -5.855  1.000 35.937  ? 1064 ASN AAA OD1 1 ? 
ATOM   762  N  ND2 . ASN A 1 86  ? 9.318   -12.218 -4.507  1.000 31.153  ? 1064 ASN AAA ND2 1 ? 
ATOM   763  N  N   . PRO A 1 87  ? 13.379  -14.805 -1.332  1.000 28.100  ? 1065 PRO AAA N   1 ? 
ATOM   764  C  CA  . PRO A 1 87  ? 14.401  -14.504 -0.342  1.000 27.522  ? 1065 PRO AAA CA  1 ? 
ATOM   765  C  C   . PRO A 1 87  ? 15.814  -14.930 -0.767  1.000 31.009  ? 1065 PRO AAA C   1 ? 
ATOM   766  O  O   . PRO A 1 87  ? 16.711  -14.844 0.056   1.000 34.696  ? 1065 PRO AAA O   1 ? 
ATOM   767  C  CB  . PRO A 1 87  ? 13.997  -15.484 0.792   1.000 29.294  ? 1065 PRO AAA CB  1 ? 
ATOM   768  C  CG  . PRO A 1 87  ? 13.505  -16.718 0.036   1.000 30.662  ? 1065 PRO AAA CG  1 ? 
ATOM   769  C  CD  . PRO A 1 87  ? 12.830  -16.171 -1.201  1.000 30.224  ? 1065 PRO AAA CD  1 ? 
ATOM   770  N  N   . ASP A 1 88  ? 15.986  -15.381 -2.016  1.000 31.166  ? 1066 ASP AAA N   1 ? 
ATOM   771  C  CA  . ASP A 1 88  ? 17.215  -16.072 -2.455  1.000 33.980  ? 1066 ASP AAA CA  1 ? 
ATOM   772  C  C   . ASP A 1 88  ? 18.293  -15.078 -2.878  1.000 37.553  ? 1066 ASP AAA C   1 ? 
ATOM   773  O  O   . ASP A 1 88  ? 17.984  -13.893 -3.050  1.000 30.546  ? 1066 ASP AAA O   1 ? 
ATOM   774  C  CB  . ASP A 1 88  ? 16.911  -17.023 -3.612  1.000 33.457  ? 1066 ASP AAA CB  1 ? 
ATOM   775  C  CG  . ASP A 1 88  ? 16.141  -18.255 -3.146  1.000 43.386  ? 1066 ASP AAA CG  1 ? 
ATOM   776  O  OD1 . ASP A 1 88  ? 16.075  -18.476 -1.901  1.000 37.950  ? 1066 ASP AAA OD1 1 ? 
ATOM   777  O  OD2 . ASP A 1 88  ? 15.632  -18.980 -4.018  1.000 45.610  ? 1066 ASP AAA OD2 1 ? 
ATOM   778  N  N   A ARG A 1 89  ? 19.558  -15.539 -3.028  0.500 33.236  ? 1067 ARG AAA N   1 ? 
ATOM   779  N  N   B ARG A 1 89  ? 19.511  -15.603 -3.097  0.500 35.692  ? 1067 ARG AAA N   1 ? 
ATOM   780  C  CA  A ARG A 1 89  ? 20.643  -14.614 -3.357  0.500 29.170  ? 1067 ARG AAA CA  1 ? 
ATOM   781  C  CA  B ARG A 1 89  ? 20.695  -14.807 -3.379  0.500 33.035  ? 1067 ARG AAA CA  1 ? 
ATOM   782  C  C   A ARG A 1 89  ? 20.734  -14.349 -4.858  0.500 29.938  ? 1067 ARG AAA C   1 ? 
ATOM   783  C  C   B ARG A 1 89  ? 20.712  -14.359 -4.834  0.500 32.397  ? 1067 ARG AAA C   1 ? 
ATOM   784  O  O   A ARG A 1 89  ? 21.547  -13.523 -5.275  0.500 30.430  ? 1067 ARG AAA O   1 ? 
ATOM   785  O  O   B ARG A 1 89  ? 21.484  -13.469 -5.198  0.500 32.708  ? 1067 ARG AAA O   1 ? 
ATOM   786  C  CB  A ARG A 1 89  ? 22.019  -14.939 -2.741  0.500 25.520  ? 1067 ARG AAA CB  1 ? 
ATOM   787  C  CB  B ARG A 1 89  ? 21.962  -15.652 -3.220  0.500 33.412  ? 1067 ARG AAA CB  1 ? 
ATOM   788  C  CG  A ARG A 1 89  ? 22.745  -16.173 -3.272  0.500 23.349  ? 1067 ARG AAA CG  1 ? 
ATOM   789  C  CG  B ARG A 1 89  ? 21.972  -16.876 -4.126  0.500 31.686  ? 1067 ARG AAA CG  1 ? 
ATOM   790  C  CD  A ARG A 1 89  ? 23.596  -16.001 -4.531  0.500 20.097  ? 1067 ARG AAA CD  1 ? 
ATOM   791  C  CD  B ARG A 1 89  ? 23.294  -17.086 -4.864  0.500 30.678  ? 1067 ARG AAA CD  1 ? 
ATOM   792  N  NE  A ARG A 1 89  ? 24.506  -14.869 -4.509  0.500 18.306  ? 1067 ARG AAA NE  1 ? 
ATOM   793  N  NE  B ARG A 1 89  ? 23.776  -16.003 -5.717  0.500 30.639  ? 1067 ARG AAA NE  1 ? 
ATOM   794  C  CZ  A ARG A 1 89  ? 24.937  -14.217 -5.591  0.500 18.131  ? 1067 ARG AAA CZ  1 ? 
ATOM   795  C  CZ  B ARG A 1 89  ? 23.682  -15.919 -7.059  0.500 28.098  ? 1067 ARG AAA CZ  1 ? 
ATOM   796  N  NH1 A ARG A 1 89  ? 24.527  -14.591 -6.783  0.500 18.322  ? 1067 ARG AAA NH1 1 ? 
ATOM   797  N  NH1 B ARG A 1 89  ? 24.181  -14.848 -7.657  0.500 30.119  ? 1067 ARG AAA NH1 1 ? 
ATOM   798  N  NH2 A ARG A 1 89  ? 25.771  -13.203 -5.478  0.500 14.877  ? 1067 ARG AAA NH2 1 ? 
ATOM   799  N  NH2 B ARG A 1 89  ? 23.062  -16.832 -7.795  0.500 17.740  ? 1067 ARG AAA NH2 1 ? 
ATOM   800  N  N   . ASP A 1 90  ? 19.902  -15.011 -5.665  1.000 29.737  ? 1068 ASP AAA N   1 ? 
ATOM   801  C  CA  . ASP A 1 90  ? 20.093  -14.847 -7.096  1.000 35.639  ? 1068 ASP AAA CA  1 ? 
ATOM   802  C  C   . ASP A 1 90  ? 19.540  -13.498 -7.546  1.000 32.980  ? 1068 ASP AAA C   1 ? 
ATOM   803  O  O   . ASP A 1 90  ? 18.764  -12.865 -6.815  1.000 29.866  ? 1068 ASP AAA O   1 ? 
ATOM   804  C  CB  . ASP A 1 90  ? 19.437  -15.954 -7.900  1.000 42.306  ? 1068 ASP AAA CB  1 ? 
ATOM   805  C  CG  . ASP A 1 90  ? 17.960  -15.998 -7.627  1.000 44.900  ? 1068 ASP AAA CG  1 ? 
ATOM   806  O  OD1 . ASP A 1 90  ? 17.217  -15.226 -8.286  1.000 58.065  ? 1068 ASP AAA OD1 1 ? 
ATOM   807  O  OD2 . ASP A 1 90  ? 17.571  -16.777 -6.741  1.000 55.826  ? 1068 ASP AAA OD2 1 ? 
ATOM   808  N  N   . PRO A 1 91  ? 19.980  -13.000 -8.718  1.000 29.333  ? 1069 PRO AAA N   1 ? 
ATOM   809  C  CA  . PRO A 1 91  ? 19.637  -11.643 -9.128  1.000 29.113  ? 1069 PRO AAA CA  1 ? 
ATOM   810  C  C   . PRO A 1 91  ? 18.142  -11.390 -9.333  1.000 25.618  ? 1069 PRO AAA C   1 ? 
ATOM   811  O  O   . PRO A 1 91  ? 17.717  -10.257 -9.140  1.000 24.341  ? 1069 PRO AAA O   1 ? 
ATOM   812  C  CB  . PRO A 1 91  ? 20.352  -11.486 -10.477 1.000 28.624  ? 1069 PRO AAA CB  1 ? 
ATOM   813  C  CG  . PRO A 1 91  ? 21.501  -12.479 -10.404 1.000 30.889  ? 1069 PRO AAA CG  1 ? 
ATOM   814  C  CD  . PRO A 1 91  ? 20.921  -13.655 -9.656  1.000 29.858  ? 1069 PRO AAA CD  1 ? 
ATOM   815  N  N   . GLY A 1 92  ? 17.388  -12.380 -9.831  1.000 24.315  ? 1070 GLY AAA N   1 ? 
ATOM   816  C  CA  . GLY A 1 92  ? 15.950  -12.185 -9.970  1.000 30.173  ? 1070 GLY AAA CA  1 ? 
ATOM   817  C  C   . GLY A 1 92  ? 15.301  -11.785 -8.640  1.000 29.450  ? 1070 GLY AAA C   1 ? 
ATOM   818  O  O   . GLY A 1 92  ? 14.527  -10.810 -8.551  1.000 27.901  ? 1070 GLY AAA O   1 ? 
ATOM   819  N  N   . ASP A 1 93  ? 15.630  -12.556 -7.599  1.000 29.261  ? 1071 ASP AAA N   1 ? 
ATOM   820  C  CA  . ASP A 1 93  ? 15.126  -12.325 -6.246  1.000 30.823  ? 1071 ASP AAA CA  1 ? 
ATOM   821  C  C   . ASP A 1 93  ? 15.706  -11.038 -5.648  1.000 31.343  ? 1071 ASP AAA C   1 ? 
ATOM   822  O  O   . ASP A 1 93  ? 14.997  -10.274 -4.991  1.000 27.695  ? 1071 ASP AAA O   1 ? 
ATOM   823  C  CB  . ASP A 1 93  ? 15.396  -13.500 -5.290  1.000 29.434  ? 1071 ASP AAA CB  1 ? 
ATOM   824  C  CG  . ASP A 1 93  ? 14.479  -14.713 -5.441  1.000 33.978  ? 1071 ASP AAA CG  1 ? 
ATOM   825  O  OD1 . ASP A 1 93  ? 13.848  -14.899 -6.542  1.000 33.666  ? 1071 ASP AAA OD1 1 ? 
ATOM   826  O  OD2 . ASP A 1 93  ? 14.394  -15.465 -4.446  1.000 32.602  ? 1071 ASP AAA OD2 1 ? 
ATOM   827  N  N   A ARG A 1 94  ? 16.996  -10.791 -5.857  0.500 24.225  ? 1072 ARG AAA N   1 ? 
ATOM   828  N  N   B ARG A 1 94  ? 17.006  -10.780 -5.823  0.500 26.411  ? 1072 ARG AAA N   1 ? 
ATOM   829  C  CA  A ARG A 1 94  ? 17.564  -9.576  -5.293  0.500 26.265  ? 1072 ARG AAA CA  1 ? 
ATOM   830  C  CA  B ARG A 1 94  ? 17.527  -9.542  -5.250  0.500 29.751  ? 1072 ARG AAA CA  1 ? 
ATOM   831  C  C   A ARG A 1 94  ? 16.924  -8.322  -5.909  0.500 26.301  ? 1072 ARG AAA C   1 ? 
ATOM   832  C  C   B ARG A 1 94  ? 16.884  -8.308  -5.900  0.500 28.419  ? 1072 ARG AAA C   1 ? 
ATOM   833  O  O   A ARG A 1 94  ? 16.705  -7.331  -5.214  0.500 27.066  ? 1072 ARG AAA O   1 ? 
ATOM   834  O  O   B ARG A 1 94  ? 16.629  -7.313  -5.224  0.500 28.840  ? 1072 ARG AAA O   1 ? 
ATOM   835  C  CB  A ARG A 1 94  ? 19.087  -9.629  -5.436  0.500 25.476  ? 1072 ARG AAA CB  1 ? 
ATOM   836  C  CB  B ARG A 1 94  ? 19.061  -9.492  -5.257  0.500 32.997  ? 1072 ARG AAA CB  1 ? 
ATOM   837  C  CG  A ARG A 1 94  ? 19.705  -10.697 -4.541  0.500 24.568  ? 1072 ARG AAA CG  1 ? 
ATOM   838  C  CG  B ARG A 1 94  ? 19.661  -9.830  -3.899  0.500 37.184  ? 1072 ARG AAA CG  1 ? 
ATOM   839  C  CD  A ARG A 1 94  ? 21.204  -10.568 -4.486  0.500 28.034  ? 1072 ARG AAA CD  1 ? 
ATOM   840  C  CD  B ARG A 1 94  ? 21.168  -9.823  -3.739  0.500 41.968  ? 1072 ARG AAA CD  1 ? 
ATOM   841  N  NE  A ARG A 1 94  ? 21.852  -11.127 -3.300  0.500 32.328  ? 1072 ARG AAA NE  1 ? 
ATOM   842  N  NE  B ARG A 1 94  ? 21.868  -8.555  -3.546  0.500 42.809  ? 1072 ARG AAA NE  1 ? 
ATOM   843  C  CZ  A ARG A 1 94  ? 23.084  -11.632 -3.323  0.500 33.472  ? 1072 ARG AAA CZ  1 ? 
ATOM   844  C  CZ  B ARG A 1 94  ? 22.566  -8.250  -2.460  0.500 45.593  ? 1072 ARG AAA CZ  1 ? 
ATOM   845  N  NH1 A ARG A 1 94  ? 23.734  -11.688 -4.471  0.500 36.520  ? 1072 ARG AAA NH1 1 ? 
ATOM   846  N  NH1 B ARG A 1 94  ? 23.226  -7.110  -2.391  0.500 39.306  ? 1072 ARG AAA NH1 1 ? 
ATOM   847  N  NH2 A ARG A 1 94  ? 23.639  -12.125 -2.230  0.500 34.834  ? 1072 ARG AAA NH2 1 ? 
ATOM   848  N  NH2 B ARG A 1 94  ? 22.614  -9.093  -1.444  0.500 51.169  ? 1072 ARG AAA NH2 1 ? 
ATOM   849  N  N   . LEU A 1 95  ? 16.614  -8.377  -7.210  1.000 26.423  ? 1073 LEU AAA N   1 ? 
ATOM   850  C  CA  . LEU A 1 95  ? 16.006  -7.245  -7.914  1.000 25.783  ? 1073 LEU AAA CA  1 ? 
ATOM   851  C  C   . LEU A 1 95  ? 14.597  -6.962  -7.346  1.000 26.272  ? 1073 LEU AAA C   1 ? 
ATOM   852  O  O   . LEU A 1 95  ? 14.279  -5.811  -6.994  1.000 22.504  ? 1073 LEU AAA O   1 ? 
ATOM   853  C  CB  . LEU A 1 95  ? 15.960  -7.524  -9.417  1.000 22.991  ? 1073 LEU AAA CB  1 ? 
ATOM   854  C  CG  . LEU A 1 95  ? 15.235  -6.468  -10.266 1.000 21.322  ? 1073 LEU AAA CG  1 ? 
ATOM   855  C  CD1 . LEU A 1 95  ? 15.878  -5.095  -10.100 1.000 23.205  ? 1073 LEU AAA CD1 1 ? 
ATOM   856  C  CD2 . LEU A 1 95  ? 15.254  -6.860  -11.744 1.000 28.610  ? 1073 LEU AAA CD2 1 ? 
ATOM   857  N  N   . ILE A 1 96  ? 13.783  -8.013  -7.198  1.000 26.039  ? 1074 ILE AAA N   1 ? 
ATOM   858  C  CA  . ILE A 1 96  ? 12.446  -7.832  -6.621  1.000 27.540  ? 1074 ILE AAA CA  1 ? 
ATOM   859  C  C   . ILE A 1 96  ? 12.537  -7.227  -5.222  1.000 25.370  ? 1074 ILE AAA C   1 ? 
ATOM   860  O  O   . ILE A 1 96  ? 11.745  -6.324  -4.871  1.000 26.713  ? 1074 ILE AAA O   1 ? 
ATOM   861  C  CB  . ILE A 1 96  ? 11.565  -9.106  -6.630  1.000 27.737  ? 1074 ILE AAA CB  1 ? 
ATOM   862  C  CG1 . ILE A 1 96  ? 11.386  -9.639  -8.050  1.000 33.276  ? 1074 ILE AAA CG1 1 ? 
ATOM   863  C  CG2 . ILE A 1 96  ? 10.200  -8.724  -6.035  1.000 27.900  ? 1074 ILE AAA CG2 1 ? 
ATOM   864  C  CD1 . ILE A 1 96  ? 10.963  -11.132 -8.165  1.000 39.459  ? 1074 ILE AAA CD1 1 ? 
ATOM   865  N  N   . ARG A 1 97  ? 13.432  -7.760  -4.377  1.000 25.267  ? 1075 ARG AAA N   1 ? 
ATOM   866  C  CA  . ARG A 1 97  ? 13.520  -7.247  -3.007  1.000 25.860  ? 1075 ARG AAA CA  1 ? 
ATOM   867  C  C   . ARG A 1 97  ? 13.929  -5.777  -3.033  1.000 28.339  ? 1075 ARG AAA C   1 ? 
ATOM   868  O  O   . ARG A 1 97  ? 13.434  -4.969  -2.235  1.000 24.861  ? 1075 ARG AAA O   1 ? 
ATOM   869  C  CB  . ARG A 1 97  ? 14.467  -8.068  -2.117  1.000 27.796  ? 1075 ARG AAA CB  1 ? 
ATOM   870  C  CG  . ARG A 1 97  ? 14.011  -9.510  -1.858  1.000 26.570  ? 1075 ARG AAA CG  1 ? 
ATOM   871  C  CD  . ARG A 1 97  ? 14.766  -10.083 -0.660  1.000 26.296  ? 1075 ARG AAA CD  1 ? 
ATOM   872  N  NE  . ARG A 1 97  ? 16.230  -10.129 -0.672  1.000 33.016  ? 1075 ARG AAA NE  1 ? 
ATOM   873  C  CZ  . ARG A 1 97  ? 16.929  -11.048 -1.335  1.000 31.656  ? 1075 ARG AAA CZ  1 ? 
ATOM   874  N  NH1 . ARG A 1 97  ? 16.291  -11.951 -2.051  1.000 30.765  ? 1075 ARG AAA NH1 1 ? 
ATOM   875  N  NH2 . ARG A 1 97  ? 18.244  -11.060 -1.274  1.000 38.074  ? 1075 ARG AAA NH2 1 ? 
ATOM   876  N  N   . HIS A 1 98  ? 14.921  -5.437  -3.881  1.000 25.184  ? 1076 HIS AAA N   1 ? 
ATOM   877  C  CA  . HIS A 1 98  ? 15.354  -4.040  -3.930  1.000 25.014  ? 1076 HIS AAA CA  1 ? 
ATOM   878  C  C   . HIS A 1 98  ? 14.190  -3.104  -4.302  1.000 24.236  ? 1076 HIS AAA C   1 ? 
ATOM   879  O  O   . HIS A 1 98  ? 14.005  -2.014  -3.698  1.000 24.561  ? 1076 HIS AAA O   1 ? 
ATOM   880  C  CB  . HIS A 1 98  ? 16.586  -3.905  -4.855  1.000 24.754  ? 1076 HIS AAA CB  1 ? 
ATOM   881  C  CG  . HIS A 1 98  ? 17.212  -2.560  -4.792  1.000 27.639  ? 1076 HIS AAA CG  1 ? 
ATOM   882  N  ND1 . HIS A 1 98  ? 16.878  -1.557  -5.678  1.000 28.570  ? 1076 HIS AAA ND1 1 ? 
ATOM   883  C  CD2 . HIS A 1 98  ? 18.139  -2.058  -3.949  1.000 28.392  ? 1076 HIS AAA CD2 1 ? 
ATOM   884  C  CE1 . HIS A 1 98  ? 17.586  -0.479  -5.386  1.000 28.125  ? 1076 HIS AAA CE1 1 ? 
ATOM   885  N  NE2 . HIS A 1 98  ? 18.374  -0.775  -4.335  1.000 28.401  ? 1076 HIS AAA NE2 1 ? 
ATOM   886  N  N   . ARG A 1 99  ? 13.396  -3.550  -5.261  1.000 21.508  ? 1077 ARG AAA N   1 ? 
ATOM   887  C  CA  . ARG A 1 99  ? 12.243  -2.802  -5.735  1.000 25.823  ? 1077 ARG AAA CA  1 ? 
ATOM   888  C  C   . ARG A 1 99  ? 11.154  -2.729  -4.659  1.000 27.829  ? 1077 ARG AAA C   1 ? 
ATOM   889  O  O   . ARG A 1 99  ? 10.537  -1.680  -4.510  1.000 23.711  ? 1077 ARG AAA O   1 ? 
ATOM   890  C  CB  . ARG A 1 99  ? 11.695  -3.429  -7.016  1.000 24.986  ? 1077 ARG AAA CB  1 ? 
ATOM   891  C  CG  . ARG A 1 99  ? 12.581  -3.207  -8.243  1.000 23.253  ? 1077 ARG AAA CG  1 ? 
ATOM   892  C  CD  . ARG A 1 99  ? 12.122  -4.069  -9.397  1.000 21.963  ? 1077 ARG AAA CD  1 ? 
ATOM   893  N  NE  . ARG A 1 99  ? 12.755  -3.634  -10.660 1.000 24.499  ? 1077 ARG AAA NE  1 ? 
ATOM   894  C  CZ  . ARG A 1 99  ? 12.619  -4.250  -11.833 1.000 26.886  ? 1077 ARG AAA CZ  1 ? 
ATOM   895  N  NH1 . ARG A 1 99  ? 11.902  -5.362  -11.930 1.000 24.922  ? 1077 ARG AAA NH1 1 ? 
ATOM   896  N  NH2 . ARG A 1 99  ? 13.199  -3.745  -12.918 1.000 26.838  ? 1077 ARG AAA NH2 1 ? 
ATOM   897  N  N   . ALA A 1 100 ? 10.951  -3.829  -3.910  1.000 23.222  ? 1078 ALA AAA N   1 ? 
ATOM   898  C  CA  . ALA A 1 100 ? 9.962   -3.859  -2.836  1.000 24.974  ? 1078 ALA AAA CA  1 ? 
ATOM   899  C  C   . ALA A 1 100 ? 10.353  -2.859  -1.752  1.000 26.734  ? 1078 ALA AAA C   1 ? 
ATOM   900  O  O   . ALA A 1 100 ? 9.494   -2.083  -1.290  1.000 30.605  ? 1078 ALA AAA O   1 ? 
ATOM   901  C  CB  . ALA A 1 100 ? 9.838   -5.273  -2.279  1.000 22.651  ? 1078 ALA AAA CB  1 ? 
ATOM   902  N  N   . CYS A 1 101 ? 11.645  -2.817  -1.400  1.000 24.230  ? 1079 CYS AAA N   1 ? 
ATOM   903  C  CA  . CYS A 1 101 ? 12.118  -1.896  -0.382  1.000 23.634  ? 1079 CYS AAA CA  1 ? 
ATOM   904  C  C   . CYS A 1 101 ? 12.010  -0.469  -0.912  1.000 28.308  ? 1079 CYS AAA C   1 ? 
ATOM   905  O  O   . CYS A 1 101 ? 11.646  0.420   -0.141  1.000 24.027  ? 1079 CYS AAA O   1 ? 
ATOM   906  C  CB  . CYS A 1 101 ? 13.546  -2.152  0.082   1.000 32.559  ? 1079 CYS AAA CB  1 ? 
ATOM   907  S  SG  . CYS A 1 101 ? 13.614  -3.660  1.104   1.000 40.849  ? 1079 CYS AAA SG  1 ? 
ATOM   908  N  N   . ALA A 1 102 ? 12.271  -0.281  -2.213  1.000 24.792  ? 1080 ALA AAA N   1 ? 
ATOM   909  C  CA  . ALA A 1 102 ? 12.120  1.054   -2.807  1.000 24.392  ? 1080 ALA AAA CA  1 ? 
ATOM   910  C  C   . ALA A 1 102 ? 10.653  1.509   -2.807  1.000 23.338  ? 1080 ALA AAA C   1 ? 
ATOM   911  O  O   . ALA A 1 102 ? 10.362  2.717   -2.640  1.000 25.038  ? 1080 ALA AAA O   1 ? 
ATOM   912  C  CB  . ALA A 1 102 ? 12.697  1.071   -4.218  1.000 21.399  ? 1080 ALA AAA CB  1 ? 
ATOM   913  N  N   A LEU A 1 103 ? 9.735   0.566   -3.044  0.500 23.457  ? 1081 LEU AAA N   1 ? 
ATOM   914  N  N   B LEU A 1 103 ? 9.723   0.585   -3.050  0.500 23.863  ? 1081 LEU AAA N   1 ? 
ATOM   915  C  CA  A LEU A 1 103 ? 8.308   0.890   -3.062  0.500 24.513  ? 1081 LEU AAA CA  1 ? 
ATOM   916  C  CA  B LEU A 1 103 ? 8.314   0.978   -3.061  0.500 24.759  ? 1081 LEU AAA CA  1 ? 
ATOM   917  C  C   A LEU A 1 103 ? 7.909   1.450   -1.705  0.500 25.106  ? 1081 LEU AAA C   1 ? 
ATOM   918  C  C   B LEU A 1 103 ? 7.929   1.492   -1.680  0.500 25.626  ? 1081 LEU AAA C   1 ? 
ATOM   919  O  O   A LEU A 1 103 ? 7.272   2.509   -1.613  0.500 21.648  ? 1081 LEU AAA O   1 ? 
ATOM   920  O  O   B LEU A 1 103 ? 7.322   2.564   -1.541  0.500 22.172  ? 1081 LEU AAA O   1 ? 
ATOM   921  C  CB  A LEU A 1 103 ? 7.466   -0.356  -3.374  0.500 24.085  ? 1081 LEU AAA CB  1 ? 
ATOM   922  C  CB  B LEU A 1 103 ? 7.421   -0.209  -3.441  0.500 25.131  ? 1081 LEU AAA CB  1 ? 
ATOM   923  C  CG  A LEU A 1 103 ? 5.957   -0.144  -3.228  0.500 25.601  ? 1081 LEU AAA CG  1 ? 
ATOM   924  C  CG  B LEU A 1 103 ? 5.930   0.025   -3.188  0.500 25.973  ? 1081 LEU AAA CG  1 ? 
ATOM   925  C  CD1 A LEU A 1 103 ? 5.522   1.033   -4.068  0.500 22.910  ? 1081 LEU AAA CD1 1 ? 
ATOM   926  C  CD1 B LEU A 1 103 ? 5.219   0.332   -4.491  0.500 26.052  ? 1081 LEU AAA CD1 1 ? 
ATOM   927  C  CD2 A LEU A 1 103 ? 5.183   -1.383  -3.647  0.500 26.802  ? 1081 LEU AAA CD2 1 ? 
ATOM   928  C  CD2 B LEU A 1 103 ? 5.321   -1.205  -2.540  0.500 25.472  ? 1081 LEU AAA CD2 1 ? 
ATOM   929  N  N   . ARG A 1 104 ? 8.278   0.695   -0.660  1.000 23.753  ? 1082 ARG AAA N   1 ? 
ATOM   930  C  CA  . ARG A 1 104 ? 8.009   1.073   0.720   1.000 27.552  ? 1082 ARG AAA CA  1 ? 
ATOM   931  C  C   . ARG A 1 104 ? 8.648   2.416   1.091   1.000 27.276  ? 1082 ARG AAA C   1 ? 
ATOM   932  O  O   . ARG A 1 104 ? 7.970   3.314   1.624   1.000 25.442  ? 1082 ARG AAA O   1 ? 
ATOM   933  C  CB  . ARG A 1 104 ? 8.546   0.005   1.672   1.000 27.555  ? 1082 ARG AAA CB  1 ? 
ATOM   934  C  CG  . ARG A 1 104 ? 8.276   0.338   3.133   1.000 34.215  ? 1082 ARG AAA CG  1 ? 
ATOM   935  C  CD  . ARG A 1 104 ? 8.765   -0.787  4.035   1.000 45.773  ? 1082 ARG AAA CD  1 ? 
ATOM   936  N  NE  . ARG A 1 104 ? 9.929   -0.435  4.866   1.000 59.472  ? 1082 ARG AAA NE  1 ? 
ATOM   937  C  CZ  . ARG A 1 104 ? 11.184  -0.209  4.437   1.000 67.820  ? 1082 ARG AAA CZ  1 ? 
ATOM   938  N  NH1 . ARG A 1 104 ? 11.494  -0.286  3.154   1.000 60.360  ? 1082 ARG AAA NH1 1 ? 
ATOM   939  N  NH2 . ARG A 1 104 ? 12.137  0.096   5.304   1.000 77.330  ? 1082 ARG AAA NH2 1 ? 
ATOM   940  N  N   . ASP A 1 105 ? 9.957   2.564   0.851   1.000 27.485  ? 1083 ASP AAA N   1 ? 
ATOM   941  C  CA  . ASP A 1 105 ? 10.644  3.807   1.187   1.000 25.046  ? 1083 ASP AAA CA  1 ? 
ATOM   942  C  C   . ASP A 1 105 ? 10.060  5.007   0.427   1.000 24.404  ? 1083 ASP AAA C   1 ? 
ATOM   943  O  O   . ASP A 1 105 ? 9.976   6.112   1.001   1.000 24.123  ? 1083 ASP AAA O   1 ? 
ATOM   944  C  CB  . ASP A 1 105 ? 12.142  3.784   0.870   1.000 26.499  ? 1083 ASP AAA CB  1 ? 
ATOM   945  C  CG  . ASP A 1 105 ? 12.962  2.811   1.709   1.000 35.528  ? 1083 ASP AAA CG  1 ? 
ATOM   946  O  OD1 . ASP A 1 105 ? 12.480  2.377   2.770   1.000 29.694  ? 1083 ASP AAA OD1 1 ? 
ATOM   947  O  OD2 . ASP A 1 105 ? 14.034  2.438   1.232   1.000 33.104  ? 1083 ASP AAA OD2 1 ? 
ATOM   948  N  N   . THR A 1 106 ? 9.646   4.794   -0.818  1.000 22.152  ? 1084 THR AAA N   1 ? 
ATOM   949  C  CA  . THR A 1 106 ? 9.109   5.896   -1.606  1.000 22.355  ? 1084 THR AAA CA  1 ? 
ATOM   950  C  C   . THR A 1 106 ? 7.753   6.340   -1.023  1.000 23.139  ? 1084 THR AAA C   1 ? 
ATOM   951  O  O   . THR A 1 106 ? 7.474   7.534   -0.914  1.000 23.407  ? 1084 THR AAA O   1 ? 
ATOM   952  C  CB  . THR A 1 106 ? 8.977   5.515   -3.093  1.000 24.543  ? 1084 THR AAA CB  1 ? 
ATOM   953  O  OG1 . THR A 1 106 ? 10.282  5.287   -3.649  1.000 24.773  ? 1084 THR AAA OG1 1 ? 
ATOM   954  C  CG2 . THR A 1 106 ? 8.269   6.582   -3.892  1.000 26.600  ? 1084 THR AAA CG2 1 ? 
ATOM   955  N  N   . ALA A 1 107 ? 6.881   5.380   -0.711  1.000 21.386  ? 1085 ALA AAA N   1 ? 
ATOM   956  C  CA  . ALA A 1 107 ? 5.587   5.696   -0.115  1.000 22.661  ? 1085 ALA AAA CA  1 ? 
ATOM   957  C  C   . ALA A 1 107 ? 5.786   6.434   1.202   1.000 23.776  ? 1085 ALA AAA C   1 ? 
ATOM   958  O  O   . ALA A 1 107 ? 5.128   7.457   1.465   1.000 23.656  ? 1085 ALA AAA O   1 ? 
ATOM   959  C  CB  . ALA A 1 107 ? 4.789   4.415   0.099   1.000 20.555  ? 1085 ALA AAA CB  1 ? 
ATOM   960  N  N   . TYR A 1 108 ? 6.700   5.945   2.056   1.000 22.553  ? 1086 TYR AAA N   1 ? 
ATOM   961  C  CA  . TYR A 1 108 ? 6.901   6.610   3.335   1.000 24.952  ? 1086 TYR AAA CA  1 ? 
ATOM   962  C  C   . TYR A 1 108 ? 7.387   8.041   3.118   1.000 26.214  ? 1086 TYR AAA C   1 ? 
ATOM   963  O  O   . TYR A 1 108 ? 7.018   8.924   3.873   1.000 24.776  ? 1086 TYR AAA O   1 ? 
ATOM   964  C  CB  . TYR A 1 108 ? 7.823   5.802   4.264   1.000 24.708  ? 1086 TYR AAA CB  1 ? 
ATOM   965  C  CG  . TYR A 1 108 ? 7.092   4.745   5.071   1.000 27.934  ? 1086 TYR AAA CG  1 ? 
ATOM   966  C  CD1 . TYR A 1 108 ? 6.718   3.522   4.528   1.000 28.342  ? 1086 TYR AAA CD1 1 ? 
ATOM   967  C  CD2 . TYR A 1 108 ? 6.696   5.001   6.377   1.000 33.237  ? 1086 TYR AAA CD2 1 ? 
ATOM   968  C  CE1 . TYR A 1 108 ? 6.080   2.534   5.280   1.000 27.717  ? 1086 TYR AAA CE1 1 ? 
ATOM   969  C  CE2 . TYR A 1 108 ? 6.071   4.029   7.151   1.000 32.782  ? 1086 TYR AAA CE2 1 ? 
ATOM   970  C  CZ  . TYR A 1 108 ? 5.727   2.806   6.593   1.000 34.117  ? 1086 TYR AAA CZ  1 ? 
ATOM   971  O  OH  . TYR A 1 108 ? 5.073   1.874   7.361   1.000 31.606  ? 1086 TYR AAA OH  1 ? 
ATOM   972  N  N   . ALA A 1 109 ? 8.259   8.258   2.137   1.000 25.144  ? 1087 ALA AAA N   1 ? 
ATOM   973  C  CA  . ALA A 1 109 ? 8.861   9.574   1.950   1.000 27.325  ? 1087 ALA AAA CA  1 ? 
ATOM   974  C  C   . ALA A 1 109 ? 7.841   10.570  1.371   1.000 25.649  ? 1087 ALA AAA C   1 ? 
ATOM   975  O  O   . ALA A 1 109 ? 7.887   11.746  1.728   1.000 23.321  ? 1087 ALA AAA O   1 ? 
ATOM   976  C  CB  . ALA A 1 109 ? 10.065  9.462   1.041   1.000 29.645  ? 1087 ALA AAA CB  1 ? 
ATOM   977  N  N   . ILE A 1 110 ? 6.957   10.126  0.459   1.000 22.822  ? 1088 ILE AAA N   1 ? 
ATOM   978  C  CA  . ILE A 1 110 ? 5.896   11.007  -0.025  1.000 24.977  ? 1088 ILE AAA CA  1 ? 
ATOM   979  C  C   . ILE A 1 110 ? 5.027   11.412  1.162   1.000 23.118  ? 1088 ILE AAA C   1 ? 
ATOM   980  O  O   . ILE A 1 110 ? 4.664   12.575  1.316   1.000 21.052  ? 1088 ILE AAA O   1 ? 
ATOM   981  C  CB  . ILE A 1 110 ? 5.053   10.330  -1.127  1.000 23.717  ? 1088 ILE AAA CB  1 ? 
ATOM   982  C  CG1 . ILE A 1 110 ? 5.890   10.138  -2.398  1.000 23.878  ? 1088 ILE AAA CG1 1 ? 
ATOM   983  C  CG2 . ILE A 1 110 ? 3.757   11.103  -1.416  1.000 21.291  ? 1088 ILE AAA CG2 1 ? 
ATOM   984  C  CD1 . ILE A 1 110 ? 5.269   9.251   -3.470  1.000 22.239  ? 1088 ILE AAA CD1 1 ? 
ATOM   985  N  N   . ILE A 1 111 ? 4.678   10.442  1.995   1.000 23.916  ? 1089 ILE AAA N   1 ? 
ATOM   986  C  CA  . ILE A 1 111 ? 3.780   10.745  3.095   1.000 25.063  ? 1089 ILE AAA CA  1 ? 
ATOM   987  C  C   . ILE A 1 111 ? 4.497   11.649  4.103   1.000 28.841  ? 1089 ILE AAA C   1 ? 
ATOM   988  O  O   . ILE A 1 111 ? 3.923   12.579  4.672   1.000 25.486  ? 1089 ILE AAA O   1 ? 
ATOM   989  C  CB  . ILE A 1 111 ? 3.236   9.422   3.681   1.000 25.612  ? 1089 ILE AAA CB  1 ? 
ATOM   990  C  CG1 . ILE A 1 111 ? 2.096   8.922   2.781   1.000 29.612  ? 1089 ILE AAA CG1 1 ? 
ATOM   991  C  CG2 . ILE A 1 111 ? 2.790   9.575   5.131   1.000 31.764  ? 1089 ILE AAA CG2 1 ? 
ATOM   992  C  CD1 . ILE A 1 111 ? 1.873   7.420   2.829   1.000 33.965  ? 1089 ILE AAA CD1 1 ? 
ATOM   993  N  N   . LYS A 1 112 ? 5.797   11.421  4.291   1.000 27.972  ? 1090 LYS AAA N   1 ? 
ATOM   994  C  CA  . LYS A 1 112 ? 6.480   12.275  5.255   1.000 28.193  ? 1090 LYS AAA CA  1 ? 
ATOM   995  C  C   . LYS A 1 112 ? 6.477   13.727  4.785   1.000 27.430  ? 1090 LYS AAA C   1 ? 
ATOM   996  O  O   . LYS A 1 112 ? 6.327   14.646  5.594   1.000 29.568  ? 1090 LYS AAA O   1 ? 
ATOM   997  C  CB  . LYS A 1 112 ? 7.908   11.760  5.495   1.000 32.771  ? 1090 LYS AAA CB  1 ? 
ATOM   998  C  CG  . LYS A 1 112 ? 8.755   12.662  6.386   1.000 41.330  ? 1090 LYS AAA CG  1 ? 
ATOM   999  C  CD  . LYS A 1 112 ? 10.216  12.217  6.440   1.000 45.311  ? 1090 LYS AAA CD  1 ? 
ATOM   1000 C  CE  . LYS A 1 112 ? 11.047  13.038  7.410   1.000 58.396  ? 1090 LYS AAA CE  1 ? 
ATOM   1001 N  NZ  . LYS A 1 112 ? 10.540  12.871  8.792   1.000 53.499  ? 1090 LYS AAA NZ  1 ? 
ATOM   1002 N  N   . GLU A 1 113 ? 6.598   13.952  3.480   1.000 27.211  ? 1091 GLU AAA N   1 ? 
ATOM   1003 C  CA  . GLU A 1 113 ? 6.671   15.306  2.953   1.000 28.670  ? 1091 GLU AAA CA  1 ? 
ATOM   1004 C  C   . GLU A 1 113 ? 5.288   15.934  2.775   1.000 30.764  ? 1091 GLU AAA C   1 ? 
ATOM   1005 O  O   . GLU A 1 113 ? 5.180   17.164  2.812   1.000 33.500  ? 1091 GLU AAA O   1 ? 
ATOM   1006 C  CB  . GLU A 1 113 ? 7.332   15.362  1.574   1.000 33.946  ? 1091 GLU AAA CB  1 ? 
ATOM   1007 C  CG  . GLU A 1 113 ? 8.847   15.332  1.581   1.000 50.815  ? 1091 GLU AAA CG  1 ? 
ATOM   1008 C  CD  . GLU A 1 113 ? 9.487   15.871  0.300   1.000 64.494  ? 1091 GLU AAA CD  1 ? 
ATOM   1009 O  OE1 . GLU A 1 113 ? 8.929   15.637  -0.819  1.000 66.464  ? 1091 GLU AAA OE1 1 ? 
ATOM   1010 O  OE2 . GLU A 1 113 ? 10.538  16.546  0.411   1.000 58.593  ? 1091 GLU AAA OE2 1 ? 
ATOM   1011 N  N   . GLU A 1 114 ? 4.245   15.124  2.531   1.000 22.188  ? 1092 GLU AAA N   1 ? 
ATOM   1012 C  CA  . GLU A 1 114 ? 3.001   15.698  2.031   1.000 24.636  ? 1092 GLU AAA CA  1 ? 
ATOM   1013 C  C   . GLU A 1 114 ? 1.792   15.466  2.957   1.000 23.854  ? 1092 GLU AAA C   1 ? 
ATOM   1014 O  O   . GLU A 1 114 ? 0.755   16.086  2.744   1.000 26.393  ? 1092 GLU AAA O   1 ? 
ATOM   1015 C  CB  . GLU A 1 114 ? 2.681   15.225  0.607   1.000 23.953  ? 1092 GLU AAA CB  1 ? 
ATOM   1016 C  CG  . GLU A 1 114 ? 3.879   15.364  -0.341  1.000 24.281  ? 1092 GLU AAA CG  1 ? 
ATOM   1017 C  CD  . GLU A 1 114 ? 3.638   14.856  -1.744  1.000 25.073  ? 1092 GLU AAA CD  1 ? 
ATOM   1018 O  OE1 . GLU A 1 114 ? 2.460   14.692  -2.130  1.000 23.383  ? 1092 GLU AAA OE1 1 ? 
ATOM   1019 O  OE2 . GLU A 1 114 ? 4.633   14.597  -2.466  1.000 24.125  ? 1092 GLU AAA OE2 1 ? 
ATOM   1020 N  N   . LEU A 1 115 ? 1.869   14.554  3.908   1.000 23.073  ? 1093 LEU AAA N   1 ? 
ATOM   1021 C  CA  . LEU A 1 115 ? 0.754   14.385  4.833   1.000 26.503  ? 1093 LEU AAA CA  1 ? 
ATOM   1022 C  C   . LEU A 1 115 ? 0.929   15.339  6.011   1.000 30.656  ? 1093 LEU AAA C   1 ? 
ATOM   1023 O  O   . LEU A 1 115 ? 1.966   15.308  6.669   1.000 30.582  ? 1093 LEU AAA O   1 ? 
ATOM   1024 C  CB  . LEU A 1 115 ? 0.781   12.959  5.379   1.000 25.611  ? 1093 LEU AAA CB  1 ? 
ATOM   1025 C  CG  . LEU A 1 115 ? -0.161  12.660  6.551   1.000 29.496  ? 1093 LEU AAA CG  1 ? 
ATOM   1026 C  CD1 . LEU A 1 115 ? -1.598  12.801  6.084   1.000 26.159  ? 1093 LEU AAA CD1 1 ? 
ATOM   1027 C  CD2 . LEU A 1 115 ? 0.057   11.231  7.068   1.000 28.662  ? 1093 LEU AAA CD2 1 ? 
ATOM   1028 N  N   . ASP A 1 116 ? -0.095  16.148  6.310   1.000 25.827  ? 1094 ASP AAA N   1 ? 
ATOM   1029 C  CA  . ASP A 1 116 ? -0.067  16.980  7.513   1.000 27.544  ? 1094 ASP AAA CA  1 ? 
ATOM   1030 C  C   . ASP A 1 116 ? -0.326  16.096  8.727   1.000 26.753  ? 1094 ASP AAA C   1 ? 
ATOM   1031 O  O   . ASP A 1 116 ? -1.311  15.372  8.750   1.000 26.011  ? 1094 ASP AAA O   1 ? 
ATOM   1032 C  CB  . ASP A 1 116 ? -1.155  18.045  7.435   1.000 27.640  ? 1094 ASP AAA CB  1 ? 
ATOM   1033 C  CG  . ASP A 1 116 ? -0.977  19.059  8.547   1.000 33.272  ? 1094 ASP AAA CG  1 ? 
ATOM   1034 O  OD1 . ASP A 1 116 ? -1.072  18.670  9.716   1.000 34.972  ? 1094 ASP AAA OD1 1 ? 
ATOM   1035 O  OD2 . ASP A 1 116 ? -0.691  20.207  8.226   1.000 30.854  ? 1094 ASP AAA OD2 1 ? 
ATOM   1036 N  N   . GLU A 1 117 ? 0.523   16.180  9.761   1.000 25.437  ? 1095 GLU AAA N   1 ? 
ATOM   1037 C  CA  . GLU A 1 117 ? 0.412   15.277  10.907  1.000 27.193  ? 1095 GLU AAA CA  1 ? 
ATOM   1038 C  C   . GLU A 1 117 ? -0.878  15.552  11.687  1.000 26.165  ? 1095 GLU AAA C   1 ? 
ATOM   1039 O  O   . GLU A 1 117 ? -1.393  14.643  12.323  1.000 23.695  ? 1095 GLU AAA O   1 ? 
ATOM   1040 C  CB  . GLU A 1 117 ? 1.588   15.493  11.866  1.000 34.570  ? 1095 GLU AAA CB  1 ? 
ATOM   1041 C  CG  . GLU A 1 117 ? 2.879   14.834  11.397  1.000 54.637  ? 1095 GLU AAA CG  1 ? 
ATOM   1042 C  CD  . GLU A 1 117 ? 4.138   15.397  12.046  1.000 65.188  ? 1095 GLU AAA CD  1 ? 
ATOM   1043 O  OE1 . GLU A 1 117 ? 4.148   15.534  13.297  1.000 67.878  ? 1095 GLU AAA OE1 1 ? 
ATOM   1044 O  OE2 . GLU A 1 117 ? 5.095   15.727  11.297  1.000 73.481  ? 1095 GLU AAA OE2 1 ? 
ATOM   1045 N  N   . ASP A 1 118 ? -1.391  16.792  11.627  1.000 25.246  ? 1096 ASP AAA N   1 ? 
ATOM   1046 C  CA  . ASP A 1 118 ? -2.649  17.097  12.320  1.000 26.666  ? 1096 ASP AAA CA  1 ? 
ATOM   1047 C  C   . ASP A 1 118 ? -3.835  16.545  11.541  1.000 25.808  ? 1096 ASP AAA C   1 ? 
ATOM   1048 O  O   . ASP A 1 118 ? -4.907  16.283  12.108  1.000 25.194  ? 1096 ASP AAA O   1 ? 
ATOM   1049 C  CB  . ASP A 1 118 ? -2.813  18.611  12.458  1.000 26.019  ? 1096 ASP AAA CB  1 ? 
ATOM   1050 C  CG  . ASP A 1 118 ? -1.884  19.168  13.531  1.000 30.415  ? 1096 ASP AAA CG  1 ? 
ATOM   1051 O  OD1 . ASP A 1 118 ? -1.483  18.398  14.366  1.000 30.680  ? 1096 ASP AAA OD1 1 ? 
ATOM   1052 O  OD2 . ASP A 1 118 ? -1.523  20.341  13.438  1.000 35.768  ? 1096 ASP AAA OD2 1 ? 
ATOM   1053 N  N   . PHE A 1 119 ? -3.655  16.386  10.215  1.000 24.290  ? 1097 PHE AAA N   1 ? 
ATOM   1054 C  CA  . PHE A 1 119 ? -4.695  15.758  9.407   1.000 24.417  ? 1097 PHE AAA CA  1 ? 
ATOM   1055 C  C   . PHE A 1 119 ? -4.763  14.268  9.783   1.000 26.088  ? 1097 PHE AAA C   1 ? 
ATOM   1056 O  O   . PHE A 1 119 ? -5.840  13.713  10.010  1.000 25.323  ? 1097 PHE AAA O   1 ? 
ATOM   1057 C  CB  . PHE A 1 119 ? -4.456  15.978  7.903   1.000 22.781  ? 1097 PHE AAA CB  1 ? 
ATOM   1058 C  CG  . PHE A 1 119 ? -5.501  15.314  7.029   1.000 24.067  ? 1097 PHE AAA CG  1 ? 
ATOM   1059 C  CD1 . PHE A 1 119 ? -6.691  15.990  6.706   1.000 23.773  ? 1097 PHE AAA CD1 1 ? 
ATOM   1060 C  CD2 . PHE A 1 119 ? -5.371  13.985  6.640   1.000 22.926  ? 1097 PHE AAA CD2 1 ? 
ATOM   1061 C  CE1 . PHE A 1 119 ? -7.693  15.361  5.971   1.000 23.808  ? 1097 PHE AAA CE1 1 ? 
ATOM   1062 C  CE2 . PHE A 1 119 ? -6.369  13.361  5.891   1.000 24.337  ? 1097 PHE AAA CE2 1 ? 
ATOM   1063 C  CZ  . PHE A 1 119 ? -7.539  14.054  5.555   1.000 24.140  ? 1097 PHE AAA CZ  1 ? 
ATOM   1064 N  N   . GLU A 1 120 ? -3.605  13.608  9.861   1.000 22.869  ? 1098 GLU AAA N   1 ? 
ATOM   1065 C  CA  . GLU A 1 120 ? -3.623  12.191  10.234  1.000 25.187  ? 1098 GLU AAA CA  1 ? 
ATOM   1066 C  C   . GLU A 1 120 ? -4.204  12.018  11.639  1.000 24.634  ? 1098 GLU AAA C   1 ? 
ATOM   1067 O  O   . GLU A 1 120 ? -4.949  11.071  11.899  1.000 26.267  ? 1098 GLU AAA O   1 ? 
ATOM   1068 C  CB  . GLU A 1 120 ? -2.186  11.660  10.223  1.000 26.615  ? 1098 GLU AAA CB  1 ? 
ATOM   1069 C  CG  . GLU A 1 120 ? -2.068  10.197  10.686  1.000 27.234  ? 1098 GLU AAA CG  1 ? 
ATOM   1070 C  CD  . GLU A 1 120 ? -2.812  9.078   9.937   1.000 30.165  ? 1098 GLU AAA CD  1 ? 
ATOM   1071 O  OE1 . GLU A 1 120 ? -3.523  9.365   8.944   1.000 29.169  ? 1098 GLU AAA OE1 1 ? 
ATOM   1072 O  OE2 . GLU A 1 120 ? -2.678  7.870   10.337  1.000 33.116  ? 1098 GLU AAA OE2 1 ? 
ATOM   1073 N  N   . GLN A 1 121 ? -3.855  12.947  12.554  1.000 26.925  ? 1099 GLN AAA N   1 ? 
ATOM   1074 C  CA  . GLN A 1 121 ? -4.308  12.824  13.941  1.000 28.855  ? 1099 GLN AAA CA  1 ? 
ATOM   1075 C  C   . GLN A 1 121 ? -5.836  12.924  14.027  1.000 27.604  ? 1099 GLN AAA C   1 ? 
ATOM   1076 O  O   . GLN A 1 121 ? -6.470  12.155  14.744  1.000 28.305  ? 1099 GLN AAA O   1 ? 
ATOM   1077 C  CB  . GLN A 1 121 ? -3.620  13.879  14.810  1.000 31.113  ? 1099 GLN AAA CB  1 ? 
ATOM   1078 C  CG  . GLN A 1 121 ? -4.049  13.773  16.278  1.000 31.417  ? 1099 GLN AAA CG  1 ? 
ATOM   1079 C  CD  . GLN A 1 121 ? -3.532  12.503  16.891  1.000 34.863  ? 1099 GLN AAA CD  1 ? 
ATOM   1080 O  OE1 . GLN A 1 121 ? -2.501  11.981  16.477  1.000 39.272  ? 1099 GLN AAA OE1 1 ? 
ATOM   1081 N  NE2 . GLN A 1 121 ? -4.281  11.945  17.829  1.000 32.432  ? 1099 GLN AAA NE2 1 ? 
ATOM   1082 N  N   . LEU A 1 122 ? -6.411  13.897  13.297  1.000 25.649  ? 1100 LEU AAA N   1 ? 
ATOM   1083 C  CA  . LEU A 1 122 ? -7.859  14.003  13.147  1.000 24.467  ? 1100 LEU AAA CA  1 ? 
ATOM   1084 C  C   . LEU A 1 122 ? -8.482  12.680  12.655  1.000 28.328  ? 1100 LEU AAA C   1 ? 
ATOM   1085 O  O   . LEU A 1 122 ? -9.483  12.206  13.219  1.000 25.321  ? 1100 LEU AAA O   1 ? 
ATOM   1086 C  CB  . LEU A 1 122 ? -8.211  15.194  12.242  1.000 23.541  ? 1100 LEU AAA CB  1 ? 
ATOM   1087 C  CG  . LEU A 1 122 ? -9.718  15.357  11.955  1.000 23.895  ? 1100 LEU AAA CG  1 ? 
ATOM   1088 C  CD1 . LEU A 1 122 ? -10.525 15.521  13.266  1.000 26.581  ? 1100 LEU AAA CD1 1 ? 
ATOM   1089 C  CD2 . LEU A 1 122 ? -9.998  16.512  10.995  1.000 24.237  ? 1100 LEU AAA CD2 1 ? 
ATOM   1090 N  N   . CYS A 1 123 ? -7.908  12.058  11.592  1.000 25.005  ? 1101 CYS AAA N   1 ? 
ATOM   1091 C  CA  . CYS A 1 123 ? -8.472  10.810  11.061  1.000 24.346  ? 1101 CYS AAA CA  1 ? 
ATOM   1092 C  C   . CYS A 1 123 ? -8.484  9.755   12.166  1.000 24.306  ? 1101 CYS AAA C   1 ? 
ATOM   1093 O  O   . CYS A 1 123 ? -9.464  9.006   12.298  1.000 29.214  ? 1101 CYS AAA O   1 ? 
ATOM   1094 C  CB  . CYS A 1 123 ? -7.663  10.296  9.862   1.000 21.493  ? 1101 CYS AAA CB  1 ? 
ATOM   1095 S  SG  . CYS A 1 123 ? -7.882  11.325  8.384   1.000 25.398  ? 1101 CYS AAA SG  1 ? 
ATOM   1096 N  N   . GLU A 1 124 ? -7.414  9.718   12.961  1.000 25.183  ? 1102 GLU AAA N   1 ? 
ATOM   1097 C  CA  . GLU A 1 124 ? -7.247  8.705   14.000  1.000 31.852  ? 1102 GLU AAA CA  1 ? 
ATOM   1098 C  C   . GLU A 1 124 ? -8.312  8.921   15.078  1.000 32.405  ? 1102 GLU AAA C   1 ? 
ATOM   1099 O  O   . GLU A 1 124 ? -8.882  7.975   15.635  1.000 29.740  ? 1102 GLU AAA O   1 ? 
ATOM   1100 C  CB  . GLU A 1 124 ? -5.814  8.763   14.549  1.000 31.271  ? 1102 GLU AAA CB  1 ? 
ATOM   1101 C  CG  . GLU A 1 124 ? -4.767  8.298   13.499  1.000 42.001  ? 1102 GLU AAA CG  1 ? 
ATOM   1102 C  CD  . GLU A 1 124 ? -3.319  8.027   13.916  1.000 56.343  ? 1102 GLU AAA CD  1 ? 
ATOM   1103 O  OE1 . GLU A 1 124 ? -3.095  8.065   15.140  1.000 50.589  ? 1102 GLU AAA OE1 1 ? 
ATOM   1104 O  OE2 . GLU A 1 124 ? -2.395  7.765   13.017  1.000 46.613  ? 1102 GLU AAA OE2 1 ? 
ATOM   1105 N  N   . GLU A 1 125 ? -8.602  10.198  15.360  1.000 30.225  ? 1103 GLU AAA N   1 ? 
ATOM   1106 C  CA  . GLU A 1 125 ? -9.541  10.535  16.425  1.000 28.603  ? 1103 GLU AAA CA  1 ? 
ATOM   1107 C  C   . GLU A 1 125 ? -10.950 10.238  15.963  1.000 30.681  ? 1103 GLU AAA C   1 ? 
ATOM   1108 O  O   . GLU A 1 125 ? -11.686 9.652   16.752  1.000 35.438  ? 1103 GLU AAA O   1 ? 
ATOM   1109 C  CB  . GLU A 1 125 ? -9.316  11.925  17.074  1.000 25.014  ? 1103 GLU AAA CB  1 ? 
ATOM   1110 C  CG  . GLU A 1 125 ? -8.006  11.996  17.848  1.000 27.289  ? 1103 GLU AAA CG  1 ? 
ATOM   1111 C  CD  . GLU A 1 125 ? -7.599  13.318  18.496  1.000 25.894  ? 1103 GLU AAA CD  1 ? 
ATOM   1112 O  OE1 . GLU A 1 125 ? -8.433  14.238  18.479  1.000 27.313  ? 1103 GLU AAA OE1 1 ? 
ATOM   1113 O  OE2 . GLU A 1 125 ? -6.416  13.456  18.960  1.000 28.845  ? 1103 GLU AAA OE2 1 ? 
ATOM   1114 N  N   . ILE A 1 126 ? -11.303 10.543  14.699  1.000 28.617  ? 1104 ILE AAA N   1 ? 
ATOM   1115 C  CA  . ILE A 1 126 ? -12.596 10.141  14.191  1.000 30.476  ? 1104 ILE AAA CA  1 ? 
ATOM   1116 C  C   . ILE A 1 126 ? -12.684 8.610   14.249  1.000 38.474  ? 1104 ILE AAA C   1 ? 
ATOM   1117 O  O   . ILE A 1 126 ? -13.629 8.067   14.818  1.000 40.840  ? 1104 ILE AAA O   1 ? 
ATOM   1118 C  CB  . ILE A 1 126 ? -12.898 10.704  12.792  1.000 25.741  ? 1104 ILE AAA CB  1 ? 
ATOM   1119 C  CG1 . ILE A 1 126 ? -12.745 12.231  12.740  1.000 25.598  ? 1104 ILE AAA CG1 1 ? 
ATOM   1120 C  CG2 . ILE A 1 126 ? -14.303 10.299  12.354  1.000 28.216  ? 1104 ILE AAA CG2 1 ? 
ATOM   1121 C  CD1 . ILE A 1 126 ? -12.655 12.782  11.310  1.000 25.718  ? 1104 ILE AAA CD1 1 ? 
ATOM   1122 N  N   . GLN A 1 127 ? -11.674 7.906   13.711  1.000 40.831  ? 1105 GLN AAA N   1 ? 
ATOM   1123 C  CA  . GLN A 1 127 ? -11.714 6.443   13.654  1.000 40.162  ? 1105 GLN AAA CA  1 ? 
ATOM   1124 C  C   . GLN A 1 127 ? -11.913 5.878   15.069  1.000 42.460  ? 1105 GLN AAA C   1 ? 
ATOM   1125 O  O   . GLN A 1 127 ? -12.769 5.020   15.273  1.000 42.810  ? 1105 GLN AAA O   1 ? 
ATOM   1126 C  CB  . GLN A 1 127 ? -10.440 5.872   13.019  1.000 37.609  ? 1105 GLN AAA CB  1 ? 
ATOM   1127 C  CG  . GLN A 1 127 ? -10.362 4.351   13.081  1.000 42.285  ? 1105 GLN AAA CG  1 ? 
ATOM   1128 C  CD  . GLN A 1 127 ? -8.990  3.851   12.686  1.000 48.272  ? 1105 GLN AAA CD  1 ? 
ATOM   1129 O  OE1 . GLN A 1 127 ? -7.982  4.209   13.288  1.000 51.134  ? 1105 GLN AAA OE1 1 ? 
ATOM   1130 N  NE2 . GLN A 1 127 ? -8.927  3.032   11.647  1.000 47.131  ? 1105 GLN AAA NE2 1 ? 
ATOM   1131 N  N   . GLU A 1 128 ? -11.129 6.369   16.040  1.000 39.819  ? 1106 GLU AAA N   1 ? 
ATOM   1132 C  CA  . GLU A 1 128 ? -11.183 5.903   17.427  1.000 46.797  ? 1106 GLU AAA CA  1 ? 
ATOM   1133 C  C   . GLU A 1 128 ? -12.574 6.098   18.039  1.000 49.614  ? 1106 GLU AAA C   1 ? 
ATOM   1134 O  O   . GLU A 1 128 ? -12.933 5.372   18.965  1.000 53.077  ? 1106 GLU AAA O   1 ? 
ATOM   1135 C  CB  . GLU A 1 128 ? -10.200 6.635   18.351  1.000 47.455  ? 1106 GLU AAA CB  1 ? 
ATOM   1136 C  CG  . GLU A 1 128 ? -8.881  5.935   18.615  1.000 64.182  ? 1106 GLU AAA CG  1 ? 
ATOM   1137 C  CD  . GLU A 1 128 ? -7.631  6.813   18.550  1.000 70.637  ? 1106 GLU AAA CD  1 ? 
ATOM   1138 O  OE1 . GLU A 1 128 ? -6.661  6.393   17.892  1.000 80.652  ? 1106 GLU AAA OE1 1 ? 
ATOM   1139 O  OE2 . GLU A 1 128 ? -7.613  7.918   19.143  1.000 78.249  ? 1106 GLU AAA OE2 1 ? 
ATOM   1140 N  N   A SER A 1 129 ? -13.317 7.102   17.545  0.500 47.140  ? 1107 SER AAA N   1 ? 
ATOM   1141 N  N   B SER A 1 129 ? -13.346 7.067   17.533  0.500 53.125  ? 1107 SER AAA N   1 ? 
ATOM   1142 C  CA  A SER A 1 129 ? -14.634 7.461   18.061  0.500 47.599  ? 1107 SER AAA CA  1 ? 
ATOM   1143 C  CA  B SER A 1 129 ? -14.638 7.403   18.115  0.500 56.793  ? 1107 SER AAA CA  1 ? 
ATOM   1144 C  C   A SER A 1 129 ? -15.703 6.465   17.613  0.500 53.626  ? 1107 SER AAA C   1 ? 
ATOM   1145 C  C   B SER A 1 129 ? -15.788 6.695   17.404  0.500 60.138  ? 1107 SER AAA C   1 ? 
ATOM   1146 O  O   A SER A 1 129 ? -16.732 6.350   18.275  0.500 50.527  ? 1107 SER AAA O   1 ? 
ATOM   1147 O  O   B SER A 1 129 ? -16.952 6.992   17.678  0.500 55.835  ? 1107 SER AAA O   1 ? 
ATOM   1148 C  CB  A SER A 1 129 ? -15.044 8.891   17.718  0.500 38.418  ? 1107 SER AAA CB  1 ? 
ATOM   1149 C  CB  B SER A 1 129 ? -14.859 8.889   18.137  0.500 54.841  ? 1107 SER AAA CB  1 ? 
ATOM   1150 O  OG  A SER A 1 129 ? -15.515 9.019   16.380  0.500 35.013  ? 1107 SER AAA OG  1 ? 
ATOM   1151 O  OG  B SER A 1 129 ? -13.896 9.507   18.975  0.500 58.765  ? 1107 SER AAA OG  1 ? 
ATOM   1152 N  N   . ARG A 1 130 ? -15.461 5.773   16.489  1.000 57.721  ? 1108 ARG AAA N   1 ? 
ATOM   1153 C  CA  . ARG A 1 130 ? -16.490 4.982   15.824  1.000 61.793  ? 1108 ARG AAA CA  1 ? 
ATOM   1154 C  C   . ARG A 1 130 ? -16.652 3.637   16.548  1.000 67.292  ? 1108 ARG AAA C   1 ? 
ATOM   1155 O  O   . ARG A 1 130 ? -15.721 3.106   17.179  1.000 65.384  ? 1108 ARG AAA O   1 ? 
ATOM   1156 C  CB  . ARG A 1 130 ? -16.271 4.868   14.308  1.000 57.552  ? 1108 ARG AAA CB  1 ? 
ATOM   1157 C  CG  . ARG A 1 130 ? -16.189 6.216   13.595  1.000 61.964  ? 1108 ARG AAA CG  1 ? 
ATOM   1158 C  CD  . ARG A 1 130 ? -16.539 6.299   12.106  1.000 63.407  ? 1108 ARG AAA CD  1 ? 
ATOM   1159 N  NE  . ARG A 1 130 ? -17.248 7.618   11.910  1.000 62.274  ? 1108 ARG AAA NE  1 ? 
ATOM   1160 C  CZ  . ARG A 1 130 ? -17.043 8.457   10.782  1.000 64.654  ? 1108 ARG AAA CZ  1 ? 
ATOM   1161 N  NH1 . ARG A 1 130 ? -17.725 9.631   10.752  1.000 59.909  ? 1108 ARG AAA NH1 1 ? 
ATOM   1162 N  NH2 . ARG A 1 130 ? -16.457 7.960   9.632   1.000 81.021  ? 1108 ARG AAA NH2 1 ? 
ATOM   1163 O  OXT . ARG A 1 130 ? -17.748 3.085   16.503  1.000 72.260  ? 1108 ARG AAA OXT 1 ? 
HETATM 1164 S  S   . SO4 B 2 .   ? -14.866 9.758   -3.160  1.000 38.733  ? 1201 SO4 AAA S   1 ? 
HETATM 1165 O  O1  . SO4 B 2 .   ? -15.180 8.849   -4.221  1.000 38.638  ? 1201 SO4 AAA O1  1 ? 
HETATM 1166 O  O2  . SO4 B 2 .   ? -14.734 11.091  -3.723  1.000 49.487  ? 1201 SO4 AAA O2  1 ? 
HETATM 1167 O  O3  . SO4 B 2 .   ? -13.644 9.368   -2.532  1.000 41.427  ? 1201 SO4 AAA O3  1 ? 
HETATM 1168 O  O4  . SO4 B 2 .   ? -15.897 9.820   -2.158  1.000 34.775  ? 1201 SO4 AAA O4  1 ? 
HETATM 1169 CL CL  . CL  C 3 .   ? 12.382  -5.594  -15.336 1.000 72.149  ? 1202 CL  AAA CL  1 ? 
HETATM 1170 C  C4  . IIY D 4 .   ? 18.244  -5.423  -1.471  1.000 73.963  ? 1203 IIY AAA C4  1 ? 
HETATM 1171 C  C5  . IIY D 4 .   ? 19.435  -4.577  -1.848  1.000 62.084  ? 1203 IIY AAA C5  1 ? 
HETATM 1172 C  C6  . IIY D 4 .   ? 21.275  -4.565  -3.450  1.000 23.939  ? 1203 IIY AAA C6  1 ? 
HETATM 1173 C  C7  . IIY D 4 .   ? 22.661  -5.011  -3.148  1.000 46.675  ? 1203 IIY AAA C7  1 ? 
HETATM 1174 N  N1  . IIY D 4 .   ? 17.491  -4.917  -0.491  1.000 69.476  ? 1203 IIY AAA N1  1 ? 
HETATM 1175 N  N2  . IIY D 4 .   ? 20.286  -5.221  -2.849  1.000 56.990  ? 1203 IIY AAA N2  1 ? 
HETATM 1176 C  C3  . IIY D 4 .   ? 16.175  -4.470  -0.371  1.000 78.296  ? 1203 IIY AAA C3  1 ? 
HETATM 1177 C  C1  . IIY D 4 .   ? 15.566  -4.620  2.014   1.000 70.660  ? 1203 IIY AAA C1  1 ? 
HETATM 1178 C  C2  . IIY D 4 .   ? 15.229  -4.198  0.800   1.000 67.822  ? 1203 IIY AAA C2  1 ? 
HETATM 1179 O  O1  . IIY D 4 .   ? 18.107  -6.487  -2.154  1.000 65.715  ? 1203 IIY AAA O1  1 ? 
HETATM 1180 O  O2  . IIY D 4 .   ? 21.070  -3.656  -4.223  1.000 54.786  ? 1203 IIY AAA O2  1 ? 
HETATM 1181 C  C1  . EDO E 5 .   ? -4.431  15.320  3.348   1.000 27.167  ? 1204 EDO AAA C1  1 ? 
HETATM 1182 O  O1  . EDO E 5 .   ? -4.534  16.413  2.431   1.000 28.482  ? 1204 EDO AAA O1  1 ? 
HETATM 1183 C  C2  . EDO E 5 .   ? -3.003  15.153  3.708   1.000 33.822  ? 1204 EDO AAA C2  1 ? 
HETATM 1184 O  O2  . EDO E 5 .   ? -2.507  16.226  4.502   1.000 34.757  ? 1204 EDO AAA O2  1 ? 
HETATM 1185 C  C1  . EDO F 5 .   ? -3.374  4.905   -11.396 1.000 66.528  ? 1205 EDO AAA C1  1 ? 
HETATM 1186 O  O1  . EDO F 5 .   ? -3.808  4.946   -10.040 1.000 58.871  ? 1205 EDO AAA O1  1 ? 
HETATM 1187 C  C2  . EDO F 5 .   ? -2.920  3.583   -11.907 1.000 69.836  ? 1205 EDO AAA C2  1 ? 
HETATM 1188 O  O2  . EDO F 5 .   ? -2.202  3.725   -13.118 1.000 75.858  ? 1205 EDO AAA O2  1 ? 
HETATM 1189 C  C1  . EDO G 5 .   ? 1.783   2.020   9.971   1.000 51.340  ? 1206 EDO AAA C1  1 ? 
HETATM 1190 O  O1  . EDO G 5 .   ? 0.974   1.052   9.282   1.000 40.871  ? 1206 EDO AAA O1  1 ? 
HETATM 1191 C  C2  . EDO G 5 .   ? 2.994   2.599   9.323   1.000 46.857  ? 1206 EDO AAA C2  1 ? 
HETATM 1192 O  O2  . EDO G 5 .   ? 3.432   3.801   9.934   1.000 72.220  ? 1206 EDO AAA O2  1 ? 
HETATM 1193 C  C1  . EDO H 5 .   ? -11.886 -5.261  -3.513  1.000 52.228  ? 1207 EDO AAA C1  1 ? 
HETATM 1194 O  O1  . EDO H 5 .   ? -12.177 -6.625  -3.762  1.000 54.577  ? 1207 EDO AAA O1  1 ? 
HETATM 1195 C  C2  . EDO H 5 .   ? -10.982 -4.992  -2.345  1.000 50.033  ? 1207 EDO AAA C2  1 ? 
HETATM 1196 O  O2  . EDO H 5 .   ? -9.691  -5.625  -2.361  1.000 62.902  ? 1207 EDO AAA O2  1 ? 
HETATM 1197 C  C1  . EDO I 5 .   ? 1.036   7.808   9.004   1.000 50.248  ? 1208 EDO AAA C1  1 ? 
HETATM 1198 O  O1  . EDO I 5 .   ? 0.929   7.015   10.163  1.000 58.407  ? 1208 EDO AAA O1  1 ? 
HETATM 1199 C  C2  . EDO I 5 .   ? 2.344   8.517   8.972   1.000 56.941  ? 1208 EDO AAA C2  1 ? 
HETATM 1200 O  O2  . EDO I 5 .   ? 2.314   9.530   9.948   1.000 65.382  ? 1208 EDO AAA O2  1 ? 
HETATM 1201 S  S   . SO4 J 2 .   ? -10.718 -7.490  5.052   0.500 79.424  ? 1209 SO4 AAA S   1 ? 
HETATM 1202 O  O1  . SO4 J 2 .   ? -11.548 -6.713  4.167   0.500 72.644  ? 1209 SO4 AAA O1  1 ? 
HETATM 1203 O  O2  . SO4 J 2 .   ? -9.473  -6.800  5.283   0.500 72.800  ? 1209 SO4 AAA O2  1 ? 
HETATM 1204 O  O3  . SO4 J 2 .   ? -10.447 -8.769  4.449   0.500 68.901  ? 1209 SO4 AAA O3  1 ? 
HETATM 1205 O  O4  . SO4 J 2 .   ? -11.402 -7.676  6.310   0.500 67.655  ? 1209 SO4 AAA O4  1 ? 
HETATM 1206 O  O   . HOH K 6 .   ? 7.289   -21.483 -3.285  1.000 56.685  ? 1301 HOH AAA O   1 ? 
HETATM 1207 O  O   . HOH K 6 .   ? 17.149  -18.342 -0.063  1.000 53.970  ? 1302 HOH AAA O   1 ? 
HETATM 1208 O  O   . HOH K 6 .   ? 2.586   -0.913  8.711   1.000 42.105  ? 1303 HOH AAA O   1 ? 
HETATM 1209 O  O   . HOH K 6 .   ? -15.325 19.974  4.731   1.000 42.672  ? 1304 HOH AAA O   1 ? 
HETATM 1210 O  O   . HOH K 6 .   ? -18.130 10.792  1.065   1.000 60.842  ? 1305 HOH AAA O   1 ? 
HETATM 1211 O  O   . HOH K 6 .   ? -11.588 10.097  19.383  1.000 39.457  ? 1306 HOH AAA O   1 ? 
HETATM 1212 O  O   . HOH K 6 .   ? 19.219  -18.472 -6.166  1.000 51.783  ? 1307 HOH AAA O   1 ? 
HETATM 1213 O  O   . HOH K 6 .   ? 13.134  -10.193 -10.475 1.000 51.705  ? 1308 HOH AAA O   1 ? 
HETATM 1214 O  O   . HOH K 6 .   ? 7.141   -11.775 5.857   1.000 54.103  ? 1309 HOH AAA O   1 ? 
HETATM 1215 O  O   . HOH K 6 .   ? 5.136   -10.704 -3.665  1.000 32.709  ? 1310 HOH AAA O   1 ? 
HETATM 1216 O  O   . HOH K 6 .   ? -0.114  -11.729 6.083   1.000 53.834  ? 1311 HOH AAA O   1 ? 
HETATM 1217 O  O   . HOH K 6 .   ? -21.226 11.125  9.276   1.000 56.074  ? 1312 HOH AAA O   1 ? 
HETATM 1218 O  O   . HOH K 6 .   ? -8.692  -10.457 3.888   1.000 54.287  ? 1313 HOH AAA O   1 ? 
HETATM 1219 O  O   . HOH K 6 .   ? 23.277  -7.920  -5.547  1.000 40.016  ? 1314 HOH AAA O   1 ? 
HETATM 1220 O  O   . HOH K 6 .   ? -14.709 14.912  -6.992  1.000 38.186  ? 1315 HOH AAA O   1 ? 
HETATM 1221 O  O   . HOH K 6 .   ? 11.530  6.702   -5.353  1.000 36.337  ? 1316 HOH AAA O   1 ? 
HETATM 1222 O  O   . HOH K 6 .   ? 13.148  -17.689 -4.580  1.000 46.191  ? 1317 HOH AAA O   1 ? 
HETATM 1223 O  O   . HOH K 6 .   ? -12.146 -8.821  2.545   1.000 42.458  ? 1318 HOH AAA O   1 ? 
HETATM 1224 O  O   . HOH K 6 .   ? -2.613  -9.211  -4.710  1.000 38.425  ? 1319 HOH AAA O   1 ? 
HETATM 1225 O  O   . HOH K 6 .   ? 7.168   14.351  -2.157  1.000 41.828  ? 1320 HOH AAA O   1 ? 
HETATM 1226 O  O   . HOH K 6 .   ? -10.633 4.871   -8.335  1.000 50.321  ? 1321 HOH AAA O   1 ? 
HETATM 1227 O  O   . HOH K 6 .   ? -1.343  13.136  -2.617  1.000 42.134  ? 1322 HOH AAA O   1 ? 
HETATM 1228 O  O   . HOH K 6 .   ? -15.703 11.636  16.114  1.000 40.805  ? 1323 HOH AAA O   1 ? 
HETATM 1229 O  O   . HOH K 6 .   ? 24.629  -12.631 -8.948  1.000 27.033  ? 1324 HOH AAA O   1 ? 
HETATM 1230 O  O   . HOH K 6 .   ? 1.467   11.874  10.705  1.000 41.207  ? 1325 HOH AAA O   1 ? 
HETATM 1231 O  O   . HOH K 6 .   ? -4.888  -16.958 2.586   1.000 49.705  ? 1326 HOH AAA O   1 ? 
HETATM 1232 O  O   . HOH K 6 .   ? -4.695  5.845   -7.755  1.000 42.007  ? 1327 HOH AAA O   1 ? 
HETATM 1233 O  O   . HOH K 6 .   ? 2.226   -13.343 -11.784 1.000 66.505  ? 1328 HOH AAA O   1 ? 
HETATM 1234 O  O   . HOH K 6 .   ? -9.441  9.451   20.234  1.000 46.016  ? 1329 HOH AAA O   1 ? 
HETATM 1235 O  O   . HOH K 6 .   ? -16.428 10.194  3.299   1.000 38.203  ? 1330 HOH AAA O   1 ? 
HETATM 1236 O  O   . HOH K 6 .   ? 13.270  -14.223 -9.018  1.000 60.784  ? 1331 HOH AAA O   1 ? 
HETATM 1237 O  O   . HOH K 6 .   ? 5.833   8.264   -10.207 1.000 37.601  ? 1332 HOH AAA O   1 ? 
HETATM 1238 O  O   . HOH K 6 .   ? -5.072  -10.386 0.776   1.000 47.190  ? 1333 HOH AAA O   1 ? 
HETATM 1239 O  O   . HOH K 6 .   ? -4.797  -1.972  6.460   1.000 46.491  ? 1334 HOH AAA O   1 ? 
HETATM 1240 O  O   . HOH K 6 .   ? 4.306   -10.750 4.360   1.000 32.288  ? 1335 HOH AAA O   1 ? 
HETATM 1241 O  O   . HOH K 6 .   ? -12.377 0.961   -7.294  1.000 33.733  ? 1336 HOH AAA O   1 ? 
HETATM 1242 O  O   . HOH K 6 .   ? -4.967  -5.994  4.126   1.000 39.763  ? 1337 HOH AAA O   1 ? 
HETATM 1243 O  O   . HOH K 6 .   ? 1.620   -4.946  7.131   1.000 29.857  ? 1338 HOH AAA O   1 ? 
HETATM 1244 O  O   . HOH K 6 .   ? -9.160  -5.061  -7.039  1.000 46.181  ? 1339 HOH AAA O   1 ? 
HETATM 1245 O  O   . HOH K 6 .   ? 11.322  6.569   3.269   1.000 30.042  ? 1340 HOH AAA O   1 ? 
HETATM 1246 O  O   . HOH K 6 .   ? 19.658  -8.414  -9.208  1.000 28.487  ? 1341 HOH AAA O   1 ? 
HETATM 1247 O  O   . HOH K 6 .   ? -6.667  11.568  -5.939  1.000 20.255  ? 1342 HOH AAA O   1 ? 
HETATM 1248 O  O   . HOH K 6 .   ? 0.572   1.326   -13.729 1.000 40.760  ? 1343 HOH AAA O   1 ? 
HETATM 1249 O  O   . HOH K 6 .   ? 11.151  -16.490 3.051   1.000 44.616  ? 1344 HOH AAA O   1 ? 
HETATM 1250 O  O   . HOH K 6 .   ? 3.808   -6.363  6.443   1.000 37.933  ? 1345 HOH AAA O   1 ? 
HETATM 1251 O  O   . HOH K 6 .   ? 10.170  12.624  2.847   1.000 42.493  ? 1346 HOH AAA O   1 ? 
HETATM 1252 O  O   . HOH K 6 .   ? 1.347   -9.905  -2.517  1.000 31.756  ? 1347 HOH AAA O   1 ? 
HETATM 1253 O  O   . HOH K 6 .   ? 9.106   -10.335 4.699   1.000 46.190  ? 1348 HOH AAA O   1 ? 
HETATM 1254 O  O   . HOH K 6 .   ? 14.862  2.357   -1.352  1.000 53.332  ? 1349 HOH AAA O   1 ? 
HETATM 1255 O  O   . HOH K 6 .   ? 14.018  -12.030 2.324   1.000 44.271  ? 1350 HOH AAA O   1 ? 
HETATM 1256 O  O   . HOH K 6 .   ? -5.653  12.517  21.397  1.000 36.515  ? 1351 HOH AAA O   1 ? 
HETATM 1257 O  O   . HOH K 6 .   ? -3.366  -16.744 -0.113  1.000 48.745  ? 1352 HOH AAA O   1 ? 
HETATM 1258 O  O   . HOH K 6 .   ? -11.108 14.819  18.489  1.000 29.975  ? 1353 HOH AAA O   1 ? 
HETATM 1259 O  O   . HOH K 6 .   ? -1.357  16.146  15.922  1.000 39.421  ? 1354 HOH AAA O   1 ? 
HETATM 1260 O  O   . HOH K 6 .   ? 8.706   -4.093  -11.395 1.000 30.809  ? 1355 HOH AAA O   1 ? 
HETATM 1261 O  O   . HOH K 6 .   ? 2.281   -21.722 3.519   1.000 50.812  ? 1356 HOH AAA O   1 ? 
HETATM 1262 O  O   . HOH K 6 .   ? -7.180  -6.101  -7.929  1.000 51.453  ? 1357 HOH AAA O   1 ? 
HETATM 1263 O  O   . HOH K 6 .   ? -8.110  -1.254  -8.809  1.000 34.397  ? 1358 HOH AAA O   1 ? 
HETATM 1264 O  O   . HOH K 6 .   ? -1.624  10.673  14.211  1.000 50.921  ? 1359 HOH AAA O   1 ? 
HETATM 1265 O  O   . HOH K 6 .   ? -7.749  -3.238  5.721   1.000 63.611  ? 1360 HOH AAA O   1 ? 
HETATM 1266 O  O   . HOH K 6 .   ? 4.573   0.453   -12.738 1.000 30.601  ? 1361 HOH AAA O   1 ? 
HETATM 1267 O  O   . HOH K 6 .   ? 11.353  4.645   -12.310 1.000 46.529  ? 1362 HOH AAA O   1 ? 
HETATM 1268 O  O   . HOH K 6 .   ? 3.211   -9.359  -10.500 1.000 58.778  ? 1363 HOH AAA O   1 ? 
HETATM 1269 O  O   . HOH K 6 .   ? 4.139   -8.262  -3.007  1.000 29.799  ? 1364 HOH AAA O   1 ? 
HETATM 1270 O  O   . HOH K 6 .   ? 7.277   18.958  3.126   1.000 47.397  ? 1365 HOH AAA O   1 ? 
HETATM 1271 O  O   . HOH K 6 .   ? 1.734   -8.640  -6.873  1.000 47.262  ? 1366 HOH AAA O   1 ? 
HETATM 1272 O  O   . HOH K 6 .   ? 9.173   -2.337  -15.335 1.000 44.060  ? 1367 HOH AAA O   1 ? 
HETATM 1273 O  O   . HOH K 6 .   ? 8.950   5.238   -14.188 1.000 38.801  ? 1368 HOH AAA O   1 ? 
HETATM 1274 O  O   . HOH K 6 .   ? -0.778  16.872  0.547   1.000 28.039  ? 1369 HOH AAA O   1 ? 
HETATM 1275 O  O   . HOH K 6 .   ? -0.094  12.314  13.198  1.000 42.123  ? 1370 HOH AAA O   1 ? 
HETATM 1276 O  O   . HOH K 6 .   ? -4.994  3.785   12.386  1.000 39.586  ? 1371 HOH AAA O   1 ? 
HETATM 1277 O  O   . HOH K 6 .   ? -7.857  -1.052  6.615   1.000 52.518  ? 1372 HOH AAA O   1 ? 
HETATM 1278 O  O   . HOH K 6 .   ? -13.381 -0.572  -5.092  1.000 33.619  ? 1373 HOH AAA O   1 ? 
HETATM 1279 O  O   . HOH K 6 .   ? -0.749  21.532  11.000  1.000 47.531  ? 1374 HOH AAA O   1 ? 
HETATM 1280 O  O   . HOH K 6 .   ? 10.752  -7.154  -10.074 1.000 49.963  ? 1375 HOH AAA O   1 ? 
HETATM 1281 O  O   . HOH K 6 .   ? 2.744   17.927  9.599   1.000 35.513  ? 1376 HOH AAA O   1 ? 
HETATM 1282 O  O   . HOH K 6 .   ? 6.336   8.577   6.616   1.000 37.925  ? 1377 HOH AAA O   1 ? 
HETATM 1283 O  O   . HOH K 6 .   ? -6.053  19.931  0.961   1.000 23.213  ? 1378 HOH AAA O   1 ? 
HETATM 1284 O  O   . HOH K 6 .   ? 6.822   11.902  -5.909  1.000 47.512  ? 1379 HOH AAA O   1 ? 
HETATM 1285 O  O   . HOH K 6 .   ? 2.515   -7.276  -4.885  1.000 30.764  ? 1380 HOH AAA O   1 ? 
HETATM 1286 O  O   . HOH K 6 .   ? -15.338 16.553  -0.168  0.500 55.223  ? 1381 HOH AAA O   1 ? 
HETATM 1287 O  O   . HOH K 6 .   ? -4.788  5.858   14.438  1.000 55.594  ? 1382 HOH AAA O   1 ? 
HETATM 1288 O  O   . HOH K 6 .   ? -15.204 6.361   -2.791  1.000 47.120  ? 1383 HOH AAA O   1 ? 
HETATM 1289 O  O   . HOH K 6 .   ? -3.351  16.398  -0.184  1.000 24.988  ? 1384 HOH AAA O   1 ? 
HETATM 1290 O  O   . HOH K 6 .   ? -17.654 2.518   -1.257  1.000 46.723  ? 1385 HOH AAA O   1 ? 
HETATM 1291 O  O   . HOH K 6 .   ? 11.188  4.025   4.745   1.000 57.276  ? 1386 HOH AAA O   1 ? 
HETATM 1292 O  O   . HOH K 6 .   ? 8.026   -0.154  7.069   1.000 58.908  ? 1387 HOH AAA O   1 ? 
HETATM 1293 O  O   . HOH K 6 .   ? -1.312  21.093  5.554   1.000 40.565  ? 1388 HOH AAA O   1 ? 
HETATM 1294 O  O   . HOH K 6 .   ? 18.127  -14.774 -11.258 1.000 48.494  ? 1389 HOH AAA O   1 ? 
HETATM 1295 O  O   . HOH K 6 .   ? 2.070   -15.081 4.074   1.000 41.776  ? 1390 HOH AAA O   1 ? 
HETATM 1296 O  O   . HOH K 6 .   ? 3.079   -19.660 4.448   1.000 69.231  ? 1391 HOH AAA O   1 ? 
HETATM 1297 O  O   . HOH K 6 .   ? 3.853   13.496  7.904   1.000 57.093  ? 1392 HOH AAA O   1 ? 
HETATM 1298 O  O   . HOH K 6 .   ? 7.400   -3.955  4.919   1.000 41.921  ? 1393 HOH AAA O   1 ? 
HETATM 1299 O  O   . HOH K 6 .   ? 15.520  1.908   -7.055  1.000 33.438  ? 1394 HOH AAA O   1 ? 
HETATM 1300 O  O   . HOH K 6 .   ? -12.701 6.228   3.711   1.000 27.928  ? 1395 HOH AAA O   1 ? 
HETATM 1301 O  O   . HOH K 6 .   ? 0.961   -12.526 3.608   1.000 32.104  ? 1396 HOH AAA O   1 ? 
HETATM 1302 O  O   . HOH K 6 .   ? -10.361 4.291   2.117   1.000 24.378  ? 1397 HOH AAA O   1 ? 
HETATM 1303 O  O   . HOH K 6 .   ? 16.460  -12.888 2.240   1.000 48.256  ? 1398 HOH AAA O   1 ? 
HETATM 1304 O  O   . HOH K 6 .   ? -1.770  20.218  16.661  1.000 55.568  ? 1399 HOH AAA O   1 ? 
HETATM 1305 O  O   . HOH K 6 .   ? 22.732  -11.582 -7.249  1.000 25.446  ? 1400 HOH AAA O   1 ? 
HETATM 1306 O  O   . HOH K 6 .   ? -11.158 1.479   10.488  1.000 64.445  ? 1401 HOH AAA O   1 ? 
HETATM 1307 O  O   . HOH K 6 .   ? 20.819  -12.365 -0.636  1.000 39.334  ? 1402 HOH AAA O   1 ? 
HETATM 1308 O  O   . HOH K 6 .   ? -16.223 4.478   -4.379  1.000 40.221  ? 1403 HOH AAA O   1 ? 
HETATM 1309 O  O   . HOH K 6 .   ? -3.190  19.127  4.352   1.000 45.195  ? 1404 HOH AAA O   1 ? 
HETATM 1310 O  O   . HOH K 6 .   ? 6.646   -11.751 -5.754  1.000 40.842  ? 1405 HOH AAA O   1 ? 
HETATM 1311 O  O   . HOH K 6 .   ? 12.234  18.803  -0.580  1.000 68.444  ? 1406 HOH AAA O   1 ? 
HETATM 1312 O  O   . HOH K 6 .   ? 11.362  -7.318  -14.162 1.000 51.437  ? 1407 HOH AAA O   1 ? 
HETATM 1313 O  O   . HOH K 6 .   ? -23.207 16.925  10.156  1.000 58.015  ? 1408 HOH AAA O   1 ? 
HETATM 1314 O  O   . HOH K 6 .   ? -22.571 12.462  13.480  1.000 59.428  ? 1409 HOH AAA O   1 ? 
HETATM 1315 O  O   . HOH K 6 .   ? 19.731  -14.520 0.210   1.000 50.957  ? 1410 HOH AAA O   1 ? 
HETATM 1316 O  O   . HOH K 6 .   ? 7.210   6.762   -7.561  1.000 38.694  ? 1411 HOH AAA O   1 ? 
HETATM 1317 O  O   . HOH K 6 .   ? 8.181   -14.100 -8.135  1.000 56.657  ? 1412 HOH AAA O   1 ? 
HETATM 1318 O  O   . HOH K 6 .   ? -2.112  -0.592  -10.075 1.000 44.213  ? 1413 HOH AAA O   1 ? 
HETATM 1319 O  O   . HOH K 6 .   ? 3.852   3.227   -16.078 1.000 57.050  ? 1414 HOH AAA O   1 ? 
HETATM 1320 O  O   . HOH K 6 .   ? 1.154   1.037   12.558  1.000 68.947  ? 1415 HOH AAA O   1 ? 
HETATM 1321 O  O   . HOH K 6 .   ? 20.115  -18.316 -1.813  1.000 39.969  ? 1416 HOH AAA O   1 ? 
HETATM 1322 O  O   . HOH K 6 .   ? 11.348  -16.598 -6.044  1.000 61.603  ? 1417 HOH AAA O   1 ? 
HETATM 1323 O  O   . HOH K 6 .   ? 5.875   11.435  -7.749  1.000 38.616  ? 1418 HOH AAA O   1 ? 
HETATM 1324 O  O   . HOH K 6 .   ? -3.174  1.121   -8.651  1.000 48.162  ? 1419 HOH AAA O   1 ? 
HETATM 1325 O  O   . HOH K 6 .   ? -18.118 7.745   -1.506  1.000 54.341  ? 1420 HOH AAA O   1 ? 
HETATM 1326 O  O   . HOH K 6 .   ? -11.703 -6.603  -6.861  1.000 48.066  ? 1421 HOH AAA O   1 ? 
HETATM 1327 O  O   . HOH K 6 .   ? -3.505  -21.423 5.374   1.000 59.520  ? 1422 HOH AAA O   1 ? 
HETATM 1328 O  O   . HOH K 6 .   ? -3.200  10.929  -9.443  1.000 42.293  ? 1423 HOH AAA O   1 ? 
HETATM 1329 O  O   . HOH K 6 .   ? 9.444   9.615   -2.336  1.000 45.017  ? 1424 HOH AAA O   1 ? 
HETATM 1330 O  O   . HOH K 6 .   ? 8.274   16.630  -3.824  1.000 54.425  ? 1425 HOH AAA O   1 ? 
HETATM 1331 O  O   . HOH K 6 .   ? 13.237  4.614   -2.496  1.000 43.684  ? 1426 HOH AAA O   1 ? 
HETATM 1332 O  O   . HOH K 6 .   ? 6.832   -6.286  -15.014 1.000 60.460  ? 1427 HOH AAA O   1 ? 
HETATM 1333 O  O   . HOH K 6 .   ? -6.065  -0.300  -10.360 1.000 60.554  ? 1428 HOH AAA O   1 ? 
HETATM 1334 O  O   . HOH K 6 .   ? -1.801  -12.785 -5.660  1.000 56.009  ? 1429 HOH AAA O   1 ? 
HETATM 1335 O  O   . HOH K 6 .   ? -10.452 -0.300  -8.831  1.000 47.527  ? 1430 HOH AAA O   1 ? 
HETATM 1336 O  O   . HOH K 6 .   ? 1.625   19.704  11.436  1.000 54.719  ? 1431 HOH AAA O   1 ? 
HETATM 1337 O  O   . HOH K 6 .   ? 4.647   10.976  7.999   1.000 60.491  ? 1432 HOH AAA O   1 ? 
HETATM 1338 O  O   . HOH K 6 .   ? 12.775  6.919   -0.806  1.000 46.128  ? 1433 HOH AAA O   1 ? 
HETATM 1339 O  O   . HOH K 6 .   ? 11.132  13.156  0.280   1.000 54.350  ? 1434 HOH AAA O   1 ? 
HETATM 1340 O  O   . HOH K 6 .   ? -0.162  -10.304 -5.034  1.000 45.608  ? 1435 HOH AAA O   1 ? 
HETATM 1341 O  O   . HOH K 6 .   ? -18.369 4.506   5.054   1.000 55.959  ? 1436 HOH AAA O   1 ? 
HETATM 1342 O  O   . HOH K 6 .   ? -1.632  0.303   -12.529 1.000 54.305  ? 1437 HOH AAA O   1 ? 
HETATM 1343 O  O   . HOH K 6 .   ? -5.359  10.172  -8.132  1.000 34.549  ? 1438 HOH AAA O   1 ? 
HETATM 1344 O  O   . HOH K 6 .   ? 9.428   -4.869  3.647   1.000 58.002  ? 1439 HOH AAA O   1 ? 
HETATM 1345 O  O   . HOH K 6 .   ? 2.687   -3.328  9.243   1.000 40.118  ? 1440 HOH AAA O   1 ? 
HETATM 1346 O  O   . HOH K 6 .   ? -5.165  -13.347 -8.417  1.000 62.230  ? 1441 HOH AAA O   1 ? 
HETATM 1347 O  O   . HOH K 6 .   ? 9.132   -4.782  -14.239 1.000 50.153  ? 1442 HOH AAA O   1 ? 
HETATM 1348 O  O   . HOH K 6 .   ? 11.917  -1.478  -15.507 1.000 46.456  ? 1443 HOH AAA O   1 ? 
HETATM 1349 O  O   . HOH K 6 .   ? -14.960 6.306   5.324   1.000 35.939  ? 1444 HOH AAA O   1 ? 
HETATM 1350 O  O   . HOH K 6 .   ? 10.743  8.638   4.850   1.000 34.726  ? 1445 HOH AAA O   1 ? 
HETATM 1351 O  O   . HOH K 6 .   ? -5.956  7.895   -9.264  1.000 49.953  ? 1446 HOH AAA O   1 ? 
HETATM 1352 O  O   . HOH K 6 .   ? -15.833 0.722   -4.928  1.000 38.679  ? 1447 HOH AAA O   1 ? 
HETATM 1353 O  O   . HOH K 6 .   ? -18.471 2.321   1.053   1.000 68.020  ? 1448 HOH AAA O   1 ? 
HETATM 1354 O  O   . HOH K 6 .   ? -7.022  10.277  22.035  1.000 53.077  ? 1449 HOH AAA O   1 ? 
HETATM 1355 O  O   . HOH K 6 .   ? 4.917   -9.849  -6.865  1.000 67.604  ? 1450 HOH AAA O   1 ? 
HETATM 1356 O  O   . HOH K 6 .   ? -15.283 13.076  18.488  1.000 39.604  ? 1451 HOH AAA O   1 ? 
HETATM 1357 O  O   . HOH K 6 .   ? 18.982  -17.386 -10.999 1.000 55.931  ? 1452 HOH AAA O   1 ? 
HETATM 1358 O  O   . HOH K 6 .   ? -0.584  -13.697 7.933   1.000 47.703  ? 1453 HOH AAA O   1 ? 
HETATM 1359 O  O   . HOH K 6 .   ? 13.624  7.246   1.851   1.000 48.576  ? 1454 HOH AAA O   1 ? 
HETATM 1360 O  O   . HOH K 6 .   ? -7.185  5.607   -8.136  1.000 46.740  ? 1455 HOH AAA O   1 ? 
HETATM 1361 O  O   . HOH K 6 .   ? 10.328  15.055  4.231   1.000 51.372  ? 1456 HOH AAA O   1 ? 
HETATM 1362 O  O   . HOH K 6 .   ? -3.536  14.774  -2.380  1.000 23.191  ? 1457 HOH AAA O   1 ? 
HETATM 1363 O  O   . HOH K 6 .   ? 11.965  -12.940 -10.809 1.000 59.779  ? 1458 HOH AAA O   1 ? 
HETATM 1364 O  O   . HOH K 6 .   ? 9.139   8.319   7.259   1.000 44.055  ? 1459 HOH AAA O   1 ? 
HETATM 1365 O  O   . HOH K 6 .   ? 22.020  -9.164  -7.564  1.000 33.340  ? 1460 HOH AAA O   1 ? 
HETATM 1366 O  O   . HOH K 6 .   ? 6.127   -5.231  7.596   1.000 49.628  ? 1461 HOH AAA O   1 ? 
HETATM 1367 O  O   . HOH K 6 .   ? -0.548  -6.512  7.650   1.000 47.855  ? 1462 HOH AAA O   1 ? 
HETATM 1368 O  O   . HOH K 6 .   ? -19.410 8.402   1.384   1.000 62.764  ? 1463 HOH AAA O   1 ? 
HETATM 1369 O  O   . HOH K 6 .   ? 10.080  -9.073  -11.613 1.000 52.445  ? 1464 HOH AAA O   1 ? 
HETATM 1370 O  O   . HOH K 6 .   ? -24.384 14.044  12.245  1.000 66.324  ? 1465 HOH AAA O   1 ? 
HETATM 1371 O  O   . HOH K 6 .   ? 11.933  8.767   -2.034  1.000 47.000  ? 1466 HOH AAA O   1 ? 
HETATM 1372 O  O   . HOH K 6 .   ? -9.796  2.988   -10.261 1.000 56.187  ? 1467 HOH AAA O   1 ? 
HETATM 1373 O  O   . HOH K 6 .   ? 4.918   0.783   -15.462 1.000 55.983  ? 1468 HOH AAA O   1 ? 
HETATM 1374 O  O   . HOH K 6 .   ? -16.304 4.634   6.559   1.000 66.167  ? 1469 HOH AAA O   1 ? 
HETATM 1375 O  O   . HOH K 6 .   ? 14.651  -9.666  3.346   1.000 57.288  ? 1470 HOH AAA O   1 ? 
HETATM 1376 O  O   . HOH K 6 .   ? 18.341  -11.550 3.068   1.000 61.326  ? 1471 HOH AAA O   1 ? 
HETATM 1377 O  O   . HOH K 6 .   ? 2.423   -10.788 6.659   1.000 47.181  ? 1472 HOH AAA O   1 ? 
HETATM 1378 O  O   . HOH K 6 .   ? 9.659   -8.025  5.730   1.000 55.344  ? 1473 HOH AAA O   1 ? 
HETATM 1379 O  O   . HOH K 6 .   ? -18.260 0.311   -3.933  1.000 38.198  ? 1474 HOH AAA O   1 ? 
HETATM 1380 O  O   . HOH K 6 .   ? 11.908  10.828  3.901   1.000 42.257  ? 1475 HOH AAA O   1 ? 
HETATM 1381 O  O   . HOH K 6 .   ? 7.627   9.151   -6.598  1.000 45.644  ? 1476 HOH AAA O   1 ? 
HETATM 1382 O  O   . HOH K 6 .   ? 8.891   10.417  -4.658  1.000 47.166  ? 1477 HOH AAA O   1 ? 
HETATM 1383 O  O   . HOH K 6 .   ? 13.794  9.961   1.972   1.000 49.468  ? 1478 HOH AAA O   1 ? 
HETATM 1384 O  O   . HOH K 6 .   ? 13.236  10.923  -0.221  1.000 55.729  ? 1479 HOH AAA O   1 ? 
HETATM 1385 O  O   . HOH K 6 .   ? 8.146   -10.940 -11.298 1.000 54.234  ? 1480 HOH AAA O   1 ? 
# 
